data_3M3I
#
_entry.id   3M3I
#
_cell.length_a   52.979
_cell.length_b   98.429
_cell.length_c   100.758
_cell.angle_alpha   71.870
_cell.angle_beta   80.190
_cell.angle_gamma   89.570
#
_symmetry.space_group_name_H-M   'P 1'
#
loop_
_entity.id
_entity.type
_entity.pdbx_description
1 polymer 'Putative uncharacterized protein'
2 water water
#
_entity_poly.entity_id   1
_entity_poly.type   'polypeptide(L)'
_entity_poly.pdbx_seq_one_letter_code
;MAHHHHHHMTSPALAPPQNTAEFWIKRLQLVPHPEGGYYSEVVRSAHKVDNEEGNRRHAYTTIYFLCTPESPSHLHRLCS
DETWMYHAGDPLQLHVILKDPQDEDRIAAQPPAAPQAETDTADARPKYQVYRRVLVGARVERGELLQYTVPGGAIFGSSV
AADGADGQAGYSLVSCIVSPGFDYRDFEIFTQAQLMELYPQHEAVIKQMAYETLPNHARLQTTEI
;
_entity_poly.pdbx_strand_id   A,B,C,D,E,F,G,H
#
# COMPACT_ATOMS: atom_id res chain seq x y z
N GLN A 18 52.23 3.75 -5.01
CA GLN A 18 50.92 4.40 -4.74
C GLN A 18 50.52 5.29 -5.92
N ASN A 19 49.55 4.85 -6.70
CA ASN A 19 49.02 5.63 -7.83
C ASN A 19 48.47 6.98 -7.37
N THR A 20 48.12 7.80 -8.35
CA THR A 20 47.92 9.21 -8.19
C THR A 20 47.13 9.60 -9.44
N ALA A 21 46.51 10.78 -9.45
CA ALA A 21 45.65 11.23 -10.58
C ALA A 21 46.30 11.22 -11.96
N GLU A 22 47.55 11.69 -12.05
CA GLU A 22 48.29 11.72 -13.32
C GLU A 22 48.28 10.36 -14.00
N PHE A 23 48.55 9.31 -13.21
CA PHE A 23 48.57 7.93 -13.69
C PHE A 23 47.28 7.54 -14.40
N TRP A 24 46.13 7.80 -13.77
CA TRP A 24 44.83 7.41 -14.33
C TRP A 24 44.40 8.28 -15.51
N ILE A 25 44.79 9.55 -15.51
CA ILE A 25 44.48 10.45 -16.63
C ILE A 25 45.26 9.99 -17.86
N LYS A 26 46.54 9.74 -17.67
CA LYS A 26 47.37 9.16 -18.73
C LYS A 26 46.77 7.87 -19.25
N ARG A 27 46.67 6.86 -18.39
CA ARG A 27 46.39 5.50 -18.84
C ARG A 27 45.00 5.31 -19.41
N LEU A 28 44.03 6.03 -18.84
CA LEU A 28 42.65 5.95 -19.32
C LEU A 28 42.29 7.07 -20.28
N GLN A 29 43.30 7.87 -20.66
CA GLN A 29 43.15 8.90 -21.67
C GLN A 29 41.99 9.84 -21.35
N LEU A 30 41.87 10.17 -20.07
CA LEU A 30 40.81 11.04 -19.60
C LEU A 30 41.11 12.47 -20.06
N VAL A 31 40.06 13.22 -20.35
CA VAL A 31 40.16 14.64 -20.68
C VAL A 31 39.17 15.39 -19.81
N PRO A 32 39.23 16.74 -19.80
CA PRO A 32 38.32 17.52 -18.96
C PRO A 32 36.88 17.44 -19.42
N HIS A 33 35.98 17.39 -18.45
CA HIS A 33 34.56 17.34 -18.68
C HIS A 33 33.98 18.73 -18.37
N PRO A 34 32.96 19.16 -19.13
CA PRO A 34 32.34 20.46 -18.86
C PRO A 34 32.03 20.72 -17.36
N GLU A 35 31.32 19.79 -16.72
CA GLU A 35 30.96 19.90 -15.29
C GLU A 35 32.19 20.09 -14.37
N GLY A 36 33.32 19.55 -14.78
CA GLY A 36 34.56 19.59 -14.02
C GLY A 36 35.10 18.18 -14.04
N GLY A 37 36.19 17.93 -13.33
CA GLY A 37 36.79 16.60 -13.31
C GLY A 37 37.19 16.10 -14.69
N TYR A 38 37.54 14.82 -14.76
CA TYR A 38 38.11 14.24 -15.99
C TYR A 38 37.29 13.04 -16.46
N TYR A 39 37.31 12.75 -17.76
CA TYR A 39 36.50 11.66 -18.28
C TYR A 39 36.91 11.09 -19.65
N SER A 40 36.31 9.95 -20.00
CA SER A 40 36.30 9.50 -21.38
C SER A 40 35.14 8.54 -21.63
N GLU A 41 34.56 8.60 -22.81
CA GLU A 41 33.56 7.65 -23.25
C GLU A 41 34.21 6.26 -23.40
N VAL A 42 33.44 5.22 -23.09
CA VAL A 42 33.92 3.85 -23.19
C VAL A 42 33.00 3.13 -24.16
N VAL A 43 31.77 2.84 -23.73
CA VAL A 43 30.82 2.20 -24.63
C VAL A 43 29.48 2.91 -24.66
N ARG A 44 28.79 2.68 -25.78
CA ARG A 44 27.47 3.18 -26.05
C ARG A 44 26.64 2.03 -26.68
N SER A 45 25.58 1.60 -26.00
CA SER A 45 24.67 0.57 -26.52
C SER A 45 24.36 0.69 -28.01
N ALA A 46 24.38 -0.43 -28.71
CA ALA A 46 23.95 -0.48 -30.10
C ALA A 46 22.44 -0.21 -30.23
N HIS A 47 21.68 -0.56 -29.18
CA HIS A 47 20.22 -0.54 -29.18
C HIS A 47 19.69 0.78 -28.62
N LYS A 48 18.77 1.40 -29.35
CA LYS A 48 18.18 2.68 -28.97
C LYS A 48 16.82 2.50 -28.30
N VAL A 49 16.50 3.41 -27.38
CA VAL A 49 15.25 3.35 -26.62
C VAL A 49 14.70 4.77 -26.49
N ASP A 50 13.45 4.87 -26.03
CA ASP A 50 12.85 6.14 -25.68
C ASP A 50 13.14 6.46 -24.21
N ASN A 51 13.65 7.66 -23.96
CA ASN A 51 13.96 8.07 -22.60
C ASN A 51 12.71 8.60 -21.83
N GLU A 52 12.93 9.15 -20.64
CA GLU A 52 11.82 9.64 -19.81
C GLU A 52 11.02 10.76 -20.48
N GLU A 53 11.59 11.45 -21.47
CA GLU A 53 10.95 12.61 -22.12
C GLU A 53 10.53 12.36 -23.56
N GLY A 54 10.59 11.11 -24.01
CA GLY A 54 10.12 10.75 -25.36
C GLY A 54 11.21 10.58 -26.40
N ASN A 55 12.43 11.03 -26.10
CA ASN A 55 13.50 11.11 -27.09
C ASN A 55 14.29 9.81 -27.27
N ARG A 56 14.75 9.58 -28.50
CA ARG A 56 15.58 8.41 -28.81
C ARG A 56 16.99 8.58 -28.27
N ARG A 57 17.39 7.60 -27.46
CA ARG A 57 18.69 7.58 -26.80
C ARG A 57 19.21 6.16 -26.85
N HIS A 58 20.51 6.00 -26.68
CA HIS A 58 21.10 4.68 -26.49
C HIS A 58 20.54 4.09 -25.18
N ALA A 59 20.34 2.77 -25.15
CA ALA A 59 19.90 2.11 -23.93
C ALA A 59 20.72 2.61 -22.74
N TYR A 60 22.03 2.53 -22.88
CA TYR A 60 22.97 3.05 -21.89
C TYR A 60 24.19 3.64 -22.59
N THR A 61 24.90 4.47 -21.85
CA THR A 61 26.20 4.99 -22.22
C THR A 61 27.02 4.91 -20.96
N THR A 62 28.33 4.64 -21.07
CA THR A 62 29.21 4.55 -19.89
C THR A 62 30.43 5.43 -20.05
N ILE A 63 31.05 5.75 -18.92
CA ILE A 63 32.27 6.57 -18.91
C ILE A 63 33.15 6.22 -17.71
N TYR A 64 34.42 6.56 -17.81
CA TYR A 64 35.30 6.64 -16.68
C TYR A 64 35.27 8.09 -16.19
N PHE A 65 35.08 8.31 -14.90
CA PHE A 65 35.08 9.65 -14.35
C PHE A 65 36.07 9.77 -13.20
N LEU A 66 36.98 10.74 -13.27
CA LEU A 66 37.92 11.01 -12.18
C LEU A 66 37.72 12.44 -11.66
N CYS A 67 37.82 12.60 -10.35
CA CYS A 67 37.55 13.83 -9.63
C CYS A 67 38.76 14.13 -8.73
N THR A 68 39.13 15.40 -8.59
CA THR A 68 40.23 15.83 -7.72
C THR A 68 39.74 16.96 -6.82
N PRO A 69 40.52 17.33 -5.79
CA PRO A 69 40.11 18.49 -4.98
C PRO A 69 40.13 19.83 -5.75
N GLU A 70 41.02 19.95 -6.73
CA GLU A 70 41.11 21.14 -7.58
C GLU A 70 40.10 21.10 -8.75
N SER A 71 39.51 19.93 -9.01
CA SER A 71 38.54 19.77 -10.11
C SER A 71 37.27 18.98 -9.70
N PRO A 72 36.41 19.59 -8.89
CA PRO A 72 35.12 18.97 -8.60
C PRO A 72 34.18 18.97 -9.79
N SER A 73 33.17 18.12 -9.78
CA SER A 73 32.09 18.17 -10.78
C SER A 73 31.04 19.13 -10.23
N HIS A 74 30.72 20.18 -10.95
CA HIS A 74 29.82 21.22 -10.43
C HIS A 74 28.39 20.86 -10.67
N LEU A 75 27.49 21.49 -9.93
CA LEU A 75 26.07 21.16 -9.96
C LEU A 75 25.49 21.15 -11.39
N HIS A 76 24.99 19.98 -11.79
CA HIS A 76 24.36 19.80 -13.09
C HIS A 76 23.15 18.87 -12.97
N ARG A 77 22.41 18.71 -14.05
CA ARG A 77 21.23 17.89 -14.02
C ARG A 77 21.09 17.07 -15.31
N LEU A 78 20.60 15.84 -15.16
CA LEU A 78 20.37 14.94 -16.27
C LEU A 78 18.88 14.69 -16.30
N CYS A 79 18.42 13.86 -17.23
CA CYS A 79 17.02 13.43 -17.22
C CYS A 79 16.87 11.91 -17.07
N SER A 80 17.99 11.19 -17.05
CA SER A 80 17.99 9.76 -16.74
C SER A 80 18.87 9.50 -15.51
N ASP A 81 18.70 8.33 -14.89
CA ASP A 81 19.50 7.89 -13.74
C ASP A 81 20.95 7.74 -14.14
N GLU A 82 21.85 8.01 -13.21
CA GLU A 82 23.27 7.77 -13.42
C GLU A 82 23.86 6.98 -12.24
N THR A 83 24.47 5.85 -12.55
CA THR A 83 24.99 4.94 -11.54
C THR A 83 26.50 5.07 -11.46
N TRP A 84 27.00 5.27 -10.24
CA TRP A 84 28.42 5.53 -9.95
C TRP A 84 29.09 4.33 -9.24
N MET A 85 30.13 3.76 -9.85
CA MET A 85 30.83 2.57 -9.31
C MET A 85 32.27 2.91 -8.92
N TYR A 86 32.64 2.68 -7.66
CA TYR A 86 33.98 2.93 -7.17
C TYR A 86 35.05 1.95 -7.74
N HIS A 87 36.18 2.50 -8.21
CA HIS A 87 37.30 1.70 -8.75
C HIS A 87 38.59 1.88 -7.94
N ALA A 88 38.94 3.13 -7.64
CA ALA A 88 40.21 3.43 -6.96
C ALA A 88 40.30 4.83 -6.31
N GLY A 89 41.33 5.01 -5.48
CA GLY A 89 41.63 6.29 -4.82
C GLY A 89 40.75 6.56 -3.61
N ASP A 90 40.65 7.81 -3.24
CA ASP A 90 39.72 8.25 -2.20
C ASP A 90 38.23 8.02 -2.53
N PRO A 91 37.39 7.98 -1.47
CA PRO A 91 35.94 8.06 -1.67
C PRO A 91 35.54 9.32 -2.39
N LEU A 92 34.52 9.19 -3.22
CA LEU A 92 33.96 10.30 -3.96
C LEU A 92 32.72 10.78 -3.19
N GLN A 93 32.70 12.05 -2.82
CA GLN A 93 31.54 12.61 -2.15
C GLN A 93 30.60 13.17 -3.18
N LEU A 94 29.40 12.58 -3.24
CA LEU A 94 28.36 12.99 -4.14
C LEU A 94 27.43 13.90 -3.37
N HIS A 95 27.11 15.03 -3.98
CA HIS A 95 26.22 16.03 -3.40
C HIS A 95 24.94 16.01 -4.21
N VAL A 96 23.90 15.37 -3.69
CA VAL A 96 22.69 15.11 -4.48
C VAL A 96 21.48 15.87 -3.92
N ILE A 97 20.94 16.82 -4.68
CA ILE A 97 19.66 17.43 -4.32
C ILE A 97 18.59 16.74 -5.16
N LEU A 98 17.69 16.00 -4.51
CA LEU A 98 16.68 15.21 -5.23
C LEU A 98 15.53 16.09 -5.62
N LYS A 99 14.94 15.84 -6.77
CA LYS A 99 13.70 16.53 -7.18
C LYS A 99 12.53 16.13 -6.28
N ASP A 100 12.42 14.84 -5.99
CA ASP A 100 11.63 14.34 -4.86
C ASP A 100 12.48 13.25 -4.21
N PRO A 101 12.19 12.89 -2.94
CA PRO A 101 12.78 11.68 -2.32
C PRO A 101 12.74 10.42 -3.22
N GLN A 102 13.57 10.42 -4.27
CA GLN A 102 13.45 9.48 -5.40
C GLN A 102 14.48 8.35 -5.39
N ASP A 103 15.09 8.11 -4.22
CA ASP A 103 15.98 6.98 -4.01
C ASP A 103 15.19 5.69 -3.90
N GLU A 104 13.99 5.78 -3.31
CA GLU A 104 13.18 4.60 -2.96
C GLU A 104 12.61 3.93 -4.21
N ASP A 105 12.30 4.72 -5.22
CA ASP A 105 11.67 4.22 -6.44
C ASP A 105 12.56 3.26 -7.26
N ARG A 106 13.86 3.25 -6.99
CA ARG A 106 14.82 2.46 -7.77
C ARG A 106 15.54 1.37 -6.95
N ARG A 125 3.48 19.69 -3.51
CA ARG A 125 4.70 18.92 -3.69
C ARG A 125 5.88 19.80 -4.12
N PRO A 126 6.28 20.77 -3.26
CA PRO A 126 7.45 21.62 -3.53
C PRO A 126 8.72 20.81 -3.74
N LYS A 127 9.44 21.07 -4.83
CA LYS A 127 10.57 20.22 -5.28
C LYS A 127 11.92 20.62 -4.69
N TYR A 128 12.90 19.73 -4.86
CA TYR A 128 14.30 19.96 -4.49
C TYR A 128 14.56 20.26 -3.01
N GLN A 129 13.87 19.55 -2.13
CA GLN A 129 13.97 19.80 -0.69
C GLN A 129 14.99 18.95 0.04
N VAL A 130 15.32 17.78 -0.51
CA VAL A 130 16.15 16.80 0.20
C VAL A 130 17.60 16.76 -0.31
N TYR A 131 18.51 17.27 0.51
CA TYR A 131 19.94 17.17 0.22
C TYR A 131 20.50 15.89 0.83
N ARG A 132 21.22 15.12 0.02
CA ARG A 132 21.83 13.88 0.45
C ARG A 132 23.31 13.86 0.11
N ARG A 133 24.14 13.72 1.15
CA ARG A 133 25.57 13.54 0.98
C ARG A 133 25.84 12.03 0.94
N VAL A 134 26.45 11.57 -0.15
CA VAL A 134 26.78 10.16 -0.31
C VAL A 134 28.26 10.01 -0.61
N LEU A 135 28.93 9.11 0.10
CA LEU A 135 30.31 8.75 -0.18
C LEU A 135 30.32 7.49 -1.02
N VAL A 136 30.79 7.56 -2.26
CA VAL A 136 31.02 6.38 -3.11
C VAL A 136 32.44 5.91 -2.82
N GLY A 137 32.57 4.71 -2.26
CA GLY A 137 33.89 4.24 -1.79
C GLY A 137 33.90 2.77 -1.39
N ALA A 138 35.04 2.29 -0.91
CA ALA A 138 35.25 0.86 -0.62
C ALA A 138 35.35 0.52 0.87
N ARG A 139 35.33 1.53 1.74
CA ARG A 139 35.22 1.26 3.17
C ARG A 139 33.75 1.36 3.53
N VAL A 140 33.06 0.27 3.24
CA VAL A 140 31.62 0.17 3.53
C VAL A 140 31.32 0.14 5.02
N GLU A 141 32.33 -0.21 5.81
CA GLU A 141 32.21 -0.20 7.25
C GLU A 141 32.23 1.22 7.84
N ARG A 142 32.55 2.20 6.99
CA ARG A 142 32.44 3.64 7.29
C ARG A 142 31.31 4.33 6.53
N GLY A 143 30.35 3.57 6.02
CA GLY A 143 29.21 4.15 5.36
C GLY A 143 29.42 4.49 3.89
N GLU A 144 30.58 4.12 3.34
CA GLU A 144 30.83 4.34 1.92
C GLU A 144 30.08 3.28 1.14
N LEU A 145 29.75 3.59 -0.12
CA LEU A 145 28.97 2.70 -0.97
C LEU A 145 29.69 2.42 -2.28
N LEU A 146 30.01 1.16 -2.56
CA LEU A 146 30.73 0.80 -3.78
C LEU A 146 29.98 1.19 -5.04
N GLN A 147 28.65 1.25 -4.94
CA GLN A 147 27.78 1.60 -6.04
C GLN A 147 26.68 2.52 -5.50
N TYR A 148 26.22 3.46 -6.32
CA TYR A 148 25.12 4.35 -5.99
C TYR A 148 24.58 5.01 -7.26
N THR A 149 23.26 5.22 -7.28
CA THR A 149 22.53 5.73 -8.44
C THR A 149 21.89 7.08 -8.15
N VAL A 150 22.25 8.09 -8.96
CA VAL A 150 21.73 9.43 -8.82
C VAL A 150 20.46 9.48 -9.66
N PRO A 151 19.29 9.70 -9.03
CA PRO A 151 18.08 9.60 -9.83
C PRO A 151 17.99 10.74 -10.85
N GLY A 152 17.44 10.42 -12.03
CA GLY A 152 17.16 11.43 -13.04
C GLY A 152 16.35 12.57 -12.45
N GLY A 153 16.73 13.79 -12.77
CA GLY A 153 16.04 14.98 -12.30
C GLY A 153 16.71 15.58 -11.09
N ALA A 154 17.68 14.88 -10.50
CA ALA A 154 18.43 15.42 -9.38
C ALA A 154 19.42 16.49 -9.85
N ILE A 155 19.53 17.56 -9.07
CA ILE A 155 20.64 18.52 -9.20
C ILE A 155 21.78 17.97 -8.33
N PHE A 156 22.90 17.63 -8.95
CA PHE A 156 24.00 16.95 -8.25
C PHE A 156 25.41 17.28 -8.75
N GLY A 157 26.40 17.00 -7.90
CA GLY A 157 27.81 17.25 -8.24
C GLY A 157 28.71 16.35 -7.43
N SER A 158 30.02 16.43 -7.62
CA SER A 158 30.93 15.60 -6.85
C SER A 158 32.22 16.31 -6.43
N SER A 159 32.83 15.81 -5.36
CA SER A 159 34.07 16.38 -4.84
C SER A 159 34.89 15.35 -4.09
N VAL A 160 36.17 15.66 -3.86
CA VAL A 160 37.06 14.82 -3.07
C VAL A 160 37.76 15.68 -2.03
N ALA A 161 37.89 15.14 -0.82
CA ALA A 161 38.47 15.86 0.30
C ALA A 161 39.99 16.04 0.12
N ALA A 162 40.51 17.17 0.58
CA ALA A 162 41.93 17.48 0.44
C ALA A 162 42.75 16.69 1.44
N ASP A 163 42.31 16.69 2.70
CA ASP A 163 43.04 16.06 3.79
C ASP A 163 42.15 15.12 4.61
N GLY A 164 42.70 14.62 5.72
CA GLY A 164 41.98 13.71 6.61
C GLY A 164 41.80 12.31 6.01
N ALA A 165 41.01 11.49 6.70
CA ALA A 165 40.78 10.08 6.30
C ALA A 165 40.25 9.92 4.86
N ASP A 166 39.43 10.86 4.41
CA ASP A 166 38.82 10.83 3.08
C ASP A 166 39.69 11.47 1.98
N GLY A 167 40.88 11.96 2.34
CA GLY A 167 41.74 12.67 1.40
C GLY A 167 43.22 12.34 1.53
N GLN A 168 43.58 11.11 1.15
CA GLN A 168 44.97 10.65 1.20
C GLN A 168 45.60 10.50 -0.18
N ALA A 169 44.81 10.02 -1.14
CA ALA A 169 45.29 9.70 -2.48
C ALA A 169 45.24 10.88 -3.46
N GLY A 170 44.41 11.88 -3.16
CA GLY A 170 44.32 13.10 -3.99
C GLY A 170 43.37 13.02 -5.18
N TYR A 171 42.63 11.92 -5.30
CA TYR A 171 41.69 11.72 -6.40
C TYR A 171 40.70 10.62 -6.09
N SER A 172 39.70 10.48 -6.95
CA SER A 172 38.79 9.35 -6.90
C SER A 172 38.38 8.98 -8.30
N LEU A 173 38.71 7.75 -8.72
CA LEU A 173 38.32 7.25 -10.04
C LEU A 173 37.08 6.36 -9.93
N VAL A 174 36.10 6.58 -10.79
CA VAL A 174 34.90 5.77 -10.84
C VAL A 174 34.55 5.46 -12.28
N SER A 175 33.53 4.63 -12.45
CA SER A 175 32.81 4.52 -13.70
C SER A 175 31.41 5.03 -13.47
N CYS A 176 30.85 5.72 -14.47
CA CYS A 176 29.46 6.14 -14.46
C CYS A 176 28.71 5.52 -15.62
N ILE A 177 27.47 5.09 -15.37
CA ILE A 177 26.61 4.59 -16.44
C ILE A 177 25.31 5.39 -16.40
N VAL A 178 24.97 6.05 -17.51
CA VAL A 178 23.69 6.73 -17.62
C VAL A 178 22.76 5.87 -18.48
N SER A 179 21.56 5.61 -17.98
CA SER A 179 20.56 4.78 -18.69
C SER A 179 19.12 5.16 -18.35
N PRO A 180 18.32 5.51 -19.38
CA PRO A 180 18.70 5.61 -20.79
C PRO A 180 19.83 6.63 -21.03
N GLY A 181 20.53 6.48 -22.14
CA GLY A 181 21.90 7.01 -22.31
C GLY A 181 22.09 8.51 -22.23
N PHE A 182 23.34 8.91 -22.02
CA PHE A 182 23.70 10.32 -21.98
C PHE A 182 23.66 10.98 -23.38
N ASP A 183 23.20 12.23 -23.39
CA ASP A 183 23.17 13.05 -24.58
C ASP A 183 23.27 14.48 -24.07
N TYR A 184 24.19 15.27 -24.62
CA TYR A 184 24.37 16.65 -24.14
C TYR A 184 23.10 17.49 -24.31
N ARG A 185 22.15 17.05 -25.14
CA ARG A 185 20.89 17.75 -25.22
C ARG A 185 20.15 17.69 -23.88
N ASP A 186 20.45 16.68 -23.06
CA ASP A 186 19.89 16.52 -21.70
C ASP A 186 20.83 16.97 -20.58
N PHE A 187 21.87 17.72 -20.91
CA PHE A 187 22.87 18.14 -19.94
C PHE A 187 22.65 19.59 -19.64
N GLU A 188 22.26 19.86 -18.40
CA GLU A 188 22.02 21.22 -17.94
C GLU A 188 23.04 21.55 -16.86
N ILE A 189 23.74 22.66 -17.01
CA ILE A 189 24.72 23.09 -16.01
C ILE A 189 24.17 24.34 -15.34
N PHE A 190 24.48 24.52 -14.07
CA PHE A 190 23.91 25.60 -13.29
C PHE A 190 25.01 26.56 -12.83
N THR A 191 24.59 27.75 -12.38
CA THR A 191 25.45 28.73 -11.71
C THR A 191 24.81 29.13 -10.37
N GLN A 192 25.61 29.69 -9.46
CA GLN A 192 25.09 30.02 -8.13
C GLN A 192 23.94 31.05 -8.12
N ALA A 193 24.09 32.14 -8.86
CA ALA A 193 23.08 33.23 -8.85
C ALA A 193 21.77 32.78 -9.45
N GLN A 194 21.84 31.78 -10.31
CA GLN A 194 20.67 31.16 -10.88
C GLN A 194 19.98 30.30 -9.82
N LEU A 195 20.74 29.41 -9.16
CA LEU A 195 20.15 28.45 -8.19
C LEU A 195 19.71 29.14 -6.90
N MET A 196 20.46 30.14 -6.45
CA MET A 196 20.05 30.93 -5.29
C MET A 196 18.69 31.60 -5.46
N GLU A 197 18.31 31.91 -6.71
CA GLU A 197 16.98 32.44 -6.99
C GLU A 197 15.88 31.41 -6.76
N LEU A 198 16.15 30.13 -7.06
CA LEU A 198 15.14 29.07 -6.91
C LEU A 198 15.20 28.28 -5.59
N TYR A 199 16.39 27.87 -5.16
CA TYR A 199 16.54 26.98 -3.98
C TYR A 199 17.51 27.55 -2.91
N PRO A 200 17.13 28.64 -2.24
CA PRO A 200 18.02 29.29 -1.26
C PRO A 200 18.21 28.49 0.05
N GLN A 201 17.30 27.56 0.36
CA GLN A 201 17.49 26.64 1.48
C GLN A 201 18.80 25.83 1.38
N HIS A 202 19.37 25.69 0.18
CA HIS A 202 20.60 24.92 -0.02
C HIS A 202 21.83 25.81 -0.25
N GLU A 203 21.83 27.02 0.29
CA GLU A 203 22.90 27.99 -0.01
C GLU A 203 24.30 27.41 0.10
N ALA A 204 24.57 26.67 1.17
CA ALA A 204 25.91 26.12 1.43
C ALA A 204 26.39 25.18 0.32
N VAL A 205 25.58 24.20 -0.06
CA VAL A 205 25.94 23.31 -1.17
C VAL A 205 26.00 24.11 -2.48
N ILE A 206 25.11 25.09 -2.64
CA ILE A 206 25.09 25.89 -3.87
C ILE A 206 26.42 26.67 -4.02
N LYS A 207 26.80 27.44 -3.00
CA LYS A 207 28.05 28.20 -3.04
C LYS A 207 29.31 27.33 -3.03
N GLN A 208 29.22 26.10 -2.52
CA GLN A 208 30.32 25.15 -2.54
C GLN A 208 30.44 24.46 -3.88
N MET A 209 29.31 24.04 -4.47
CA MET A 209 29.34 23.14 -5.65
C MET A 209 28.89 23.72 -6.99
N ALA A 210 28.32 24.93 -7.02
CA ALA A 210 27.90 25.52 -8.30
C ALA A 210 28.94 26.49 -8.80
N TYR A 211 29.05 26.57 -10.13
CA TYR A 211 29.93 27.54 -10.79
C TYR A 211 29.54 28.95 -10.37
N GLU A 212 30.57 29.77 -10.13
CA GLU A 212 30.39 31.21 -9.85
C GLU A 212 30.73 32.01 -11.10
N ASN B 19 -28.00 15.06 -1.79
CA ASN B 19 -29.10 14.09 -2.09
C ASN B 19 -30.47 14.59 -1.62
N THR B 20 -31.50 14.13 -2.32
CA THR B 20 -32.84 14.64 -2.23
C THR B 20 -33.72 13.53 -1.68
N ALA B 21 -34.95 13.86 -1.31
CA ALA B 21 -35.97 12.84 -0.99
C ALA B 21 -36.25 11.93 -2.21
N GLU B 22 -36.47 12.51 -3.38
CA GLU B 22 -36.67 11.74 -4.62
C GLU B 22 -35.50 10.82 -5.02
N PHE B 23 -34.27 11.20 -4.67
CA PHE B 23 -33.10 10.36 -4.98
C PHE B 23 -33.19 9.05 -4.24
N TRP B 24 -33.52 9.14 -2.95
CA TRP B 24 -33.64 7.98 -2.10
C TRP B 24 -34.92 7.20 -2.39
N ILE B 25 -36.02 7.91 -2.57
CA ILE B 25 -37.30 7.25 -2.85
C ILE B 25 -37.10 6.38 -4.09
N LYS B 26 -36.44 6.94 -5.10
CA LYS B 26 -36.24 6.22 -6.37
C LYS B 26 -35.26 5.05 -6.22
N ARG B 27 -34.16 5.29 -5.51
CA ARG B 27 -33.05 4.33 -5.48
C ARG B 27 -33.23 3.17 -4.50
N LEU B 28 -33.97 3.41 -3.43
CA LEU B 28 -34.44 2.32 -2.56
C LEU B 28 -35.85 1.83 -2.90
N GLN B 29 -36.47 2.38 -3.94
CA GLN B 29 -37.82 1.97 -4.36
C GLN B 29 -38.87 2.08 -3.24
N LEU B 30 -38.81 3.13 -2.42
CA LEU B 30 -39.74 3.30 -1.29
C LEU B 30 -41.14 3.61 -1.78
N VAL B 31 -42.15 3.28 -0.99
CA VAL B 31 -43.56 3.57 -1.31
C VAL B 31 -44.19 4.28 -0.12
N PRO B 32 -45.40 4.86 -0.29
CA PRO B 32 -46.08 5.49 0.85
C PRO B 32 -46.52 4.51 1.95
N HIS B 33 -46.12 4.80 3.18
CA HIS B 33 -46.46 4.01 4.35
C HIS B 33 -47.83 4.53 4.81
N PRO B 34 -48.75 3.62 5.24
CA PRO B 34 -50.09 3.98 5.69
C PRO B 34 -50.18 5.13 6.71
N GLU B 35 -49.42 5.03 7.79
CA GLU B 35 -49.38 6.06 8.85
C GLU B 35 -48.82 7.40 8.36
N GLY B 36 -48.14 7.37 7.21
CA GLY B 36 -47.40 8.52 6.72
C GLY B 36 -45.93 8.18 6.54
N GLY B 37 -45.21 9.03 5.82
CA GLY B 37 -43.82 8.78 5.45
C GLY B 37 -43.75 7.84 4.25
N TYR B 38 -42.53 7.44 3.90
CA TYR B 38 -42.33 6.46 2.83
C TYR B 38 -41.51 5.34 3.42
N TYR B 39 -41.57 4.17 2.82
CA TYR B 39 -40.87 3.01 3.36
C TYR B 39 -40.68 1.91 2.34
N SER B 40 -39.93 0.89 2.74
CA SER B 40 -39.81 -0.36 2.01
C SER B 40 -39.39 -1.46 3.00
N GLU B 41 -39.93 -2.65 2.84
CA GLU B 41 -39.58 -3.76 3.72
C GLU B 41 -38.24 -4.31 3.25
N VAL B 42 -37.35 -4.65 4.18
CA VAL B 42 -36.01 -5.11 3.80
C VAL B 42 -35.86 -6.60 4.11
N VAL B 43 -35.80 -6.98 5.38
CA VAL B 43 -35.64 -8.39 5.75
C VAL B 43 -36.51 -8.79 6.92
N ARG B 44 -36.83 -10.07 6.93
CA ARG B 44 -37.60 -10.71 7.99
C ARG B 44 -36.82 -11.94 8.43
N SER B 45 -36.60 -12.06 9.73
CA SER B 45 -36.01 -13.27 10.31
C SER B 45 -36.77 -14.51 9.89
N ALA B 46 -36.03 -15.55 9.51
CA ALA B 46 -36.59 -16.88 9.29
C ALA B 46 -37.09 -17.47 10.60
N HIS B 47 -36.32 -17.25 11.66
CA HIS B 47 -36.63 -17.80 12.98
C HIS B 47 -37.82 -17.08 13.57
N LYS B 48 -38.70 -17.82 14.24
CA LYS B 48 -39.90 -17.24 14.88
C LYS B 48 -39.86 -17.38 16.39
N VAL B 49 -40.53 -16.45 17.05
CA VAL B 49 -40.52 -16.36 18.50
C VAL B 49 -41.90 -15.99 19.00
N ASP B 50 -42.10 -16.11 20.31
CA ASP B 50 -43.30 -15.60 20.94
C ASP B 50 -43.08 -14.17 21.35
N ASN B 51 -44.05 -13.31 21.04
CA ASN B 51 -43.94 -11.90 21.40
C ASN B 51 -44.56 -11.64 22.76
N GLU B 52 -44.64 -10.37 23.14
CA GLU B 52 -45.03 -9.99 24.50
C GLU B 52 -46.48 -10.37 24.84
N GLU B 53 -47.32 -10.57 23.82
CA GLU B 53 -48.71 -11.01 24.01
C GLU B 53 -48.92 -12.50 23.70
N GLY B 54 -47.84 -13.26 23.55
CA GLY B 54 -47.91 -14.71 23.30
C GLY B 54 -48.17 -15.12 21.85
N ASN B 55 -48.15 -14.18 20.91
CA ASN B 55 -48.34 -14.47 19.49
C ASN B 55 -47.05 -14.82 18.79
N ARG B 56 -47.14 -15.60 17.72
CA ARG B 56 -45.93 -15.98 16.95
C ARG B 56 -45.59 -14.88 15.96
N ARG B 57 -44.34 -14.44 16.00
CA ARG B 57 -43.84 -13.36 15.18
C ARG B 57 -42.46 -13.74 14.69
N HIS B 58 -42.03 -13.16 13.58
CA HIS B 58 -40.64 -13.25 13.15
C HIS B 58 -39.77 -12.71 14.28
N ALA B 59 -38.55 -13.23 14.41
CA ALA B 59 -37.61 -12.75 15.43
C ALA B 59 -37.47 -11.23 15.37
N TYR B 60 -37.35 -10.69 14.17
CA TYR B 60 -37.24 -9.24 13.93
C TYR B 60 -37.76 -9.00 12.53
N THR B 61 -38.27 -7.79 12.27
CA THR B 61 -38.50 -7.30 10.90
C THR B 61 -37.82 -5.93 10.72
N THR B 62 -37.36 -5.62 9.51
CA THR B 62 -36.66 -4.35 9.24
C THR B 62 -37.20 -3.62 8.00
N ILE B 63 -37.12 -2.29 8.04
CA ILE B 63 -37.51 -1.44 6.92
C ILE B 63 -36.52 -0.28 6.75
N TYR B 64 -36.48 0.28 5.53
CA TYR B 64 -36.02 1.65 5.36
C TYR B 64 -37.25 2.52 5.57
N PHE B 65 -37.05 3.65 6.24
CA PHE B 65 -38.12 4.62 6.45
C PHE B 65 -37.59 6.02 6.05
N LEU B 66 -38.34 6.72 5.20
CA LEU B 66 -38.04 8.11 4.85
C LEU B 66 -39.22 9.01 5.20
N CYS B 67 -38.95 10.01 6.03
CA CYS B 67 -39.94 10.98 6.48
C CYS B 67 -39.60 12.37 5.92
N THR B 68 -40.63 13.13 5.54
CA THR B 68 -40.47 14.54 5.05
C THR B 68 -41.42 15.47 5.81
N PRO B 69 -41.32 16.80 5.60
CA PRO B 69 -42.17 17.71 6.37
C PRO B 69 -43.65 17.68 6.04
N GLU B 70 -43.98 17.38 4.78
CA GLU B 70 -45.38 17.20 4.36
C GLU B 70 -45.91 15.82 4.75
N SER B 71 -45.02 14.85 4.91
CA SER B 71 -45.42 13.48 5.19
C SER B 71 -44.78 12.97 6.49
N PRO B 72 -45.30 13.44 7.64
CA PRO B 72 -44.90 12.90 8.93
C PRO B 72 -45.60 11.56 9.24
N SER B 73 -45.11 10.84 10.24
CA SER B 73 -45.77 9.65 10.74
C SER B 73 -46.67 10.01 11.91
N HIS B 74 -47.93 9.59 11.84
CA HIS B 74 -48.93 9.91 12.87
C HIS B 74 -48.78 9.03 14.10
N LEU B 75 -49.49 9.37 15.17
CA LEU B 75 -49.34 8.67 16.45
C LEU B 75 -49.93 7.26 16.39
N HIS B 76 -49.14 6.29 16.83
CA HIS B 76 -49.54 4.91 16.82
C HIS B 76 -48.85 4.16 17.95
N ARG B 77 -49.01 2.85 18.01
CA ARG B 77 -48.51 2.05 19.10
C ARG B 77 -48.32 0.61 18.66
N LEU B 78 -47.15 0.06 18.95
CA LEU B 78 -46.86 -1.36 18.72
C LEU B 78 -46.86 -2.06 20.07
N CYS B 79 -46.57 -3.35 20.07
CA CYS B 79 -46.38 -4.09 21.34
C CYS B 79 -44.96 -4.60 21.53
N SER B 80 -44.12 -4.42 20.52
CA SER B 80 -42.70 -4.78 20.60
C SER B 80 -41.87 -3.52 20.46
N ASP B 81 -40.62 -3.59 20.93
CA ASP B 81 -39.70 -2.47 20.78
C ASP B 81 -39.46 -2.22 19.31
N GLU B 82 -39.34 -0.95 18.94
CA GLU B 82 -38.82 -0.58 17.63
C GLU B 82 -37.57 0.29 17.77
N THR B 83 -36.46 -0.17 17.20
CA THR B 83 -35.22 0.61 17.18
C THR B 83 -35.03 1.38 15.87
N TRP B 84 -34.50 2.58 16.01
CA TRP B 84 -34.28 3.52 14.92
C TRP B 84 -32.79 3.81 14.73
N MET B 85 -32.37 3.90 13.46
CA MET B 85 -30.98 4.04 13.12
C MET B 85 -30.81 5.11 12.07
N TYR B 86 -30.05 6.16 12.38
CA TYR B 86 -29.78 7.23 11.42
C TYR B 86 -28.91 6.78 10.25
N HIS B 87 -29.33 7.13 9.02
CA HIS B 87 -28.51 6.96 7.81
C HIS B 87 -28.16 8.28 7.11
N ALA B 88 -29.15 9.09 6.81
CA ALA B 88 -28.93 10.30 5.99
C ALA B 88 -30.04 11.34 6.15
N GLY B 89 -29.71 12.59 5.86
CA GLY B 89 -30.70 13.67 5.81
C GLY B 89 -30.75 14.50 7.09
N ASP B 90 -31.86 15.20 7.28
CA ASP B 90 -32.08 15.94 8.52
C ASP B 90 -32.34 14.97 9.67
N PRO B 91 -32.20 15.43 10.92
CA PRO B 91 -32.56 14.54 12.03
C PRO B 91 -34.05 14.19 12.02
N LEU B 92 -34.40 13.02 12.55
CA LEU B 92 -35.80 12.57 12.61
C LEU B 92 -36.37 12.86 14.00
N GLN B 93 -37.45 13.63 14.07
CA GLN B 93 -38.04 14.01 15.35
C GLN B 93 -38.98 12.91 15.84
N LEU B 94 -38.60 12.24 16.93
CA LEU B 94 -39.40 11.17 17.52
C LEU B 94 -40.21 11.73 18.66
N HIS B 95 -41.52 11.55 18.58
CA HIS B 95 -42.44 12.04 19.60
C HIS B 95 -42.89 10.83 20.39
N VAL B 96 -42.32 10.66 21.59
CA VAL B 96 -42.55 9.44 22.37
C VAL B 96 -43.31 9.72 23.66
N ILE B 97 -44.54 9.18 23.75
CA ILE B 97 -45.27 9.18 25.02
C ILE B 97 -45.12 7.79 25.63
N LEU B 98 -44.30 7.69 26.66
CA LEU B 98 -43.94 6.40 27.23
C LEU B 98 -45.06 5.84 28.11
N LYS B 99 -45.25 4.52 28.09
CA LYS B 99 -46.25 3.85 28.94
C LYS B 99 -45.87 4.00 30.41
N ASP B 100 -44.80 3.33 30.82
CA ASP B 100 -44.12 3.63 32.08
C ASP B 100 -42.76 4.17 31.64
N PRO B 101 -42.00 4.80 32.55
CA PRO B 101 -40.59 5.08 32.24
C PRO B 101 -39.79 3.79 31.95
N GLN B 102 -39.98 3.25 30.73
CA GLN B 102 -39.46 1.94 30.31
C GLN B 102 -38.18 2.02 29.46
N ASP B 103 -37.55 3.18 29.45
CA ASP B 103 -36.22 3.31 28.86
C ASP B 103 -35.19 2.56 29.71
N GLU B 104 -35.48 2.40 31.00
CA GLU B 104 -34.54 1.77 31.94
C GLU B 104 -34.59 0.23 31.90
N ASP B 105 -35.74 -0.32 31.52
CA ASP B 105 -35.88 -1.78 31.34
C ASP B 105 -35.00 -2.31 30.20
N ARG B 106 -34.73 -1.44 29.22
CA ARG B 106 -33.90 -1.75 28.06
C ARG B 106 -32.51 -1.12 28.24
N ARG B 125 -49.76 3.09 39.60
CA ARG B 125 -48.80 3.48 38.57
C ARG B 125 -49.51 4.02 37.32
N PRO B 126 -49.94 5.30 37.35
CA PRO B 126 -50.51 5.95 36.16
C PRO B 126 -49.59 5.85 34.96
N LYS B 127 -50.16 5.53 33.81
CA LYS B 127 -49.39 5.31 32.60
C LYS B 127 -49.48 6.52 31.65
N TYR B 128 -48.55 6.58 30.70
CA TYR B 128 -48.50 7.62 29.68
C TYR B 128 -48.31 9.07 30.18
N GLN B 129 -47.73 9.22 31.36
CA GLN B 129 -47.48 10.54 31.95
C GLN B 129 -46.30 11.31 31.30
N VAL B 130 -45.38 10.60 30.64
CA VAL B 130 -44.08 11.17 30.27
C VAL B 130 -43.89 11.22 28.75
N TYR B 131 -43.61 12.41 28.24
CA TYR B 131 -43.40 12.65 26.83
C TYR B 131 -41.97 13.05 26.59
N ARG B 132 -41.32 12.43 25.61
CA ARG B 132 -39.94 12.78 25.24
C ARG B 132 -39.86 13.15 23.77
N ARG B 133 -39.14 14.23 23.46
CA ARG B 133 -38.74 14.52 22.09
C ARG B 133 -37.32 13.99 21.92
N VAL B 134 -37.12 13.09 20.98
CA VAL B 134 -35.78 12.57 20.71
C VAL B 134 -35.38 12.83 19.27
N LEU B 135 -34.15 13.29 19.08
CA LEU B 135 -33.63 13.55 17.75
C LEU B 135 -32.72 12.42 17.29
N VAL B 136 -33.14 11.67 16.27
CA VAL B 136 -32.25 10.65 15.66
C VAL B 136 -31.43 11.28 14.55
N GLY B 137 -30.12 11.31 14.74
CA GLY B 137 -29.21 12.04 13.84
C GLY B 137 -27.75 11.76 14.15
N ALA B 138 -26.84 12.39 13.42
CA ALA B 138 -25.40 12.15 13.58
C ALA B 138 -24.70 13.17 14.47
N ARG B 139 -25.37 14.28 14.79
CA ARG B 139 -24.73 15.31 15.61
C ARG B 139 -24.91 15.01 17.09
N VAL B 140 -24.08 14.10 17.58
CA VAL B 140 -24.13 13.69 18.97
C VAL B 140 -23.77 14.81 19.96
N GLU B 141 -23.15 15.86 19.44
CA GLU B 141 -22.76 17.04 20.21
C GLU B 141 -23.94 17.97 20.47
N ARG B 142 -25.00 17.85 19.68
CA ARG B 142 -26.20 18.65 19.85
C ARG B 142 -27.29 17.85 20.57
N GLY B 143 -26.93 16.65 21.04
CA GLY B 143 -27.85 15.78 21.77
C GLY B 143 -28.53 14.74 20.90
N GLU B 144 -28.23 14.73 19.61
CA GLU B 144 -28.87 13.82 18.67
C GLU B 144 -28.30 12.41 18.84
N LEU B 145 -29.13 11.40 18.60
CA LEU B 145 -28.73 10.02 18.86
C LEU B 145 -28.68 9.21 17.57
N LEU B 146 -27.55 8.57 17.29
CA LEU B 146 -27.42 7.75 16.11
C LEU B 146 -28.44 6.62 16.14
N GLN B 147 -28.70 6.13 17.34
CA GLN B 147 -29.62 5.03 17.54
C GLN B 147 -30.56 5.34 18.70
N TYR B 148 -31.82 4.95 18.57
CA TYR B 148 -32.81 5.08 19.65
C TYR B 148 -33.98 4.06 19.54
N THR B 149 -34.43 3.58 20.68
CA THR B 149 -35.41 2.50 20.77
C THR B 149 -36.66 3.00 21.43
N VAL B 150 -37.79 2.89 20.73
CA VAL B 150 -39.08 3.18 21.29
C VAL B 150 -39.58 1.91 21.97
N PRO B 151 -39.70 1.92 23.31
CA PRO B 151 -40.10 0.70 23.99
C PRO B 151 -41.53 0.33 23.60
N GLY B 152 -41.77 -0.97 23.37
CA GLY B 152 -43.11 -1.47 23.05
C GLY B 152 -44.13 -0.94 24.04
N GLY B 153 -45.26 -0.45 23.53
CA GLY B 153 -46.33 0.09 24.37
C GLY B 153 -46.36 1.61 24.45
N ALA B 154 -45.34 2.26 23.91
CA ALA B 154 -45.29 3.70 23.84
C ALA B 154 -46.23 4.11 22.72
N ILE B 155 -46.88 5.25 22.87
CA ILE B 155 -47.60 5.87 21.77
C ILE B 155 -46.61 6.83 21.11
N PHE B 156 -46.39 6.69 19.80
CA PHE B 156 -45.33 7.46 19.14
C PHE B 156 -45.57 7.81 17.67
N GLY B 157 -44.81 8.81 17.22
CA GLY B 157 -44.80 9.25 15.82
C GLY B 157 -43.55 10.04 15.52
N SER B 158 -43.33 10.34 14.25
CA SER B 158 -42.09 10.99 13.80
C SER B 158 -42.37 12.14 12.86
N SER B 159 -41.44 13.09 12.79
CA SER B 159 -41.60 14.27 11.92
C SER B 159 -40.25 14.88 11.49
N VAL B 160 -40.30 15.74 10.48
CA VAL B 160 -39.11 16.46 10.04
C VAL B 160 -39.39 17.96 10.01
N ALA B 161 -38.44 18.74 10.48
CA ALA B 161 -38.58 20.20 10.51
C ALA B 161 -38.78 20.73 9.09
N ALA B 162 -39.60 21.78 8.97
CA ALA B 162 -39.84 22.41 7.68
C ALA B 162 -38.64 23.25 7.26
N ASP B 163 -37.94 23.83 8.23
CA ASP B 163 -36.81 24.71 7.94
C ASP B 163 -35.93 24.87 9.18
N GLY B 164 -34.89 25.71 9.09
CA GLY B 164 -33.99 25.95 10.21
C GLY B 164 -32.86 24.93 10.28
N ALA B 165 -32.19 24.91 11.42
CA ALA B 165 -31.01 24.05 11.66
C ALA B 165 -31.25 22.53 11.52
N ASP B 166 -32.43 22.06 11.92
CA ASP B 166 -32.76 20.64 11.82
C ASP B 166 -33.65 20.35 10.60
N GLY B 167 -33.59 21.21 9.57
CA GLY B 167 -34.46 21.07 8.40
C GLY B 167 -33.89 21.73 7.16
N GLN B 168 -32.78 21.19 6.66
CA GLN B 168 -32.10 21.75 5.50
C GLN B 168 -32.25 20.86 4.26
N ALA B 169 -32.19 19.54 4.47
CA ALA B 169 -32.20 18.57 3.37
C ALA B 169 -33.59 18.23 2.83
N GLY B 170 -34.66 18.46 3.59
CA GLY B 170 -36.01 18.17 3.14
C GLY B 170 -36.49 16.75 3.41
N TYR B 171 -35.73 15.98 4.20
CA TYR B 171 -36.11 14.61 4.56
C TYR B 171 -35.24 14.06 5.67
N SER B 172 -35.59 12.88 6.16
CA SER B 172 -34.74 12.09 7.05
C SER B 172 -34.89 10.63 6.69
N LEU B 173 -33.77 9.93 6.65
CA LEU B 173 -33.73 8.54 6.25
C LEU B 173 -33.12 7.74 7.37
N VAL B 174 -33.85 6.72 7.82
CA VAL B 174 -33.40 5.79 8.85
C VAL B 174 -33.67 4.35 8.44
N SER B 175 -33.22 3.42 9.27
CA SER B 175 -33.74 2.06 9.29
C SER B 175 -34.48 1.82 10.59
N CYS B 176 -35.59 1.09 10.51
CA CYS B 176 -36.29 0.59 11.69
C CYS B 176 -36.27 -0.94 11.83
N ILE B 177 -36.18 -1.39 13.07
CA ILE B 177 -36.20 -2.78 13.41
C ILE B 177 -37.15 -2.98 14.56
N VAL B 178 -38.26 -3.68 14.28
CA VAL B 178 -39.18 -4.15 15.30
C VAL B 178 -38.79 -5.56 15.73
N SER B 179 -38.62 -5.78 17.03
CA SER B 179 -38.22 -7.07 17.55
C SER B 179 -38.78 -7.27 18.95
N PRO B 180 -39.64 -8.31 19.14
CA PRO B 180 -40.18 -9.27 18.18
C PRO B 180 -40.94 -8.61 17.02
N GLY B 181 -41.02 -9.31 15.90
CA GLY B 181 -41.33 -8.71 14.61
C GLY B 181 -42.62 -7.93 14.44
N PHE B 182 -42.61 -7.02 13.48
CA PHE B 182 -43.77 -6.22 13.13
C PHE B 182 -44.85 -7.04 12.42
N ASP B 183 -46.06 -6.94 12.92
CA ASP B 183 -47.23 -7.48 12.26
C ASP B 183 -48.28 -6.37 12.28
N TYR B 184 -48.90 -6.07 11.13
N TYR B 184 -48.91 -6.09 11.14
CA TYR B 184 -49.88 -4.98 11.05
CA TYR B 184 -49.90 -5.01 11.02
C TYR B 184 -51.07 -5.13 12.02
C TYR B 184 -51.06 -5.14 12.02
N ARG B 185 -51.32 -6.36 12.50
CA ARG B 185 -52.35 -6.56 13.53
C ARG B 185 -51.93 -6.07 14.93
N ASP B 186 -50.64 -5.88 15.15
CA ASP B 186 -50.13 -5.32 16.41
C ASP B 186 -50.00 -3.79 16.32
N PHE B 187 -50.36 -3.24 15.17
CA PHE B 187 -50.23 -1.82 14.88
C PHE B 187 -51.54 -1.10 15.15
N GLU B 188 -51.58 -0.29 16.22
CA GLU B 188 -52.77 0.50 16.55
C GLU B 188 -52.58 1.98 16.18
N ILE B 189 -53.51 2.51 15.39
CA ILE B 189 -53.54 3.94 15.03
C ILE B 189 -54.71 4.57 15.77
N PHE B 190 -54.52 5.80 16.21
CA PHE B 190 -55.49 6.52 17.03
C PHE B 190 -55.99 7.76 16.32
N THR B 191 -57.17 8.23 16.71
CA THR B 191 -57.65 9.56 16.35
C THR B 191 -57.37 10.54 17.50
N GLN B 192 -57.39 11.84 17.20
CA GLN B 192 -57.25 12.86 18.24
C GLN B 192 -58.25 12.69 19.38
N ALA B 193 -59.51 12.45 19.02
CA ALA B 193 -60.58 12.26 20.02
C ALA B 193 -60.25 11.11 20.97
N GLN B 194 -59.82 10.00 20.37
CA GLN B 194 -59.56 8.76 21.09
C GLN B 194 -58.43 8.97 22.10
N LEU B 195 -57.38 9.70 21.70
CA LEU B 195 -56.29 10.05 22.59
C LEU B 195 -56.61 11.24 23.50
N MET B 196 -57.48 12.15 23.08
CA MET B 196 -57.88 13.25 23.95
C MET B 196 -58.72 12.75 25.12
N GLU B 197 -59.44 11.65 24.91
CA GLU B 197 -60.32 11.07 25.94
C GLU B 197 -59.56 10.28 27.00
N LEU B 198 -58.40 9.75 26.62
CA LEU B 198 -57.59 8.89 27.48
C LEU B 198 -56.39 9.61 28.10
N TYR B 199 -55.67 10.41 27.30
CA TYR B 199 -54.43 11.05 27.73
C TYR B 199 -54.37 12.54 27.35
N PRO B 200 -55.29 13.35 27.90
CA PRO B 200 -55.44 14.75 27.49
C PRO B 200 -54.30 15.69 27.88
N GLN B 201 -53.50 15.34 28.88
CA GLN B 201 -52.37 16.21 29.27
C GLN B 201 -51.31 16.37 28.16
N HIS B 202 -51.30 15.46 27.19
CA HIS B 202 -50.44 15.56 26.01
C HIS B 202 -51.21 16.16 24.84
N GLU B 203 -52.09 17.12 25.15
CA GLU B 203 -52.98 17.71 24.14
C GLU B 203 -52.18 18.30 22.97
N ALA B 204 -51.13 19.05 23.31
CA ALA B 204 -50.31 19.70 22.31
C ALA B 204 -49.72 18.71 21.30
N VAL B 205 -49.21 17.56 21.75
CA VAL B 205 -48.63 16.60 20.80
C VAL B 205 -49.71 15.79 20.06
N ILE B 206 -50.86 15.59 20.69
CA ILE B 206 -51.98 14.86 20.05
C ILE B 206 -52.58 15.67 18.89
N LYS B 207 -52.89 16.95 19.14
CA LYS B 207 -53.44 17.79 18.10
C LYS B 207 -52.45 17.96 16.95
N GLN B 208 -51.17 17.96 17.29
CA GLN B 208 -50.08 18.08 16.33
C GLN B 208 -49.91 16.81 15.47
N MET B 209 -49.83 15.65 16.12
CA MET B 209 -49.37 14.40 15.47
C MET B 209 -50.41 13.32 15.19
N ALA B 210 -51.60 13.43 15.78
CA ALA B 210 -52.62 12.40 15.68
C ALA B 210 -53.64 12.75 14.58
N TYR B 211 -54.22 11.72 13.96
CA TYR B 211 -55.18 11.93 12.90
C TYR B 211 -56.42 12.61 13.44
N GLU B 212 -56.94 13.56 12.68
CA GLU B 212 -58.27 14.10 12.90
C GLU B 212 -59.29 13.00 12.57
N THR B 213 -58.97 12.21 11.54
CA THR B 213 -59.81 11.10 11.10
C THR B 213 -58.96 9.94 10.57
N PRO C 16 11.86 -14.49 -29.69
CA PRO C 16 11.42 -14.22 -28.32
C PRO C 16 11.47 -15.50 -27.48
N PRO C 17 11.98 -15.40 -26.24
CA PRO C 17 12.20 -16.61 -25.48
C PRO C 17 10.92 -17.03 -24.77
N GLN C 18 10.87 -18.26 -24.26
CA GLN C 18 9.66 -18.74 -23.59
C GLN C 18 9.15 -17.76 -22.53
N ASN C 19 7.81 -17.63 -22.50
CA ASN C 19 7.04 -16.91 -21.47
C ASN C 19 7.22 -15.39 -21.44
N THR C 20 7.46 -14.80 -22.61
CA THR C 20 7.53 -13.35 -22.76
C THR C 20 6.36 -12.89 -23.63
N ALA C 21 5.94 -11.65 -23.48
CA ALA C 21 4.89 -11.11 -24.33
C ALA C 21 5.12 -11.46 -25.81
N GLU C 22 6.27 -11.08 -26.36
CA GLU C 22 6.50 -11.22 -27.80
C GLU C 22 6.51 -12.67 -28.24
N PHE C 23 6.90 -13.57 -27.34
CA PHE C 23 6.77 -15.00 -27.55
C PHE C 23 5.32 -15.42 -27.93
N TRP C 24 4.34 -14.94 -27.15
CA TRP C 24 2.92 -15.31 -27.32
C TRP C 24 2.21 -14.57 -28.48
N ILE C 25 2.56 -13.31 -28.68
CA ILE C 25 2.12 -12.55 -29.85
C ILE C 25 2.63 -13.18 -31.15
N LYS C 26 3.88 -13.60 -31.15
CA LYS C 26 4.47 -14.20 -32.33
C LYS C 26 3.82 -15.54 -32.60
N ARG C 27 3.80 -16.39 -31.58
CA ARG C 27 3.39 -17.78 -31.72
C ARG C 27 1.90 -18.03 -31.82
N LEU C 28 1.08 -17.15 -31.24
CA LEU C 28 -0.37 -17.28 -31.35
C LEU C 28 -0.92 -16.34 -32.43
N GLN C 29 -0.02 -15.60 -33.07
CA GLN C 29 -0.34 -14.66 -34.16
C GLN C 29 -1.32 -13.58 -33.67
N LEU C 30 -1.04 -13.03 -32.49
CA LEU C 30 -1.97 -12.08 -31.89
C LEU C 30 -1.89 -10.74 -32.61
N VAL C 31 -3.05 -10.19 -32.97
CA VAL C 31 -3.11 -8.86 -33.56
C VAL C 31 -3.95 -7.95 -32.66
N PRO C 32 -3.78 -6.62 -32.77
CA PRO C 32 -4.50 -5.68 -31.90
C PRO C 32 -6.03 -5.74 -32.05
N HIS C 33 -6.72 -5.76 -30.91
CA HIS C 33 -8.19 -5.78 -30.87
C HIS C 33 -8.75 -4.34 -30.69
N PRO C 34 -9.91 -4.04 -31.31
CA PRO C 34 -10.53 -2.69 -31.24
C PRO C 34 -10.69 -2.06 -29.85
N GLU C 35 -11.11 -2.87 -28.87
CA GLU C 35 -11.23 -2.44 -27.46
C GLU C 35 -9.88 -2.15 -26.77
N GLY C 36 -8.80 -2.73 -27.30
CA GLY C 36 -7.47 -2.68 -26.67
C GLY C 36 -6.91 -4.09 -26.50
N GLY C 37 -5.64 -4.20 -26.15
CA GLY C 37 -5.00 -5.48 -25.96
C GLY C 37 -4.83 -6.20 -27.29
N TYR C 38 -4.43 -7.47 -27.23
CA TYR C 38 -4.14 -8.25 -28.45
C TYR C 38 -4.96 -9.53 -28.45
N TYR C 39 -5.32 -10.05 -29.62
CA TYR C 39 -6.11 -11.29 -29.69
C TYR C 39 -5.90 -12.06 -31.00
N SER C 40 -6.43 -13.28 -31.05
CA SER C 40 -6.61 -13.96 -32.33
C SER C 40 -7.81 -14.94 -32.25
N GLU C 41 -8.69 -14.90 -33.25
CA GLU C 41 -9.89 -15.78 -33.24
C GLU C 41 -9.46 -17.23 -33.43
N VAL C 42 -10.01 -18.14 -32.64
CA VAL C 42 -9.59 -19.53 -32.69
C VAL C 42 -10.68 -20.39 -33.34
N VAL C 43 -11.82 -20.54 -32.67
CA VAL C 43 -12.93 -21.28 -33.28
C VAL C 43 -14.26 -20.53 -33.16
N ARG C 44 -15.13 -20.82 -34.12
CA ARG C 44 -16.52 -20.42 -34.12
C ARG C 44 -17.33 -21.69 -34.30
N SER C 45 -18.27 -21.95 -33.41
CA SER C 45 -19.19 -23.10 -33.54
C SER C 45 -19.84 -23.18 -34.90
N ALA C 46 -19.90 -24.40 -35.45
CA ALA C 46 -20.67 -24.65 -36.67
C ALA C 46 -22.17 -24.47 -36.40
N HIS C 47 -22.63 -24.81 -35.21
CA HIS C 47 -24.05 -24.74 -34.87
C HIS C 47 -24.40 -23.28 -34.58
N LYS C 48 -25.59 -22.87 -35.00
CA LYS C 48 -26.08 -21.50 -34.81
C LYS C 48 -27.22 -21.53 -33.81
N VAL C 49 -27.41 -20.44 -33.07
CA VAL C 49 -28.45 -20.38 -32.05
C VAL C 49 -29.00 -18.96 -31.96
N ASP C 50 -30.18 -18.80 -31.36
CA ASP C 50 -30.73 -17.48 -31.08
C ASP C 50 -30.08 -16.96 -29.82
N ASN C 51 -29.64 -15.70 -29.84
CA ASN C 51 -28.98 -15.12 -28.66
C ASN C 51 -30.02 -14.44 -27.78
N GLU C 52 -29.60 -13.64 -26.81
CA GLU C 52 -30.52 -13.11 -25.79
C GLU C 52 -31.47 -12.04 -26.34
N GLU C 53 -31.20 -11.56 -27.55
CA GLU C 53 -32.02 -10.58 -28.25
C GLU C 53 -32.67 -11.24 -29.47
N GLY C 54 -32.54 -12.56 -29.57
CA GLY C 54 -33.22 -13.33 -30.61
C GLY C 54 -32.57 -13.27 -31.98
N ASN C 55 -31.32 -12.84 -32.02
CA ASN C 55 -30.56 -12.77 -33.27
C ASN C 55 -29.70 -14.02 -33.43
N ARG C 56 -29.48 -14.44 -34.68
CA ARG C 56 -28.74 -15.66 -34.97
C ARG C 56 -27.26 -15.41 -34.76
N ARG C 57 -26.63 -16.26 -33.96
CA ARG C 57 -25.21 -16.17 -33.63
C ARG C 57 -24.68 -17.58 -33.55
N HIS C 58 -23.38 -17.75 -33.77
CA HIS C 58 -22.74 -19.06 -33.52
C HIS C 58 -23.01 -19.46 -32.08
N ALA C 59 -23.06 -20.76 -31.79
CA ALA C 59 -23.30 -21.22 -30.41
C ALA C 59 -22.26 -20.64 -29.46
N TYR C 60 -21.01 -20.65 -29.90
CA TYR C 60 -19.93 -20.06 -29.13
C TYR C 60 -18.88 -19.59 -30.12
N THR C 61 -18.11 -18.57 -29.74
CA THR C 61 -16.91 -18.16 -30.45
C THR C 61 -15.83 -18.07 -29.38
N THR C 62 -14.57 -18.35 -29.73
CA THR C 62 -13.48 -18.32 -28.75
C THR C 62 -12.31 -17.47 -29.23
N ILE C 63 -11.49 -17.04 -28.28
CA ILE C 63 -10.28 -16.30 -28.63
C ILE C 63 -9.13 -16.56 -27.67
N TYR C 64 -7.94 -16.21 -28.14
CA TYR C 64 -6.80 -15.93 -27.29
C TYR C 64 -6.79 -14.44 -27.09
N PHE C 65 -6.67 -14.00 -25.86
CA PHE C 65 -6.51 -12.59 -25.56
C PHE C 65 -5.28 -12.38 -24.71
N LEU C 66 -4.46 -11.41 -25.06
CA LEU C 66 -3.29 -11.05 -24.24
C LEU C 66 -3.34 -9.55 -23.92
N CYS C 67 -3.03 -9.23 -22.66
CA CYS C 67 -3.13 -7.89 -22.12
C CYS C 67 -1.77 -7.42 -21.55
N THR C 68 -1.46 -6.15 -21.67
CA THR C 68 -0.20 -5.61 -21.16
C THR C 68 -0.47 -4.29 -20.44
N PRO C 69 0.48 -3.82 -19.60
CA PRO C 69 0.20 -2.59 -18.88
C PRO C 69 -0.05 -1.38 -19.78
N GLU C 70 0.62 -1.33 -20.93
CA GLU C 70 0.42 -0.27 -21.91
C GLU C 70 -0.78 -0.49 -22.85
N SER C 71 -1.49 -1.61 -22.70
CA SER C 71 -2.55 -1.95 -23.62
C SER C 71 -3.70 -2.67 -22.93
N PRO C 72 -4.47 -1.93 -22.12
CA PRO C 72 -5.62 -2.49 -21.46
C PRO C 72 -6.76 -2.72 -22.42
N SER C 73 -7.74 -3.50 -21.99
CA SER C 73 -8.97 -3.65 -22.72
C SER C 73 -9.94 -2.64 -22.13
N HIS C 74 -10.34 -1.67 -22.94
CA HIS C 74 -11.11 -0.53 -22.46
C HIS C 74 -12.55 -0.94 -22.22
N LEU C 75 -13.28 -0.13 -21.44
CA LEU C 75 -14.63 -0.48 -21.01
C LEU C 75 -15.53 -0.70 -22.23
N HIS C 76 -16.26 -1.80 -22.22
CA HIS C 76 -17.16 -2.13 -23.33
C HIS C 76 -18.27 -3.05 -22.83
N ARG C 77 -19.18 -3.42 -23.71
CA ARG C 77 -20.33 -4.20 -23.29
C ARG C 77 -20.74 -5.21 -24.35
N LEU C 78 -21.13 -6.41 -23.93
CA LEU C 78 -21.67 -7.41 -24.85
C LEU C 78 -23.13 -7.69 -24.51
N CYS C 79 -23.73 -8.64 -25.19
CA CYS C 79 -25.06 -9.06 -24.79
C CYS C 79 -25.10 -10.50 -24.28
N SER C 80 -24.09 -11.30 -24.60
CA SER C 80 -23.93 -12.65 -24.06
C SER C 80 -22.86 -12.69 -22.98
N ASP C 81 -22.82 -13.78 -22.21
CA ASP C 81 -21.77 -14.00 -21.21
C ASP C 81 -20.42 -14.24 -21.89
N GLU C 82 -19.33 -13.82 -21.24
CA GLU C 82 -17.98 -14.16 -21.69
C GLU C 82 -17.19 -14.74 -20.50
N THR C 83 -16.57 -15.91 -20.70
CA THR C 83 -15.84 -16.58 -19.65
C THR C 83 -14.32 -16.44 -19.89
N TRP C 84 -13.56 -16.11 -18.85
CA TRP C 84 -12.10 -15.90 -18.95
C TRP C 84 -11.33 -17.03 -18.30
N MET C 85 -10.32 -17.57 -18.97
CA MET C 85 -9.51 -18.69 -18.45
C MET C 85 -8.00 -18.37 -18.45
N TYR C 86 -7.37 -18.36 -17.27
CA TYR C 86 -5.95 -18.05 -17.15
C TYR C 86 -5.06 -19.07 -17.87
N HIS C 87 -4.07 -18.61 -18.63
CA HIS C 87 -3.04 -19.49 -19.24
C HIS C 87 -1.62 -19.20 -18.72
N ALA C 88 -1.15 -17.97 -18.86
CA ALA C 88 0.24 -17.62 -18.52
C ALA C 88 0.41 -16.17 -18.07
N GLY C 89 1.55 -15.88 -17.48
CA GLY C 89 1.94 -14.51 -17.14
C GLY C 89 1.40 -14.04 -15.82
N ASP C 90 1.20 -12.73 -15.71
CA ASP C 90 0.57 -12.14 -14.54
C ASP C 90 -0.91 -12.45 -14.54
N PRO C 91 -1.54 -12.38 -13.37
CA PRO C 91 -2.99 -12.33 -13.36
C PRO C 91 -3.55 -11.15 -14.15
N LEU C 92 -4.69 -11.37 -14.79
CA LEU C 92 -5.48 -10.37 -15.45
C LEU C 92 -6.51 -9.79 -14.50
N GLN C 93 -6.47 -8.49 -14.28
N GLN C 93 -6.44 -8.50 -14.22
CA GLN C 93 -7.44 -7.81 -13.43
CA GLN C 93 -7.47 -7.82 -13.43
C GLN C 93 -8.64 -7.39 -14.28
C GLN C 93 -8.64 -7.44 -14.32
N LEU C 94 -9.82 -7.89 -13.94
CA LEU C 94 -11.05 -7.59 -14.64
C LEU C 94 -11.80 -6.54 -13.84
N HIS C 95 -12.21 -5.47 -14.51
CA HIS C 95 -12.98 -4.40 -13.91
C HIS C 95 -14.39 -4.55 -14.43
N VAL C 96 -15.32 -4.90 -13.56
CA VAL C 96 -16.65 -5.33 -14.00
C VAL C 96 -17.74 -4.54 -13.31
N ILE C 97 -18.39 -3.66 -14.07
CA ILE C 97 -19.60 -2.98 -13.60
C ILE C 97 -20.83 -3.83 -14.01
N LEU C 98 -21.52 -4.44 -13.04
CA LEU C 98 -22.63 -5.36 -13.34
C LEU C 98 -23.91 -4.61 -13.66
N LYS C 99 -24.73 -5.12 -14.58
CA LYS C 99 -26.05 -4.53 -14.81
C LYS C 99 -26.93 -4.69 -13.55
N ASP C 100 -27.10 -5.92 -13.08
CA ASP C 100 -27.60 -6.17 -11.71
C ASP C 100 -26.61 -7.12 -11.07
N PRO C 101 -26.58 -7.20 -9.75
CA PRO C 101 -25.92 -8.36 -9.08
C PRO C 101 -26.15 -9.72 -9.81
N GLN C 102 -25.64 -9.84 -11.04
CA GLN C 102 -25.99 -10.93 -11.98
C GLN C 102 -25.02 -12.12 -11.95
N ASP C 103 -24.19 -12.18 -10.92
CA ASP C 103 -23.28 -13.29 -10.74
C ASP C 103 -24.09 -14.54 -10.45
N GLU C 104 -25.15 -14.38 -9.67
CA GLU C 104 -25.92 -15.49 -9.09
C GLU C 104 -26.65 -16.32 -10.13
N ASP C 105 -27.07 -15.67 -11.22
CA ASP C 105 -27.87 -16.32 -12.28
C ASP C 105 -27.10 -17.36 -13.11
N ARG C 106 -25.78 -17.29 -13.09
CA ARG C 106 -24.95 -18.17 -13.91
C ARG C 106 -24.18 -19.13 -13.03
N ARG C 125 -35.66 -1.16 -10.49
CA ARG C 125 -34.37 -1.61 -10.00
C ARG C 125 -33.24 -0.81 -10.68
N PRO C 126 -32.49 0.00 -9.91
CA PRO C 126 -31.41 0.75 -10.55
C PRO C 126 -30.29 -0.18 -10.97
N LYS C 127 -29.59 0.23 -12.03
CA LYS C 127 -28.62 -0.63 -12.69
C LYS C 127 -27.20 -0.09 -12.54
N TYR C 128 -26.22 -0.95 -12.84
CA TYR C 128 -24.82 -0.57 -12.88
C TYR C 128 -24.30 0.07 -11.59
N GLN C 129 -24.87 -0.36 -10.48
CA GLN C 129 -24.45 0.10 -9.16
C GLN C 129 -23.22 -0.65 -8.67
N VAL C 130 -23.06 -1.91 -9.07
CA VAL C 130 -22.01 -2.73 -8.48
C VAL C 130 -20.76 -2.85 -9.36
N TYR C 131 -19.62 -2.50 -8.76
CA TYR C 131 -18.31 -2.63 -9.38
C TYR C 131 -17.47 -3.75 -8.70
N ARG C 132 -17.19 -4.80 -9.46
CA ARG C 132 -16.35 -5.90 -9.01
C ARG C 132 -14.96 -5.85 -9.64
N ARG C 133 -13.93 -5.99 -8.81
CA ARG C 133 -12.56 -6.20 -9.26
C ARG C 133 -12.20 -7.67 -9.05
N VAL C 134 -11.95 -8.39 -10.15
CA VAL C 134 -11.60 -9.80 -10.09
C VAL C 134 -10.24 -10.07 -10.74
N LEU C 135 -9.42 -10.88 -10.08
CA LEU C 135 -8.14 -11.30 -10.63
C LEU C 135 -8.27 -12.70 -11.23
N VAL C 136 -7.92 -12.86 -12.49
CA VAL C 136 -7.90 -14.15 -13.19
C VAL C 136 -6.44 -14.64 -13.19
N GLY C 137 -6.15 -15.69 -12.45
CA GLY C 137 -4.78 -16.16 -12.23
C GLY C 137 -4.74 -17.50 -11.54
N ALA C 138 -3.54 -18.03 -11.31
CA ALA C 138 -3.37 -19.39 -10.78
C ALA C 138 -3.05 -19.45 -9.29
N ARG C 139 -2.75 -18.31 -8.67
CA ARG C 139 -2.54 -18.29 -7.22
C ARG C 139 -3.87 -18.15 -6.50
N VAL C 140 -4.60 -19.26 -6.44
CA VAL C 140 -5.92 -19.30 -5.77
C VAL C 140 -5.82 -19.03 -4.27
N GLU C 141 -4.62 -19.25 -3.71
CA GLU C 141 -4.34 -18.93 -2.31
C GLU C 141 -4.37 -17.42 -2.01
N ARG C 142 -4.22 -16.59 -3.04
CA ARG C 142 -4.32 -15.11 -2.94
C ARG C 142 -5.67 -14.55 -3.40
N GLY C 143 -6.60 -15.39 -3.83
CA GLY C 143 -7.92 -14.91 -4.26
C GLY C 143 -8.07 -14.77 -5.77
N GLU C 144 -7.12 -15.31 -6.51
CA GLU C 144 -7.13 -15.29 -7.96
C GLU C 144 -7.96 -16.45 -8.44
N LEU C 145 -8.59 -16.31 -9.59
CA LEU C 145 -9.53 -17.32 -10.09
C LEU C 145 -9.00 -17.85 -11.41
N LEU C 146 -8.86 -19.16 -11.54
CA LEU C 146 -8.49 -19.74 -12.82
C LEU C 146 -9.52 -19.44 -13.91
N GLN C 147 -10.80 -19.35 -13.51
CA GLN C 147 -11.92 -19.22 -14.43
C GLN C 147 -12.90 -18.18 -13.90
N TYR C 148 -13.36 -17.27 -14.75
CA TYR C 148 -14.39 -16.33 -14.34
C TYR C 148 -15.25 -15.89 -15.52
N THR C 149 -16.56 -15.80 -15.30
CA THR C 149 -17.51 -15.41 -16.34
C THR C 149 -18.09 -14.02 -16.09
N VAL C 150 -17.94 -13.12 -17.08
CA VAL C 150 -18.48 -11.76 -17.04
C VAL C 150 -19.86 -11.79 -17.69
N PRO C 151 -20.93 -11.48 -16.92
CA PRO C 151 -22.28 -11.70 -17.46
C PRO C 151 -22.68 -10.67 -18.51
N GLY C 152 -23.38 -11.13 -19.55
CA GLY C 152 -23.92 -10.25 -20.58
C GLY C 152 -24.55 -9.02 -19.95
N GLY C 153 -24.29 -7.84 -20.54
CA GLY C 153 -24.85 -6.58 -20.06
C GLY C 153 -23.90 -5.81 -19.15
N ALA C 154 -22.84 -6.47 -18.71
CA ALA C 154 -21.89 -5.85 -17.82
C ALA C 154 -20.98 -4.96 -18.63
N ILE C 155 -20.64 -3.81 -18.07
CA ILE C 155 -19.66 -2.92 -18.66
C ILE C 155 -18.35 -3.35 -18.04
N PHE C 156 -17.43 -3.84 -18.87
CA PHE C 156 -16.20 -4.43 -18.34
C PHE C 156 -14.95 -4.22 -19.20
N GLY C 157 -13.80 -4.30 -18.53
CA GLY C 157 -12.50 -4.08 -19.18
C GLY C 157 -11.44 -4.90 -18.49
N SER C 158 -10.21 -4.86 -18.99
CA SER C 158 -9.11 -5.61 -18.38
C SER C 158 -7.78 -4.89 -18.43
N SER C 159 -6.98 -5.08 -17.38
CA SER C 159 -5.65 -4.47 -17.27
C SER C 159 -4.66 -5.42 -16.59
N VAL C 160 -3.39 -5.04 -16.59
CA VAL C 160 -2.34 -5.79 -15.90
C VAL C 160 -1.52 -4.77 -15.16
N ALA C 161 -1.06 -5.12 -13.96
CA ALA C 161 -0.35 -4.17 -13.12
C ALA C 161 1.04 -3.89 -13.70
N ALA C 162 1.48 -2.63 -13.59
CA ALA C 162 2.78 -2.23 -14.16
C ALA C 162 3.94 -2.89 -13.43
N ASP C 163 3.82 -2.92 -12.11
CA ASP C 163 4.84 -3.46 -11.22
C ASP C 163 4.20 -4.14 -10.01
N GLY C 164 5.05 -4.62 -9.09
CA GLY C 164 4.60 -5.29 -7.88
C GLY C 164 4.38 -6.79 -8.05
N ALA C 165 3.73 -7.39 -7.05
CA ALA C 165 3.47 -8.83 -7.04
C ALA C 165 2.42 -9.27 -8.07
N ASP C 166 1.68 -8.32 -8.66
CA ASP C 166 0.80 -8.64 -9.80
C ASP C 166 1.38 -8.23 -11.16
N GLY C 167 2.57 -7.64 -11.17
CA GLY C 167 3.18 -7.15 -12.40
C GLY C 167 4.66 -7.51 -12.53
N GLN C 168 4.96 -8.80 -12.55
CA GLN C 168 6.32 -9.30 -12.76
C GLN C 168 6.52 -9.73 -14.20
N ALA C 169 5.51 -10.36 -14.80
CA ALA C 169 5.61 -10.88 -16.17
C ALA C 169 5.53 -9.84 -17.28
N GLY C 170 4.75 -8.78 -17.10
CA GLY C 170 4.51 -7.79 -18.17
C GLY C 170 3.37 -8.12 -19.12
N TYR C 171 2.66 -9.22 -18.84
CA TYR C 171 1.45 -9.58 -19.59
C TYR C 171 0.56 -10.54 -18.80
N SER C 172 -0.63 -10.77 -19.33
CA SER C 172 -1.49 -11.86 -18.87
C SER C 172 -2.08 -12.50 -20.11
N LEU C 173 -1.92 -13.81 -20.26
CA LEU C 173 -2.46 -14.52 -21.43
C LEU C 173 -3.65 -15.37 -21.01
N VAL C 174 -4.76 -15.25 -21.74
CA VAL C 174 -5.99 -15.99 -21.42
C VAL C 174 -6.71 -16.47 -22.67
N SER C 175 -7.64 -17.41 -22.49
CA SER C 175 -8.63 -17.78 -23.50
C SER C 175 -9.93 -17.16 -23.08
N CYS C 176 -10.62 -16.50 -24.02
CA CYS C 176 -11.98 -16.03 -23.77
C CYS C 176 -12.93 -16.81 -24.66
N ILE C 177 -14.15 -17.02 -24.16
CA ILE C 177 -15.23 -17.74 -24.86
C ILE C 177 -16.53 -16.98 -24.62
N VAL C 178 -17.16 -16.52 -25.71
CA VAL C 178 -18.42 -15.81 -25.63
C VAL C 178 -19.49 -16.74 -26.15
N SER C 179 -20.54 -16.96 -25.36
CA SER C 179 -21.61 -17.88 -25.76
C SER C 179 -22.94 -17.48 -25.19
N PRO C 180 -23.97 -17.25 -26.05
CA PRO C 180 -23.97 -17.27 -27.50
C PRO C 180 -22.88 -16.39 -28.11
N GLY C 181 -22.55 -16.67 -29.38
CA GLY C 181 -21.31 -16.20 -29.99
C GLY C 181 -21.15 -14.71 -30.16
N PHE C 182 -19.91 -14.31 -30.44
CA PHE C 182 -19.54 -12.92 -30.57
C PHE C 182 -19.82 -12.43 -32.00
N ASP C 183 -20.39 -11.22 -32.08
CA ASP C 183 -20.70 -10.58 -33.36
C ASP C 183 -20.57 -9.08 -33.16
N TYR C 184 -19.86 -8.41 -34.07
CA TYR C 184 -19.49 -7.02 -33.85
C TYR C 184 -20.70 -6.12 -33.71
N ARG C 185 -21.84 -6.58 -34.22
CA ARG C 185 -23.10 -5.88 -34.02
C ARG C 185 -23.56 -5.85 -32.56
N ASP C 186 -22.99 -6.69 -31.68
CA ASP C 186 -23.28 -6.66 -30.25
C ASP C 186 -22.07 -6.16 -29.42
N PHE C 187 -21.10 -5.57 -30.08
CA PHE C 187 -19.95 -5.00 -29.42
C PHE C 187 -20.19 -3.51 -29.26
N GLU C 188 -20.33 -3.04 -28.03
CA GLU C 188 -20.48 -1.60 -27.77
C GLU C 188 -19.29 -1.07 -26.94
N ILE C 189 -18.66 -0.02 -27.45
CA ILE C 189 -17.49 0.63 -26.82
C ILE C 189 -17.93 1.97 -26.20
N PHE C 190 -17.32 2.36 -25.09
CA PHE C 190 -17.74 3.57 -24.41
C PHE C 190 -16.57 4.58 -24.36
N THR C 191 -16.87 5.84 -24.08
CA THR C 191 -15.87 6.89 -23.84
C THR C 191 -16.11 7.43 -22.44
N GLN C 192 -15.10 8.06 -21.84
CA GLN C 192 -15.22 8.53 -20.46
C GLN C 192 -16.32 9.57 -20.30
N ALA C 193 -16.35 10.53 -21.22
CA ALA C 193 -17.33 11.61 -21.19
C ALA C 193 -18.74 11.05 -21.17
N GLN C 194 -19.03 10.11 -22.09
CA GLN C 194 -20.29 9.32 -22.12
C GLN C 194 -20.67 8.67 -20.76
N LEU C 195 -19.77 7.88 -20.19
CA LEU C 195 -20.06 7.16 -18.93
C LEU C 195 -20.22 8.08 -17.71
N MET C 196 -19.46 9.16 -17.66
CA MET C 196 -19.59 10.15 -16.58
C MET C 196 -20.97 10.84 -16.49
N GLU C 197 -21.74 10.78 -17.57
CA GLU C 197 -23.08 11.38 -17.61
C GLU C 197 -24.14 10.45 -17.03
N LEU C 198 -23.88 9.13 -17.12
CA LEU C 198 -24.79 8.12 -16.60
C LEU C 198 -24.33 7.54 -15.25
N TYR C 199 -23.05 7.22 -15.15
CA TYR C 199 -22.53 6.48 -13.99
C TYR C 199 -21.37 7.23 -13.32
N PRO C 200 -21.61 8.49 -12.88
CA PRO C 200 -20.53 9.31 -12.31
C PRO C 200 -20.01 8.84 -10.96
N GLN C 201 -20.76 7.97 -10.30
CA GLN C 201 -20.33 7.35 -9.04
C GLN C 201 -19.13 6.43 -9.21
N HIS C 202 -18.91 5.95 -10.44
CA HIS C 202 -17.82 5.04 -10.79
C HIS C 202 -16.64 5.76 -11.46
N GLU C 203 -16.45 7.04 -11.16
CA GLU C 203 -15.46 7.89 -11.83
C GLU C 203 -14.01 7.38 -11.88
N ALA C 204 -13.58 6.69 -10.82
CA ALA C 204 -12.22 6.14 -10.77
C ALA C 204 -11.99 5.03 -11.79
N VAL C 205 -12.94 4.11 -11.92
CA VAL C 205 -12.85 3.04 -12.93
C VAL C 205 -13.01 3.62 -14.34
N ILE C 206 -13.87 4.63 -14.50
CA ILE C 206 -14.12 5.23 -15.82
C ILE C 206 -12.87 5.97 -16.34
N LYS C 207 -12.30 6.83 -15.51
CA LYS C 207 -11.09 7.56 -15.90
C LYS C 207 -9.86 6.65 -16.11
N GLN C 208 -9.82 5.52 -15.42
CA GLN C 208 -8.77 4.52 -15.60
C GLN C 208 -8.97 3.70 -16.88
N MET C 209 -10.20 3.20 -17.08
CA MET C 209 -10.45 2.09 -18.03
C MET C 209 -11.24 2.41 -19.31
N ALA C 210 -11.93 3.55 -19.38
CA ALA C 210 -12.61 3.93 -20.65
C ALA C 210 -11.74 4.87 -21.52
N TYR C 211 -11.79 4.67 -22.82
CA TYR C 211 -11.16 5.54 -23.83
C TYR C 211 -11.44 7.02 -23.60
N GLU C 212 -10.38 7.83 -23.58
CA GLU C 212 -10.49 9.28 -23.73
C GLU C 212 -10.40 9.59 -25.21
N PRO D 16 30.55 38.02 35.34
CA PRO D 16 31.23 38.08 34.05
C PRO D 16 30.41 38.80 32.99
N PRO D 17 31.04 39.26 31.90
CA PRO D 17 30.30 39.97 30.86
C PRO D 17 29.36 39.02 30.14
N GLN D 18 28.32 39.56 29.51
CA GLN D 18 27.41 38.74 28.69
C GLN D 18 28.16 37.96 27.62
N ASN D 19 27.55 36.85 27.18
CA ASN D 19 27.98 36.16 25.98
C ASN D 19 29.33 35.44 26.20
N THR D 20 29.67 35.18 27.45
CA THR D 20 30.89 34.44 27.80
C THR D 20 30.51 33.14 28.53
N ALA D 21 31.30 32.09 28.30
CA ALA D 21 31.18 30.86 29.06
C ALA D 21 30.75 31.13 30.49
N GLU D 22 31.52 31.94 31.20
CA GLU D 22 31.35 32.07 32.65
C GLU D 22 30.09 32.84 33.03
N PHE D 23 29.63 33.70 32.13
CA PHE D 23 28.35 34.38 32.26
C PHE D 23 27.26 33.32 32.27
N TRP D 24 27.26 32.46 31.25
CA TRP D 24 26.26 31.41 31.10
C TRP D 24 26.34 30.33 32.18
N ILE D 25 27.55 29.91 32.54
CA ILE D 25 27.73 28.93 33.62
C ILE D 25 27.14 29.48 34.94
N LYS D 26 27.39 30.75 35.22
CA LYS D 26 26.91 31.39 36.44
C LYS D 26 25.40 31.62 36.39
N ARG D 27 24.93 32.25 35.32
CA ARG D 27 23.53 32.71 35.26
C ARG D 27 22.49 31.61 35.02
N LEU D 28 22.92 30.50 34.41
CA LEU D 28 22.08 29.33 34.22
C LEU D 28 22.38 28.23 35.26
N GLN D 29 23.31 28.52 36.18
CA GLN D 29 23.71 27.61 37.25
C GLN D 29 24.10 26.23 36.69
N LEU D 30 24.94 26.25 35.66
CA LEU D 30 25.44 25.02 35.04
C LEU D 30 26.52 24.37 35.91
N VAL D 31 26.46 23.03 36.01
CA VAL D 31 27.44 22.22 36.73
C VAL D 31 27.97 21.12 35.80
N PRO D 32 29.09 20.46 36.16
CA PRO D 32 29.69 19.46 35.25
C PRO D 32 28.81 18.24 34.95
N HIS D 33 28.67 17.86 33.68
CA HIS D 33 27.90 16.65 33.34
C HIS D 33 28.84 15.41 33.28
N PRO D 34 28.35 14.23 33.71
CA PRO D 34 29.16 13.00 33.71
C PRO D 34 29.84 12.62 32.37
N GLU D 35 29.20 12.90 31.24
CA GLU D 35 29.76 12.68 29.89
C GLU D 35 30.77 13.77 29.48
N GLY D 36 30.75 14.89 30.20
CA GLY D 36 31.57 16.06 29.90
C GLY D 36 30.66 17.27 29.69
N GLY D 37 31.27 18.44 29.55
CA GLY D 37 30.52 19.67 29.35
C GLY D 37 29.82 20.13 30.61
N TYR D 38 29.08 21.22 30.51
CA TYR D 38 28.31 21.74 31.62
C TYR D 38 26.81 21.62 31.30
N TYR D 39 25.98 21.43 32.33
CA TYR D 39 24.54 21.36 32.13
C TYR D 39 23.74 21.86 33.33
N SER D 40 22.44 22.04 33.14
CA SER D 40 21.49 22.11 34.25
C SER D 40 20.12 21.65 33.74
N GLU D 41 19.37 21.01 34.62
CA GLU D 41 18.06 20.45 34.24
C GLU D 41 16.99 21.52 34.36
N VAL D 42 16.22 21.71 33.30
CA VAL D 42 15.20 22.75 33.27
C VAL D 42 13.85 22.15 33.67
N VAL D 43 13.31 21.26 32.85
CA VAL D 43 11.97 20.70 33.13
C VAL D 43 11.88 19.20 32.81
N ARG D 44 10.98 18.53 33.54
CA ARG D 44 10.62 17.14 33.33
C ARG D 44 9.11 17.07 33.15
N SER D 45 8.66 16.55 32.02
CA SER D 45 7.24 16.32 31.78
C SER D 45 6.60 15.73 33.00
N ALA D 46 5.44 16.27 33.38
CA ALA D 46 4.60 15.76 34.43
C ALA D 46 3.94 14.47 33.97
N HIS D 47 3.71 14.36 32.68
CA HIS D 47 3.08 13.18 32.08
C HIS D 47 4.14 12.10 31.81
N LYS D 48 3.82 10.84 32.08
CA LYS D 48 4.75 9.73 31.92
C LYS D 48 4.31 8.85 30.76
N VAL D 49 5.29 8.23 30.09
CA VAL D 49 5.02 7.40 28.91
C VAL D 49 5.90 6.15 28.91
N ASP D 50 5.58 5.20 28.03
CA ASP D 50 6.42 4.05 27.79
C ASP D 50 7.41 4.42 26.70
N ASN D 51 8.70 4.26 26.98
CA ASN D 51 9.74 4.58 26.01
C ASN D 51 9.96 3.41 25.02
N GLU D 52 11.07 3.43 24.26
CA GLU D 52 11.28 2.49 23.16
C GLU D 52 11.56 1.05 23.61
N GLU D 53 11.99 0.90 24.87
CA GLU D 53 12.25 -0.41 25.49
C GLU D 53 11.16 -0.81 26.48
N GLY D 54 10.06 -0.06 26.51
CA GLY D 54 8.90 -0.43 27.35
C GLY D 54 8.93 0.08 28.79
N ASN D 55 9.92 0.91 29.13
CA ASN D 55 10.08 1.43 30.50
C ASN D 55 9.39 2.78 30.67
N ARG D 56 8.92 3.06 31.88
CA ARG D 56 8.17 4.29 32.17
C ARG D 56 9.14 5.43 32.33
N ARG D 57 8.92 6.48 31.54
CA ARG D 57 9.79 7.64 31.50
C ARG D 57 8.91 8.89 31.41
N HIS D 58 9.41 10.02 31.88
CA HIS D 58 8.79 11.32 31.60
C HIS D 58 8.62 11.50 30.11
N ALA D 59 7.55 12.17 29.68
CA ALA D 59 7.29 12.38 28.26
C ALA D 59 8.45 13.08 27.56
N TYR D 60 9.17 13.92 28.31
CA TYR D 60 10.34 14.63 27.83
C TYR D 60 11.06 15.22 29.04
N THR D 61 12.36 15.41 28.93
CA THR D 61 13.14 16.15 29.88
C THR D 61 13.97 17.14 29.07
N THR D 62 14.13 18.37 29.56
CA THR D 62 14.92 19.35 28.84
C THR D 62 16.11 19.81 29.67
N ILE D 63 17.22 20.13 29.02
CA ILE D 63 18.36 20.70 29.74
C ILE D 63 18.91 21.97 29.11
N TYR D 64 19.81 22.61 29.83
CA TYR D 64 20.72 23.56 29.21
C TYR D 64 22.04 22.82 29.12
N PHE D 65 22.73 22.93 27.99
CA PHE D 65 24.03 22.34 27.84
C PHE D 65 25.01 23.34 27.25
N LEU D 66 26.17 23.45 27.88
CA LEU D 66 27.24 24.29 27.36
C LEU D 66 28.51 23.45 27.20
N CYS D 67 29.07 23.48 26.00
CA CYS D 67 30.26 22.75 25.65
C CYS D 67 31.40 23.73 25.40
N THR D 68 32.61 23.33 25.77
CA THR D 68 33.81 24.15 25.54
C THR D 68 34.90 23.28 24.91
N PRO D 69 35.99 23.90 24.41
CA PRO D 69 37.08 23.11 23.88
C PRO D 69 37.80 22.23 24.92
N GLU D 70 37.90 22.71 26.16
CA GLU D 70 38.51 21.92 27.27
C GLU D 70 37.56 20.89 27.90
N SER D 71 36.28 20.93 27.54
CA SER D 71 35.30 20.02 28.11
C SER D 71 34.24 19.60 27.10
N PRO D 72 34.60 18.69 26.19
CA PRO D 72 33.66 18.10 25.26
C PRO D 72 32.72 17.10 25.90
N SER D 73 31.59 16.83 25.26
CA SER D 73 30.73 15.73 25.69
C SER D 73 31.24 14.48 24.98
N HIS D 74 31.61 13.47 25.76
CA HIS D 74 32.28 12.30 25.23
C HIS D 74 31.27 11.33 24.66
N LEU D 75 31.77 10.37 23.89
CA LEU D 75 30.91 9.43 23.19
C LEU D 75 30.03 8.69 24.18
N HIS D 76 28.73 8.64 23.88
CA HIS D 76 27.75 8.01 24.73
C HIS D 76 26.52 7.66 23.89
N ARG D 77 25.48 7.14 24.52
CA ARG D 77 24.33 6.62 23.77
C ARG D 77 23.06 6.63 24.63
N LEU D 78 21.92 6.87 24.01
CA LEU D 78 20.64 6.84 24.72
C LEU D 78 19.73 5.85 24.01
N CYS D 79 18.47 5.77 24.42
CA CYS D 79 17.51 4.98 23.64
C CYS D 79 16.37 5.82 23.07
N SER D 80 16.37 7.11 23.36
CA SER D 80 15.36 7.99 22.82
C SER D 80 16.07 9.07 22.03
N ASP D 81 15.36 9.71 21.11
CA ASP D 81 15.88 10.81 20.34
C ASP D 81 16.12 12.01 21.25
N GLU D 82 17.28 12.67 21.09
CA GLU D 82 17.59 13.93 21.74
C GLU D 82 17.69 15.01 20.68
N THR D 83 16.98 16.14 20.87
CA THR D 83 17.03 17.25 19.91
C THR D 83 17.83 18.48 20.43
N TRP D 84 18.79 18.92 19.64
CA TRP D 84 19.69 20.04 19.99
C TRP D 84 19.18 21.35 19.40
N MET D 85 19.16 22.42 20.19
CA MET D 85 18.71 23.74 19.71
C MET D 85 19.70 24.86 20.03
N TYR D 86 20.21 25.52 19.00
CA TYR D 86 21.16 26.60 19.18
C TYR D 86 20.61 27.81 19.95
N HIS D 87 21.43 28.36 20.84
CA HIS D 87 21.15 29.59 21.60
C HIS D 87 22.28 30.65 21.48
N ALA D 88 23.51 30.28 21.81
CA ALA D 88 24.61 31.24 21.87
C ALA D 88 26.00 30.65 21.62
N GLY D 89 26.97 31.53 21.36
CA GLY D 89 28.36 31.18 21.22
C GLY D 89 28.70 30.58 19.87
N ASP D 90 29.74 29.75 19.85
CA ASP D 90 30.14 29.05 18.62
C ASP D 90 29.11 28.02 18.26
N PRO D 91 29.10 27.53 17.01
CA PRO D 91 28.31 26.35 16.73
C PRO D 91 28.87 25.14 17.46
N LEU D 92 27.99 24.26 17.93
CA LEU D 92 28.37 22.99 18.54
C LEU D 92 28.49 21.92 17.44
N GLN D 93 29.67 21.35 17.31
CA GLN D 93 29.87 20.27 16.34
C GLN D 93 29.39 18.98 16.95
N LEU D 94 28.39 18.36 16.32
CA LEU D 94 27.88 17.06 16.77
C LEU D 94 28.52 15.91 16.01
N HIS D 95 29.12 14.99 16.76
CA HIS D 95 29.73 13.77 16.20
C HIS D 95 28.80 12.58 16.43
N VAL D 96 28.27 12.03 15.34
CA VAL D 96 27.14 11.09 15.40
C VAL D 96 27.37 9.83 14.57
N ILE D 97 27.50 8.69 15.25
CA ILE D 97 27.59 7.40 14.61
C ILE D 97 26.18 6.79 14.67
N LEU D 98 25.50 6.72 13.53
CA LEU D 98 24.11 6.25 13.48
C LEU D 98 24.05 4.73 13.60
N LYS D 99 22.95 4.20 14.17
CA LYS D 99 22.77 2.75 14.24
C LYS D 99 22.55 2.20 12.83
N ASP D 100 21.57 2.75 12.12
CA ASP D 100 21.49 2.65 10.65
C ASP D 100 21.31 4.08 10.16
N PRO D 101 21.21 4.28 8.82
CA PRO D 101 20.65 5.54 8.29
C PRO D 101 19.20 5.83 8.81
N GLN D 102 19.13 6.42 10.00
CA GLN D 102 17.89 6.65 10.76
C GLN D 102 17.51 8.14 10.92
N ASP D 103 18.10 9.03 10.11
CA ASP D 103 17.62 10.40 10.04
C ASP D 103 16.28 10.44 9.30
N GLU D 104 16.04 9.45 8.45
CA GLU D 104 14.82 9.36 7.60
C GLU D 104 13.54 9.14 8.40
N ASP D 105 13.61 8.30 9.43
CA ASP D 105 12.43 7.92 10.23
C ASP D 105 11.89 9.08 11.11
N ARG D 106 12.75 10.04 11.43
CA ARG D 106 12.40 11.18 12.30
C ARG D 106 11.70 12.31 11.54
N ARG D 125 21.98 -6.82 8.49
CA ARG D 125 22.03 -5.37 8.42
C ARG D 125 23.13 -4.80 9.34
N PRO D 126 24.33 -4.54 8.79
CA PRO D 126 25.39 -4.04 9.68
C PRO D 126 25.07 -2.66 10.26
N LYS D 127 25.63 -2.39 11.43
CA LYS D 127 25.30 -1.23 12.24
C LYS D 127 26.52 -0.35 12.45
N TYR D 128 26.24 0.89 12.84
CA TYR D 128 27.28 1.86 13.20
C TYR D 128 28.29 2.17 12.08
N GLN D 129 27.85 1.95 10.85
CA GLN D 129 28.65 2.22 9.66
C GLN D 129 28.77 3.72 9.37
N VAL D 130 27.70 4.47 9.57
CA VAL D 130 27.72 5.85 9.11
C VAL D 130 28.01 6.84 10.23
N TYR D 131 29.00 7.71 9.98
CA TYR D 131 29.40 8.78 10.87
C TYR D 131 29.03 10.15 10.28
N ARG D 132 28.18 10.90 10.98
CA ARG D 132 27.83 12.24 10.56
C ARG D 132 28.41 13.25 11.52
N ARG D 133 28.97 14.32 10.95
CA ARG D 133 29.34 15.51 11.67
C ARG D 133 28.30 16.58 11.32
N VAL D 134 27.68 17.15 12.35
CA VAL D 134 26.66 18.19 12.18
C VAL D 134 27.01 19.40 13.04
N LEU D 135 26.94 20.60 12.46
CA LEU D 135 27.11 21.83 13.22
C LEU D 135 25.72 22.37 13.58
N VAL D 136 25.51 22.64 14.86
CA VAL D 136 24.29 23.28 15.35
C VAL D 136 24.59 24.77 15.59
N GLY D 137 24.00 25.64 14.78
CA GLY D 137 24.31 27.07 14.85
C GLY D 137 23.39 27.90 14.00
N ALA D 138 23.62 29.22 13.99
CA ALA D 138 22.69 30.17 13.36
C ALA D 138 23.13 30.63 11.96
N ARG D 139 24.34 30.24 11.54
CA ARG D 139 24.84 30.55 10.21
C ARG D 139 24.36 29.56 9.16
N VAL D 140 23.04 29.50 8.96
CA VAL D 140 22.45 28.58 8.00
C VAL D 140 23.06 28.67 6.60
N GLU D 141 23.61 29.82 6.26
CA GLU D 141 24.27 30.03 4.97
C GLU D 141 25.55 29.20 4.84
N ARG D 142 26.15 28.86 5.98
CA ARG D 142 27.38 28.04 6.02
C ARG D 142 27.14 26.57 6.32
N GLY D 143 25.88 26.12 6.26
CA GLY D 143 25.56 24.71 6.47
C GLY D 143 25.10 24.36 7.88
N GLU D 144 25.12 25.34 8.77
CA GLU D 144 24.77 25.13 10.17
C GLU D 144 23.26 24.95 10.32
N LEU D 145 22.84 24.20 11.34
CA LEU D 145 21.43 23.89 11.57
C LEU D 145 21.04 24.45 12.92
N LEU D 146 19.99 25.26 12.97
CA LEU D 146 19.47 25.77 14.24
C LEU D 146 18.96 24.66 15.16
N GLN D 147 18.38 23.62 14.55
CA GLN D 147 17.80 22.48 15.27
C GLN D 147 18.26 21.15 14.66
N TYR D 148 18.65 20.20 15.49
CA TYR D 148 18.97 18.85 14.99
C TYR D 148 18.67 17.76 16.02
N THR D 149 18.26 16.60 15.53
CA THR D 149 17.81 15.49 16.37
C THR D 149 18.70 14.29 16.17
N VAL D 150 19.33 13.85 17.26
CA VAL D 150 20.20 12.67 17.29
C VAL D 150 19.33 11.46 17.56
N PRO D 151 19.16 10.57 16.57
CA PRO D 151 18.19 9.48 16.77
C PRO D 151 18.64 8.55 17.86
N GLY D 152 17.69 8.07 18.68
CA GLY D 152 18.03 7.12 19.74
C GLY D 152 18.79 5.92 19.20
N GLY D 153 19.87 5.53 19.89
CA GLY D 153 20.72 4.41 19.52
C GLY D 153 22.06 4.84 18.91
N ALA D 154 22.12 6.10 18.50
CA ALA D 154 23.33 6.67 17.95
C ALA D 154 24.35 6.82 19.05
N ILE D 155 25.62 6.58 18.71
CA ILE D 155 26.74 6.87 19.61
C ILE D 155 27.19 8.26 19.23
N PHE D 156 27.13 9.17 20.17
CA PHE D 156 27.41 10.56 19.85
C PHE D 156 28.07 11.39 20.94
N GLY D 157 28.61 12.51 20.51
CA GLY D 157 29.38 13.41 21.38
C GLY D 157 29.31 14.81 20.81
N SER D 158 29.90 15.77 21.48
CA SER D 158 29.86 17.13 20.99
C SER D 158 31.14 17.88 21.35
N SER D 159 31.67 18.63 20.39
CA SER D 159 32.88 19.46 20.62
C SER D 159 32.73 20.87 20.07
N VAL D 160 33.64 21.75 20.49
CA VAL D 160 33.68 23.12 20.00
C VAL D 160 35.12 23.37 19.59
N ALA D 161 35.30 24.12 18.50
CA ALA D 161 36.62 24.32 17.92
C ALA D 161 37.47 25.19 18.83
N ALA D 162 38.75 24.89 18.93
CA ALA D 162 39.65 25.69 19.78
C ALA D 162 39.90 27.05 19.14
N ASP D 163 40.00 27.05 17.81
CA ASP D 163 40.35 28.27 17.05
C ASP D 163 39.58 28.28 15.73
N GLY D 164 39.83 29.30 14.91
CA GLY D 164 39.22 29.41 13.58
C GLY D 164 37.85 30.07 13.56
N ALA D 165 37.18 30.01 12.41
CA ALA D 165 35.90 30.70 12.21
C ALA D 165 34.70 29.97 12.85
N ASP D 166 34.93 28.78 13.40
CA ASP D 166 33.95 28.09 14.25
C ASP D 166 34.33 28.07 15.75
N GLY D 167 35.45 28.70 16.10
CA GLY D 167 35.95 28.69 17.47
C GLY D 167 36.51 30.03 17.92
N GLN D 168 35.67 31.04 17.86
CA GLN D 168 35.99 32.40 18.30
C GLN D 168 35.33 32.75 19.63
N ALA D 169 34.24 32.06 19.97
CA ALA D 169 33.42 32.39 21.12
C ALA D 169 33.89 31.60 22.36
N GLY D 170 34.46 30.42 22.14
CA GLY D 170 35.06 29.65 23.21
C GLY D 170 34.08 28.80 23.95
N TYR D 171 32.87 28.71 23.40
CA TYR D 171 31.80 27.87 23.92
C TYR D 171 30.64 27.75 22.92
N SER D 172 29.76 26.80 23.18
CA SER D 172 28.48 26.70 22.48
C SER D 172 27.44 26.37 23.52
N LEU D 173 26.33 27.09 23.50
CA LEU D 173 25.25 26.86 24.46
C LEU D 173 23.99 26.49 23.69
N VAL D 174 23.33 25.46 24.20
CA VAL D 174 22.13 24.94 23.57
C VAL D 174 21.10 24.51 24.60
N SER D 175 19.91 24.15 24.12
CA SER D 175 18.94 23.39 24.89
C SER D 175 18.87 22.03 24.26
N CYS D 176 18.80 21.01 25.10
CA CYS D 176 18.55 19.66 24.63
C CYS D 176 17.24 19.16 25.22
N ILE D 177 16.47 18.47 24.41
CA ILE D 177 15.21 17.83 24.84
C ILE D 177 15.29 16.35 24.46
N VAL D 178 15.30 15.48 25.46
CA VAL D 178 15.22 14.03 25.20
C VAL D 178 13.76 13.61 25.31
N SER D 179 13.24 12.94 24.27
CA SER D 179 11.84 12.46 24.29
C SER D 179 11.63 11.12 23.55
N PRO D 180 11.15 10.09 24.26
CA PRO D 180 10.84 9.98 25.69
C PRO D 180 12.01 10.36 26.60
N GLY D 181 11.68 10.68 27.84
CA GLY D 181 12.58 11.37 28.76
C GLY D 181 13.90 10.69 29.08
N PHE D 182 14.81 11.49 29.63
CA PHE D 182 16.14 11.00 30.01
C PHE D 182 16.07 10.30 31.36
N ASP D 183 16.76 9.16 31.43
CA ASP D 183 16.96 8.44 32.66
C ASP D 183 18.38 7.85 32.62
N TYR D 184 19.08 7.94 33.73
CA TYR D 184 20.47 7.49 33.80
C TYR D 184 20.58 5.97 33.62
N ARG D 185 19.52 5.25 33.89
CA ARG D 185 19.51 3.82 33.63
C ARG D 185 19.73 3.56 32.15
N ASP D 186 19.32 4.52 31.30
CA ASP D 186 19.46 4.41 29.84
C ASP D 186 20.63 5.20 29.30
N PHE D 187 21.59 5.51 30.15
CA PHE D 187 22.72 6.31 29.71
C PHE D 187 23.95 5.44 29.68
N GLU D 188 24.45 5.16 28.48
CA GLU D 188 25.67 4.37 28.30
C GLU D 188 26.85 5.24 27.87
N ILE D 189 27.95 5.17 28.60
CA ILE D 189 29.19 5.91 28.28
C ILE D 189 30.28 4.92 27.86
N PHE D 190 31.13 5.30 26.90
CA PHE D 190 32.09 4.37 26.31
C PHE D 190 33.52 4.76 26.60
N THR D 191 34.45 3.81 26.45
CA THR D 191 35.87 4.12 26.45
C THR D 191 36.42 3.88 25.03
N GLN D 192 37.55 4.49 24.70
CA GLN D 192 38.22 4.26 23.43
C GLN D 192 38.59 2.77 23.24
N ALA D 193 39.27 2.20 24.23
CA ALA D 193 39.71 0.81 24.15
C ALA D 193 38.56 -0.13 23.80
N GLN D 194 37.44 0.01 24.50
CA GLN D 194 36.16 -0.68 24.19
C GLN D 194 35.69 -0.49 22.74
N LEU D 195 35.52 0.75 22.28
CA LEU D 195 34.95 1.01 20.94
C LEU D 195 35.84 0.54 19.78
N MET D 196 37.15 0.65 19.92
CA MET D 196 38.08 0.11 18.91
C MET D 196 37.94 -1.41 18.69
N GLU D 197 37.33 -2.10 19.66
CA GLU D 197 37.05 -3.53 19.56
C GLU D 197 35.87 -3.81 18.65
N LEU D 198 34.98 -2.84 18.53
CA LEU D 198 33.79 -3.03 17.73
C LEU D 198 33.87 -2.22 16.45
N TYR D 199 34.28 -0.96 16.55
CA TYR D 199 34.24 -0.01 15.44
C TYR D 199 35.61 0.63 15.20
N PRO D 200 36.62 -0.19 14.81
CA PRO D 200 37.96 0.30 14.55
C PRO D 200 38.08 1.13 13.28
N GLN D 201 37.11 0.99 12.39
CA GLN D 201 37.00 1.81 11.20
C GLN D 201 36.75 3.28 11.53
N HIS D 202 36.18 3.55 12.70
CA HIS D 202 35.93 4.91 13.17
C HIS D 202 36.99 5.40 14.16
N GLU D 203 38.21 4.85 14.08
CA GLU D 203 39.27 5.17 15.06
C GLU D 203 39.49 6.68 15.30
N ALA D 204 39.44 7.49 14.24
CA ALA D 204 39.66 8.91 14.39
C ALA D 204 38.61 9.60 15.29
N VAL D 205 37.32 9.46 14.97
CA VAL D 205 36.25 9.96 15.85
C VAL D 205 36.37 9.37 17.26
N ILE D 206 36.68 8.09 17.38
CA ILE D 206 36.82 7.45 18.71
C ILE D 206 37.96 8.07 19.53
N LYS D 207 39.14 8.21 18.92
CA LYS D 207 40.29 8.73 19.66
C LYS D 207 40.18 10.22 20.01
N GLN D 208 39.36 10.95 19.27
CA GLN D 208 39.07 12.35 19.61
C GLN D 208 38.02 12.45 20.73
N MET D 209 36.97 11.62 20.65
CA MET D 209 35.71 11.85 21.38
C MET D 209 35.36 10.86 22.48
N ALA D 210 36.01 9.70 22.52
CA ALA D 210 35.78 8.75 23.62
C ALA D 210 36.80 8.93 24.78
N TYR D 211 36.30 8.81 26.01
CA TYR D 211 37.14 8.78 27.22
C TYR D 211 38.23 7.73 27.10
N GLU D 212 39.45 8.10 27.50
CA GLU D 212 40.49 7.15 27.85
C GLU D 212 40.80 7.29 29.34
N GLN E 18 -13.44 16.89 9.61
CA GLN E 18 -14.04 15.53 9.75
C GLN E 18 -13.91 15.00 11.17
N ASN E 19 -14.87 14.15 11.56
CA ASN E 19 -14.74 13.32 12.75
C ASN E 19 -13.79 12.16 12.44
N THR E 20 -13.20 11.61 13.49
CA THR E 20 -12.20 10.55 13.42
C THR E 20 -12.65 9.47 14.39
N ALA E 21 -11.97 8.32 14.40
CA ALA E 21 -12.26 7.28 15.38
C ALA E 21 -12.14 7.81 16.79
N GLU E 22 -11.07 8.53 17.09
CA GLU E 22 -10.91 9.14 18.41
C GLU E 22 -12.19 9.82 18.85
N PHE E 23 -12.78 10.59 17.94
CA PHE E 23 -13.98 11.34 18.24
C PHE E 23 -15.08 10.36 18.66
N TRP E 24 -15.36 9.36 17.84
CA TRP E 24 -16.46 8.45 18.16
C TRP E 24 -16.17 7.49 19.31
N ILE E 25 -14.90 7.13 19.51
CA ILE E 25 -14.52 6.24 20.63
C ILE E 25 -14.73 6.93 21.99
N LYS E 26 -14.36 8.19 22.08
CA LYS E 26 -14.57 8.98 23.28
C LYS E 26 -16.06 9.18 23.54
N ARG E 27 -16.78 9.62 22.51
CA ARG E 27 -18.14 10.12 22.67
C ARG E 27 -19.13 9.01 22.95
N LEU E 28 -19.00 7.92 22.21
CA LEU E 28 -19.83 6.75 22.43
C LEU E 28 -19.28 5.81 23.51
N GLN E 29 -18.15 6.18 24.12
CA GLN E 29 -17.48 5.36 25.15
C GLN E 29 -17.21 3.92 24.64
N LEU E 30 -16.80 3.80 23.39
CA LEU E 30 -16.40 2.49 22.85
C LEU E 30 -15.16 1.94 23.55
N VAL E 31 -15.13 0.63 23.77
CA VAL E 31 -13.97 -0.12 24.30
C VAL E 31 -13.64 -1.24 23.33
N PRO E 32 -12.48 -1.90 23.50
CA PRO E 32 -12.15 -2.97 22.55
C PRO E 32 -13.09 -4.15 22.66
N HIS E 33 -13.45 -4.75 21.53
CA HIS E 33 -14.25 -5.96 21.47
C HIS E 33 -13.30 -7.13 21.19
N PRO E 34 -13.51 -8.30 21.82
CA PRO E 34 -12.65 -9.49 21.64
C PRO E 34 -12.22 -9.83 20.21
N GLU E 35 -13.17 -9.80 19.27
CA GLU E 35 -12.89 -10.11 17.85
C GLU E 35 -12.03 -9.07 17.12
N GLY E 36 -12.05 -7.83 17.62
CA GLY E 36 -11.39 -6.70 17.02
C GLY E 36 -12.37 -5.55 16.91
N GLY E 37 -11.88 -4.36 16.59
CA GLY E 37 -12.70 -3.17 16.55
C GLY E 37 -13.10 -2.71 17.94
N TYR E 38 -14.00 -1.74 17.97
CA TYR E 38 -14.41 -1.11 19.22
C TYR E 38 -15.93 -1.26 19.39
N TYR E 39 -16.42 -1.27 20.62
CA TYR E 39 -17.86 -1.35 20.81
C TYR E 39 -18.35 -0.78 22.14
N SER E 40 -19.66 -0.57 22.21
CA SER E 40 -20.35 -0.47 23.48
C SER E 40 -21.80 -0.93 23.35
N GLU E 41 -22.30 -1.54 24.42
CA GLU E 41 -23.67 -2.05 24.48
C GLU E 41 -24.67 -0.92 24.66
N VAL E 42 -25.76 -0.94 23.90
CA VAL E 42 -26.72 0.16 23.99
C VAL E 42 -27.94 -0.30 24.75
N VAL E 43 -28.72 -1.18 24.13
CA VAL E 43 -29.94 -1.70 24.73
C VAL E 43 -30.02 -3.21 24.64
N ARG E 44 -30.85 -3.76 25.51
CA ARG E 44 -31.12 -5.17 25.63
C ARG E 44 -32.63 -5.31 25.89
N SER E 45 -33.37 -5.86 24.92
CA SER E 45 -34.77 -6.18 25.09
C SER E 45 -35.07 -6.78 26.48
N ALA E 46 -36.03 -6.17 27.18
CA ALA E 46 -36.59 -6.73 28.42
C ALA E 46 -37.27 -8.08 28.20
N HIS E 47 -37.84 -8.28 27.02
CA HIS E 47 -38.52 -9.53 26.65
C HIS E 47 -37.48 -10.60 26.26
N LYS E 48 -37.63 -11.81 26.78
CA LYS E 48 -36.77 -12.93 26.43
C LYS E 48 -37.50 -13.91 25.50
N VAL E 49 -36.74 -14.57 24.64
CA VAL E 49 -37.29 -15.54 23.69
C VAL E 49 -36.33 -16.73 23.59
N ASP E 50 -36.79 -17.83 22.98
CA ASP E 50 -35.93 -18.96 22.67
C ASP E 50 -35.20 -18.69 21.36
N ASN E 51 -33.88 -18.90 21.32
CA ASN E 51 -33.11 -18.70 20.09
C ASN E 51 -33.11 -19.94 19.17
N GLU E 52 -32.22 -19.99 18.18
CA GLU E 52 -32.28 -21.06 17.17
C GLU E 52 -31.90 -22.42 17.71
N GLU E 53 -31.23 -22.44 18.86
CA GLU E 53 -30.74 -23.66 19.48
C GLU E 53 -31.49 -23.99 20.78
N GLY E 54 -32.66 -23.38 20.98
CA GLY E 54 -33.49 -23.70 22.14
C GLY E 54 -33.28 -22.78 23.34
N ASN E 55 -32.19 -22.03 23.35
CA ASN E 55 -31.76 -21.28 24.52
C ASN E 55 -32.47 -19.91 24.73
N ARG E 56 -32.65 -19.52 25.98
CA ARG E 56 -33.32 -18.28 26.33
C ARG E 56 -32.38 -17.09 26.18
N ARG E 57 -32.76 -16.19 25.29
CA ARG E 57 -31.95 -15.02 24.95
C ARG E 57 -32.86 -13.80 25.00
N HIS E 58 -32.27 -12.61 24.97
CA HIS E 58 -33.05 -11.38 24.81
C HIS E 58 -33.61 -11.38 23.40
N ALA E 59 -34.80 -10.83 23.23
CA ALA E 59 -35.39 -10.75 21.90
C ALA E 59 -34.39 -10.19 20.89
N TYR E 60 -33.64 -9.18 21.34
CA TYR E 60 -32.64 -8.50 20.53
C TYR E 60 -31.66 -7.79 21.46
N THR E 61 -30.41 -7.65 21.01
CA THR E 61 -29.38 -6.84 21.67
C THR E 61 -28.78 -5.92 20.62
N THR E 62 -28.46 -4.69 20.99
CA THR E 62 -27.84 -3.74 20.05
C THR E 62 -26.50 -3.22 20.58
N ILE E 63 -25.65 -2.79 19.66
CA ILE E 63 -24.36 -2.17 20.00
C ILE E 63 -24.05 -1.08 19.00
N TYR E 64 -23.11 -0.23 19.35
CA TYR E 64 -22.40 0.59 18.38
C TYR E 64 -21.12 -0.19 18.10
N PHE E 65 -20.77 -0.34 16.83
CA PHE E 65 -19.51 -0.94 16.42
C PHE E 65 -18.70 -0.02 15.53
N LEU E 66 -17.42 0.14 15.87
CA LEU E 66 -16.52 0.90 15.04
C LEU E 66 -15.35 0.01 14.66
N CYS E 67 -14.88 0.17 13.44
CA CYS E 67 -13.82 -0.63 12.85
C CYS E 67 -12.78 0.29 12.17
N THR E 68 -11.51 -0.04 12.29
CA THR E 68 -10.44 0.75 11.65
C THR E 68 -9.55 -0.17 10.83
N PRO E 69 -8.69 0.42 9.96
CA PRO E 69 -7.71 -0.39 9.25
C PRO E 69 -6.79 -1.20 10.19
N GLU E 70 -6.43 -0.61 11.34
CA GLU E 70 -5.51 -1.26 12.28
C GLU E 70 -6.23 -2.26 13.19
N SER E 71 -7.57 -2.22 13.21
CA SER E 71 -8.37 -3.02 14.12
C SER E 71 -9.60 -3.61 13.44
N PRO E 72 -9.40 -4.62 12.56
CA PRO E 72 -10.52 -5.31 11.92
C PRO E 72 -11.28 -6.18 12.90
N SER E 73 -12.51 -6.54 12.55
CA SER E 73 -13.24 -7.56 13.26
C SER E 73 -12.84 -8.89 12.65
N HIS E 74 -12.21 -9.77 13.44
CA HIS E 74 -11.67 -11.03 12.92
C HIS E 74 -12.74 -12.08 12.84
N LEU E 75 -12.50 -13.10 12.01
CA LEU E 75 -13.51 -14.10 11.69
C LEU E 75 -14.15 -14.72 12.94
N HIS E 76 -15.48 -14.77 12.94
CA HIS E 76 -16.22 -15.30 14.08
C HIS E 76 -17.61 -15.74 13.63
N ARG E 77 -18.35 -16.38 14.51
CA ARG E 77 -19.63 -16.95 14.16
C ARG E 77 -20.61 -16.70 15.30
N LEU E 78 -21.86 -16.46 14.95
CA LEU E 78 -22.90 -16.38 15.94
C LEU E 78 -23.88 -17.51 15.66
N CYS E 79 -25.02 -17.54 16.35
CA CYS E 79 -26.07 -18.45 15.97
C CYS E 79 -27.40 -17.74 15.69
N SER E 80 -27.41 -16.42 15.75
CA SER E 80 -28.54 -15.61 15.34
C SER E 80 -28.11 -14.64 14.25
N ASP E 81 -29.06 -14.08 13.51
CA ASP E 81 -28.78 -13.07 12.50
C ASP E 81 -28.28 -11.81 13.18
N GLU E 82 -27.31 -11.14 12.56
CA GLU E 82 -26.88 -9.82 12.98
C GLU E 82 -27.12 -8.79 11.83
N THR E 83 -27.84 -7.71 12.13
CA THR E 83 -28.10 -6.67 11.13
C THR E 83 -27.17 -5.47 11.39
N TRP E 84 -26.50 -5.00 10.33
CA TRP E 84 -25.52 -3.92 10.40
C TRP E 84 -26.07 -2.66 9.75
N MET E 85 -26.12 -1.55 10.48
CA MET E 85 -26.66 -0.28 9.94
C MET E 85 -25.60 0.79 9.88
N TYR E 86 -25.42 1.40 8.70
CA TYR E 86 -24.41 2.43 8.48
C TYR E 86 -24.79 3.77 9.12
N HIS E 87 -23.82 4.41 9.78
CA HIS E 87 -24.00 5.70 10.44
C HIS E 87 -23.01 6.77 9.94
N ALA E 88 -21.72 6.44 9.91
CA ALA E 88 -20.68 7.43 9.58
C ALA E 88 -19.36 6.82 9.11
N GLY E 89 -18.55 7.67 8.48
CA GLY E 89 -17.19 7.31 8.07
C GLY E 89 -17.21 6.51 6.77
N ASP E 90 -16.18 5.71 6.58
CA ASP E 90 -16.05 4.87 5.38
C ASP E 90 -17.06 3.73 5.32
N PRO E 91 -17.32 3.20 4.11
CA PRO E 91 -18.06 1.97 4.02
C PRO E 91 -17.37 0.82 4.74
N LEU E 92 -18.15 -0.03 5.39
CA LEU E 92 -17.61 -1.20 6.09
C LEU E 92 -17.65 -2.40 5.14
N GLN E 93 -16.51 -3.07 4.97
N GLN E 93 -16.50 -3.05 4.93
CA GLN E 93 -16.42 -4.26 4.15
CA GLN E 93 -16.46 -4.26 4.11
C GLN E 93 -16.72 -5.47 5.00
C GLN E 93 -16.72 -5.47 4.98
N LEU E 94 -17.86 -6.12 4.72
CA LEU E 94 -18.25 -7.33 5.41
C LEU E 94 -17.75 -8.49 4.58
N HIS E 95 -17.07 -9.42 5.26
CA HIS E 95 -16.55 -10.63 4.64
C HIS E 95 -17.39 -11.74 5.19
N VAL E 96 -18.27 -12.33 4.37
CA VAL E 96 -19.28 -13.25 4.88
C VAL E 96 -19.19 -14.62 4.20
N ILE E 97 -18.91 -15.66 4.99
CA ILE E 97 -18.95 -17.04 4.49
C ILE E 97 -20.25 -17.70 4.94
N LEU E 98 -21.16 -17.90 4.00
CA LEU E 98 -22.51 -18.32 4.32
C LEU E 98 -22.51 -19.81 4.53
N LYS E 99 -23.14 -20.28 5.59
CA LYS E 99 -23.21 -21.71 5.89
C LYS E 99 -23.88 -22.44 4.74
N ASP E 100 -25.04 -21.92 4.35
CA ASP E 100 -25.65 -22.22 3.07
C ASP E 100 -26.10 -20.87 2.49
N PRO E 101 -26.44 -20.82 1.19
CA PRO E 101 -27.07 -19.62 0.56
C PRO E 101 -28.32 -19.07 1.30
N GLN E 102 -28.08 -18.46 2.47
CA GLN E 102 -29.10 -18.13 3.46
C GLN E 102 -29.50 -16.64 3.51
N ASP E 103 -29.10 -15.87 2.49
CA ASP E 103 -29.56 -14.49 2.34
C ASP E 103 -31.02 -14.45 1.92
N GLU E 104 -31.42 -15.40 1.08
CA GLU E 104 -32.77 -15.41 0.45
C GLU E 104 -33.87 -15.66 1.48
N ASP E 105 -33.59 -16.51 2.45
CA ASP E 105 -34.60 -16.90 3.46
C ASP E 105 -35.05 -15.70 4.32
N ARG E 106 -34.20 -14.67 4.42
CA ARG E 106 -34.48 -13.44 5.17
C ARG E 106 -34.59 -12.20 4.28
N ARG E 125 -25.44 -31.49 1.09
CA ARG E 125 -25.17 -30.05 1.19
C ARG E 125 -23.86 -29.76 1.92
N PRO E 126 -22.72 -29.82 1.20
CA PRO E 126 -21.44 -29.30 1.70
C PRO E 126 -21.51 -27.82 2.09
N LYS E 127 -21.10 -27.48 3.31
CA LYS E 127 -21.32 -26.12 3.88
C LYS E 127 -20.20 -25.12 3.63
N TYR E 128 -20.48 -23.85 3.92
CA TYR E 128 -19.49 -22.76 3.84
C TYR E 128 -18.83 -22.66 2.47
N GLN E 129 -19.62 -22.88 1.44
CA GLN E 129 -19.12 -22.83 0.07
C GLN E 129 -19.06 -21.42 -0.49
N VAL E 130 -20.10 -20.62 -0.22
CA VAL E 130 -20.26 -19.33 -0.88
C VAL E 130 -19.67 -18.21 -0.04
N TYR E 131 -18.90 -17.35 -0.70
CA TYR E 131 -18.26 -16.22 -0.06
C TYR E 131 -18.77 -14.91 -0.65
N ARG E 132 -19.21 -14.00 0.21
CA ARG E 132 -19.79 -12.73 -0.22
C ARG E 132 -19.08 -11.53 0.40
N ARG E 133 -18.65 -10.62 -0.45
CA ARG E 133 -18.11 -9.34 -0.05
C ARG E 133 -19.25 -8.32 -0.11
N VAL E 134 -19.53 -7.67 1.02
CA VAL E 134 -20.59 -6.66 1.07
C VAL E 134 -20.05 -5.37 1.63
N LEU E 135 -20.47 -4.25 1.03
CA LEU E 135 -20.12 -2.93 1.54
C LEU E 135 -21.32 -2.31 2.24
N VAL E 136 -21.23 -2.15 3.56
CA VAL E 136 -22.20 -1.37 4.31
C VAL E 136 -21.83 0.11 4.23
N GLY E 137 -22.69 0.91 3.59
CA GLY E 137 -22.40 2.34 3.38
C GLY E 137 -23.54 3.16 2.81
N ALA E 138 -23.27 4.44 2.54
CA ALA E 138 -24.28 5.39 2.12
C ALA E 138 -24.33 5.59 0.60
N ARG E 139 -23.23 5.32 -0.09
CA ARG E 139 -23.17 5.51 -1.54
C ARG E 139 -23.79 4.31 -2.25
N VAL E 140 -25.11 4.22 -2.16
CA VAL E 140 -25.87 3.12 -2.77
C VAL E 140 -25.72 3.07 -4.29
N GLU E 141 -25.39 4.20 -4.89
CA GLU E 141 -25.14 4.23 -6.33
C GLU E 141 -23.87 3.45 -6.70
N ARG E 142 -22.99 3.23 -5.71
CA ARG E 142 -21.80 2.37 -5.85
C ARG E 142 -21.97 0.94 -5.34
N GLY E 143 -23.19 0.54 -5.02
CA GLY E 143 -23.48 -0.83 -4.64
C GLY E 143 -23.36 -1.05 -3.16
N GLU E 144 -23.19 0.03 -2.41
CA GLU E 144 -23.16 -0.04 -0.97
C GLU E 144 -24.59 -0.19 -0.46
N LEU E 145 -24.73 -0.77 0.73
CA LEU E 145 -26.03 -1.04 1.29
C LEU E 145 -26.09 -0.35 2.65
N LEU E 146 -27.08 0.51 2.88
CA LEU E 146 -27.23 1.19 4.17
C LEU E 146 -27.47 0.20 5.29
N GLN E 147 -28.20 -0.87 4.96
CA GLN E 147 -28.52 -1.94 5.90
C GLN E 147 -28.17 -3.30 5.27
N TYR E 148 -27.64 -4.20 6.09
CA TYR E 148 -27.42 -5.59 5.71
C TYR E 148 -27.45 -6.52 6.94
N THR E 149 -27.82 -7.78 6.70
CA THR E 149 -28.00 -8.77 7.75
C THR E 149 -27.14 -9.99 7.48
N VAL E 150 -26.33 -10.38 8.47
CA VAL E 150 -25.45 -11.54 8.36
C VAL E 150 -26.18 -12.75 8.89
N PRO E 151 -26.59 -13.68 8.01
CA PRO E 151 -27.44 -14.72 8.57
C PRO E 151 -26.69 -15.49 9.66
N GLY E 152 -27.43 -15.95 10.67
CA GLY E 152 -26.84 -16.70 11.78
C GLY E 152 -26.22 -17.99 11.28
N GLY E 153 -25.02 -18.29 11.75
CA GLY E 153 -24.30 -19.49 11.34
C GLY E 153 -23.20 -19.20 10.34
N ALA E 154 -23.13 -17.95 9.87
CA ALA E 154 -22.12 -17.57 8.88
C ALA E 154 -20.83 -17.22 9.61
N ILE E 155 -19.70 -17.54 9.00
CA ILE E 155 -18.39 -17.15 9.51
C ILE E 155 -18.06 -15.83 8.87
N PHE E 156 -17.90 -14.78 9.66
CA PHE E 156 -17.77 -13.44 9.12
C PHE E 156 -16.87 -12.49 9.92
N GLY E 157 -16.43 -11.43 9.25
CA GLY E 157 -15.54 -10.42 9.83
C GLY E 157 -15.67 -9.12 9.06
N SER E 158 -15.04 -8.06 9.54
CA SER E 158 -15.21 -6.76 8.94
C SER E 158 -13.90 -6.02 8.84
N SER E 159 -13.78 -5.23 7.77
CA SER E 159 -12.58 -4.42 7.54
C SER E 159 -12.97 -3.07 6.97
N VAL E 160 -12.02 -2.16 7.04
CA VAL E 160 -12.13 -0.85 6.43
C VAL E 160 -10.85 -0.64 5.63
N ALA E 161 -11.01 -0.05 4.45
CA ALA E 161 -9.92 0.11 3.51
C ALA E 161 -8.95 1.14 4.04
N ALA E 162 -7.67 0.88 3.81
CA ALA E 162 -6.60 1.74 4.27
C ALA E 162 -6.45 2.98 3.40
N ASP E 163 -6.98 2.92 2.17
CA ASP E 163 -6.81 4.00 1.21
C ASP E 163 -7.83 3.94 0.07
N GLY E 164 -7.65 4.81 -0.93
CA GLY E 164 -8.57 4.89 -2.06
C GLY E 164 -9.98 5.25 -1.64
N ALA E 165 -10.85 5.42 -2.64
CA ALA E 165 -12.27 5.82 -2.44
C ALA E 165 -13.00 5.23 -1.21
N ASP E 166 -12.68 4.01 -0.82
CA ASP E 166 -13.32 3.39 0.34
C ASP E 166 -12.56 3.61 1.67
N GLY E 167 -11.45 4.33 1.65
CA GLY E 167 -10.62 4.44 2.85
C GLY E 167 -10.08 5.83 3.07
N GLN E 168 -11.00 6.80 3.17
CA GLN E 168 -10.67 8.22 3.26
C GLN E 168 -10.74 8.78 4.68
N ALA E 169 -11.60 8.17 5.49
CA ALA E 169 -11.96 8.69 6.80
C ALA E 169 -11.20 8.03 7.96
N GLY E 170 -10.74 6.80 7.76
CA GLY E 170 -9.92 6.09 8.76
C GLY E 170 -10.70 5.19 9.70
N TYR E 171 -12.01 5.07 9.46
CA TYR E 171 -12.91 4.28 10.30
C TYR E 171 -14.26 4.14 9.62
N SER E 172 -15.07 3.22 10.13
CA SER E 172 -16.49 3.10 9.75
C SER E 172 -17.27 2.82 11.02
N LEU E 173 -18.32 3.60 11.29
CA LEU E 173 -19.14 3.45 12.50
C LEU E 173 -20.52 2.91 12.14
N VAL E 174 -20.95 1.87 12.80
CA VAL E 174 -22.27 1.29 12.54
C VAL E 174 -22.98 0.95 13.84
N SER E 175 -24.26 0.61 13.70
CA SER E 175 -24.98 -0.10 14.71
C SER E 175 -25.18 -1.51 14.22
N CYS E 176 -25.10 -2.45 15.17
CA CYS E 176 -25.43 -3.83 14.93
C CYS E 176 -26.54 -4.24 15.86
N ILE E 177 -27.35 -5.19 15.41
CA ILE E 177 -28.46 -5.69 16.17
C ILE E 177 -28.56 -7.20 15.95
N VAL E 178 -28.43 -7.98 17.03
CA VAL E 178 -28.53 -9.43 16.94
C VAL E 178 -29.89 -9.85 17.46
N SER E 179 -30.66 -10.54 16.63
CA SER E 179 -31.98 -11.04 17.03
C SER E 179 -32.27 -12.48 16.54
N PRO E 180 -32.49 -13.42 17.48
CA PRO E 180 -32.46 -13.29 18.94
C PRO E 180 -31.10 -12.85 19.49
N GLY E 181 -31.12 -12.28 20.70
CA GLY E 181 -30.02 -11.45 21.23
C GLY E 181 -28.64 -12.08 21.34
N PHE E 182 -27.62 -11.23 21.44
CA PHE E 182 -26.23 -11.67 21.59
C PHE E 182 -25.96 -12.22 23.01
N ASP E 183 -25.13 -13.25 23.06
CA ASP E 183 -24.67 -13.82 24.31
C ASP E 183 -23.31 -14.46 24.00
N TYR E 184 -22.30 -14.16 24.81
CA TYR E 184 -20.95 -14.71 24.59
C TYR E 184 -20.89 -16.25 24.63
N ARG E 185 -21.94 -16.92 25.10
CA ARG E 185 -21.94 -18.39 24.98
C ARG E 185 -22.10 -18.83 23.52
N ASP E 186 -22.60 -17.93 22.66
CA ASP E 186 -22.80 -18.18 21.23
C ASP E 186 -21.80 -17.44 20.34
N PHE E 187 -20.63 -17.11 20.88
CA PHE E 187 -19.64 -16.34 20.18
C PHE E 187 -18.45 -17.24 19.98
N GLU E 188 -18.21 -17.66 18.74
CA GLU E 188 -17.09 -18.51 18.41
C GLU E 188 -16.09 -17.68 17.63
N ILE E 189 -14.86 -17.60 18.14
CA ILE E 189 -13.77 -16.92 17.43
C ILE E 189 -12.86 -18.04 16.87
N PHE E 190 -12.39 -17.86 15.64
CA PHE E 190 -11.57 -18.84 14.97
C PHE E 190 -10.12 -18.39 14.84
N THR E 191 -9.28 -19.30 14.35
CA THR E 191 -7.88 -19.04 14.02
C THR E 191 -7.60 -19.59 12.64
N GLN E 192 -6.67 -18.97 11.93
CA GLN E 192 -6.35 -19.37 10.56
C GLN E 192 -6.00 -20.86 10.41
N ALA E 193 -5.18 -21.38 11.32
CA ALA E 193 -4.69 -22.76 11.20
C ALA E 193 -5.81 -23.77 11.34
N GLN E 194 -6.76 -23.46 12.22
CA GLN E 194 -7.99 -24.23 12.44
C GLN E 194 -8.89 -24.19 11.18
N LEU E 195 -9.16 -23.00 10.65
CA LEU E 195 -10.06 -22.80 9.48
C LEU E 195 -9.50 -23.39 8.19
N MET E 196 -8.18 -23.32 8.02
CA MET E 196 -7.51 -23.98 6.90
C MET E 196 -7.72 -25.50 6.81
N GLU E 197 -7.91 -26.15 7.95
CA GLU E 197 -8.26 -27.57 7.99
C GLU E 197 -9.64 -27.86 7.44
N LEU E 198 -10.59 -26.93 7.61
CA LEU E 198 -11.97 -27.19 7.19
C LEU E 198 -12.33 -26.54 5.84
N TYR E 199 -11.90 -25.29 5.63
CA TYR E 199 -12.30 -24.50 4.47
C TYR E 199 -11.09 -23.89 3.73
N PRO E 200 -10.28 -24.73 3.07
CA PRO E 200 -9.09 -24.25 2.39
C PRO E 200 -9.41 -23.50 1.08
N GLN E 201 -10.61 -23.73 0.53
CA GLN E 201 -11.07 -22.96 -0.63
C GLN E 201 -11.23 -21.46 -0.35
N HIS E 202 -11.24 -21.06 0.93
CA HIS E 202 -11.30 -19.65 1.31
C HIS E 202 -10.00 -19.18 1.93
N GLU E 203 -8.88 -19.73 1.47
CA GLU E 203 -7.58 -19.40 2.07
C GLU E 203 -7.35 -17.91 2.14
N ALA E 204 -7.66 -17.23 1.04
CA ALA E 204 -7.43 -15.80 0.90
C ALA E 204 -8.07 -14.98 2.03
N VAL E 205 -9.38 -15.13 2.25
CA VAL E 205 -10.07 -14.34 3.27
C VAL E 205 -9.66 -14.80 4.68
N ILE E 206 -9.42 -16.10 4.84
CA ILE E 206 -8.99 -16.67 6.11
C ILE E 206 -7.66 -16.09 6.57
N LYS E 207 -6.68 -16.05 5.69
CA LYS E 207 -5.37 -15.47 6.05
C LYS E 207 -5.42 -13.94 6.22
N GLN E 208 -6.36 -13.29 5.54
CA GLN E 208 -6.63 -11.87 5.73
C GLN E 208 -7.37 -11.58 7.03
N MET E 209 -8.41 -12.35 7.34
CA MET E 209 -9.38 -11.99 8.39
C MET E 209 -9.37 -12.83 9.67
N ALA E 210 -8.77 -14.02 9.66
CA ALA E 210 -8.70 -14.83 10.88
C ALA E 210 -7.44 -14.51 11.67
N TYR E 211 -7.56 -14.52 13.00
CA TYR E 211 -6.41 -14.40 13.89
C TYR E 211 -5.39 -15.47 13.54
N GLU E 212 -4.11 -15.12 13.60
CA GLU E 212 -3.03 -16.06 13.25
C GLU E 212 -2.38 -16.69 14.49
N ASN F 19 2.67 -27.04 -6.16
CA ASN F 19 1.31 -27.64 -6.00
C ASN F 19 1.24 -29.08 -6.48
N THR F 20 0.55 -29.90 -5.69
CA THR F 20 0.25 -31.29 -6.00
C THR F 20 -1.22 -31.37 -6.37
N ALA F 21 -1.68 -32.55 -6.76
CA ALA F 21 -3.10 -32.78 -7.14
C ALA F 21 -4.06 -32.60 -5.96
N GLU F 22 -3.65 -33.05 -4.77
CA GLU F 22 -4.39 -32.82 -3.52
C GLU F 22 -4.70 -31.33 -3.35
N PHE F 23 -3.70 -30.48 -3.52
CA PHE F 23 -3.86 -29.02 -3.41
C PHE F 23 -5.05 -28.52 -4.22
N TRP F 24 -5.15 -28.96 -5.46
CA TRP F 24 -6.19 -28.46 -6.35
C TRP F 24 -7.54 -29.09 -6.01
N ILE F 25 -7.54 -30.39 -5.73
CA ILE F 25 -8.79 -31.06 -5.38
C ILE F 25 -9.42 -30.36 -4.18
N LYS F 26 -8.61 -30.07 -3.17
CA LYS F 26 -9.07 -29.41 -1.94
C LYS F 26 -9.62 -28.00 -2.22
N ARG F 27 -8.87 -27.21 -2.97
CA ARG F 27 -9.21 -25.80 -3.16
C ARG F 27 -10.24 -25.48 -4.25
N LEU F 28 -10.38 -26.37 -5.23
CA LEU F 28 -11.45 -26.24 -6.22
C LEU F 28 -12.63 -27.16 -5.88
N GLN F 29 -12.50 -27.88 -4.76
CA GLN F 29 -13.51 -28.84 -4.28
C GLN F 29 -13.91 -29.85 -5.34
N LEU F 30 -12.92 -30.44 -6.01
CA LEU F 30 -13.22 -31.36 -7.08
C LEU F 30 -13.63 -32.70 -6.48
N VAL F 31 -14.66 -33.31 -7.07
CA VAL F 31 -15.15 -34.61 -6.64
C VAL F 31 -14.88 -35.62 -7.76
N PRO F 32 -15.10 -36.92 -7.53
CA PRO F 32 -14.91 -37.88 -8.64
C PRO F 32 -15.92 -37.72 -9.78
N HIS F 33 -15.40 -37.77 -11.01
CA HIS F 33 -16.12 -37.55 -12.27
C HIS F 33 -16.50 -38.95 -12.79
N PRO F 34 -17.78 -39.19 -13.14
CA PRO F 34 -18.22 -40.57 -13.45
C PRO F 34 -17.33 -41.37 -14.40
N GLU F 35 -16.96 -40.76 -15.51
CA GLU F 35 -16.04 -41.31 -16.52
C GLU F 35 -14.61 -41.55 -16.02
N GLY F 36 -14.29 -41.03 -14.83
CA GLY F 36 -12.92 -41.01 -14.31
C GLY F 36 -12.45 -39.57 -14.15
N GLY F 37 -11.36 -39.37 -13.42
CA GLY F 37 -10.81 -38.03 -13.18
C GLY F 37 -11.58 -37.29 -12.10
N TYR F 38 -11.23 -36.02 -11.87
CA TYR F 38 -11.92 -35.19 -10.89
C TYR F 38 -12.47 -33.92 -11.53
N TYR F 39 -13.59 -33.43 -11.03
CA TYR F 39 -14.23 -32.26 -11.60
C TYR F 39 -15.07 -31.47 -10.59
N SER F 40 -15.45 -30.25 -10.99
CA SER F 40 -16.43 -29.47 -10.27
C SER F 40 -17.13 -28.50 -11.20
N GLU F 41 -18.46 -28.52 -11.22
CA GLU F 41 -19.26 -27.59 -12.01
C GLU F 41 -19.05 -26.18 -11.49
N VAL F 42 -18.90 -25.23 -12.41
CA VAL F 42 -18.64 -23.84 -12.02
C VAL F 42 -19.86 -22.97 -12.35
N VAL F 43 -20.14 -22.79 -13.65
CA VAL F 43 -21.23 -21.94 -14.09
C VAL F 43 -22.01 -22.61 -15.20
N ARG F 44 -23.30 -22.30 -15.25
CA ARG F 44 -24.21 -22.74 -16.29
C ARG F 44 -24.92 -21.49 -16.80
N SER F 45 -24.91 -21.29 -18.12
CA SER F 45 -25.61 -20.17 -18.73
C SER F 45 -27.05 -20.07 -18.22
N ALA F 46 -27.55 -18.84 -18.09
CA ALA F 46 -28.96 -18.60 -17.79
C ALA F 46 -29.78 -18.67 -19.06
N HIS F 47 -29.23 -18.17 -20.17
CA HIS F 47 -29.92 -18.24 -21.46
C HIS F 47 -29.86 -19.67 -21.95
N LYS F 48 -30.95 -20.12 -22.55
CA LYS F 48 -31.07 -21.45 -23.11
C LYS F 48 -31.23 -21.39 -24.63
N VAL F 49 -30.74 -22.42 -25.31
CA VAL F 49 -30.77 -22.49 -26.77
C VAL F 49 -31.23 -23.89 -27.18
N ASP F 50 -31.42 -24.10 -28.48
CA ASP F 50 -31.58 -25.45 -29.07
C ASP F 50 -30.23 -26.03 -29.41
N ASN F 51 -29.92 -27.22 -28.93
CA ASN F 51 -28.69 -27.87 -29.34
C ASN F 51 -28.79 -28.43 -30.77
N GLU F 52 -27.78 -29.19 -31.19
CA GLU F 52 -27.72 -29.76 -32.55
C GLU F 52 -28.87 -30.73 -32.85
N GLU F 53 -29.36 -31.40 -31.82
CA GLU F 53 -30.38 -32.45 -31.96
C GLU F 53 -31.79 -31.95 -31.58
N GLY F 54 -32.02 -30.64 -31.61
CA GLY F 54 -33.34 -30.04 -31.38
C GLY F 54 -33.74 -29.78 -29.94
N ASN F 55 -32.92 -30.20 -28.99
CA ASN F 55 -33.30 -30.16 -27.57
C ASN F 55 -32.86 -28.89 -26.84
N ARG F 56 -33.67 -28.42 -25.89
CA ARG F 56 -33.33 -27.20 -25.15
C ARG F 56 -32.18 -27.48 -24.20
N ARG F 57 -31.12 -26.71 -24.34
CA ARG F 57 -29.95 -26.79 -23.49
C ARG F 57 -29.49 -25.40 -23.08
N HIS F 58 -28.82 -25.33 -21.94
CA HIS F 58 -28.08 -24.13 -21.55
C HIS F 58 -27.13 -23.74 -22.68
N ALA F 59 -27.05 -22.44 -22.96
CA ALA F 59 -26.16 -21.92 -24.01
C ALA F 59 -24.75 -22.48 -23.88
N TYR F 60 -24.25 -22.55 -22.66
CA TYR F 60 -22.95 -23.13 -22.36
C TYR F 60 -22.95 -23.59 -20.90
N THR F 61 -22.24 -24.68 -20.62
CA THR F 61 -21.90 -25.12 -19.24
C THR F 61 -20.37 -25.09 -19.07
N THR F 62 -19.85 -24.85 -17.86
CA THR F 62 -18.39 -24.97 -17.64
C THR F 62 -18.04 -25.81 -16.42
N ILE F 63 -16.87 -26.46 -16.49
CA ILE F 63 -16.27 -27.18 -15.34
C ILE F 63 -14.77 -26.91 -15.12
N TYR F 64 -14.29 -27.19 -13.93
CA TYR F 64 -12.88 -27.49 -13.73
C TYR F 64 -12.75 -29.00 -13.87
N PHE F 65 -11.59 -29.45 -14.35
CA PHE F 65 -11.34 -30.88 -14.51
C PHE F 65 -9.89 -31.18 -14.17
N LEU F 66 -9.68 -32.17 -13.29
CA LEU F 66 -8.36 -32.60 -12.89
C LEU F 66 -8.14 -34.07 -13.19
N CYS F 67 -7.05 -34.38 -13.89
CA CYS F 67 -6.74 -35.76 -14.29
C CYS F 67 -5.38 -36.22 -13.75
N THR F 68 -5.30 -37.49 -13.34
CA THR F 68 -4.07 -38.07 -12.78
C THR F 68 -3.72 -39.40 -13.48
N PRO F 69 -2.46 -39.85 -13.39
CA PRO F 69 -2.10 -41.09 -14.05
C PRO F 69 -2.98 -42.28 -13.65
N GLU F 70 -3.34 -42.35 -12.37
CA GLU F 70 -4.21 -43.40 -11.82
C GLU F 70 -5.72 -43.18 -12.04
N SER F 71 -6.12 -42.05 -12.62
CA SER F 71 -7.54 -41.77 -12.79
C SER F 71 -7.89 -41.12 -14.12
N PRO F 72 -7.59 -41.81 -15.23
CA PRO F 72 -7.90 -41.23 -16.54
C PRO F 72 -9.39 -41.06 -16.75
N SER F 73 -9.81 -40.45 -17.85
CA SER F 73 -11.22 -40.38 -18.21
C SER F 73 -11.52 -41.18 -19.47
N HIS F 74 -12.47 -42.10 -19.37
CA HIS F 74 -12.66 -43.12 -20.40
C HIS F 74 -13.46 -42.63 -21.60
N LEU F 75 -13.40 -43.38 -22.70
CA LEU F 75 -13.97 -42.93 -23.99
C LEU F 75 -15.47 -42.65 -23.86
N HIS F 76 -15.92 -41.59 -24.52
CA HIS F 76 -17.31 -41.15 -24.46
C HIS F 76 -17.62 -40.16 -25.59
N ARG F 77 -18.89 -39.89 -25.82
CA ARG F 77 -19.28 -38.99 -26.90
C ARG F 77 -20.37 -38.02 -26.43
N LEU F 78 -20.31 -36.79 -26.89
CA LEU F 78 -21.34 -35.77 -26.62
C LEU F 78 -22.04 -35.49 -27.94
N CYS F 79 -23.00 -34.57 -27.97
CA CYS F 79 -23.55 -34.17 -29.27
C CYS F 79 -23.16 -32.72 -29.62
N SER F 80 -22.41 -32.09 -28.72
CA SER F 80 -21.98 -30.71 -28.87
C SER F 80 -20.49 -30.54 -28.53
N ASP F 81 -19.88 -29.49 -29.10
CA ASP F 81 -18.45 -29.24 -28.95
C ASP F 81 -18.03 -29.02 -27.51
N GLU F 82 -16.93 -29.64 -27.10
CA GLU F 82 -16.25 -29.30 -25.85
C GLU F 82 -14.89 -28.63 -26.10
N THR F 83 -14.68 -27.46 -25.51
CA THR F 83 -13.40 -26.76 -25.62
C THR F 83 -12.61 -26.89 -24.32
N TRP F 84 -11.35 -27.31 -24.41
CA TRP F 84 -10.46 -27.52 -23.25
C TRP F 84 -9.37 -26.47 -23.10
N MET F 85 -9.16 -25.95 -21.89
CA MET F 85 -8.15 -24.92 -21.60
C MET F 85 -7.15 -25.33 -20.53
N TYR F 86 -5.86 -25.20 -20.84
CA TYR F 86 -4.77 -25.48 -19.88
C TYR F 86 -4.69 -24.44 -18.76
N HIS F 87 -4.62 -24.93 -17.52
CA HIS F 87 -4.39 -24.09 -16.33
C HIS F 87 -3.07 -24.33 -15.61
N ALA F 88 -2.69 -25.61 -15.46
CA ALA F 88 -1.63 -26.00 -14.52
C ALA F 88 -1.20 -27.46 -14.63
N GLY F 89 0.04 -27.73 -14.24
CA GLY F 89 0.54 -29.12 -14.15
C GLY F 89 1.02 -29.68 -15.49
N ASP F 90 1.08 -31.01 -15.59
CA ASP F 90 1.50 -31.67 -16.84
C ASP F 90 0.50 -31.37 -17.95
N PRO F 91 0.90 -31.61 -19.22
CA PRO F 91 -0.07 -31.55 -20.28
C PRO F 91 -1.13 -32.63 -20.15
N LEU F 92 -2.39 -32.28 -20.42
CA LEU F 92 -3.48 -33.25 -20.45
C LEU F 92 -3.49 -33.94 -21.83
N GLN F 93 -3.43 -35.27 -21.84
CA GLN F 93 -3.43 -36.03 -23.09
C GLN F 93 -4.84 -36.34 -23.55
N LEU F 94 -5.26 -35.70 -24.65
CA LEU F 94 -6.59 -35.92 -25.23
C LEU F 94 -6.56 -36.94 -26.35
N HIS F 95 -7.29 -38.04 -26.18
CA HIS F 95 -7.43 -39.06 -27.20
C HIS F 95 -8.71 -38.84 -27.98
N VAL F 96 -8.59 -38.40 -29.23
CA VAL F 96 -9.74 -37.94 -30.02
C VAL F 96 -9.94 -38.78 -31.28
N ILE F 97 -11.08 -39.47 -31.35
CA ILE F 97 -11.51 -40.18 -32.55
C ILE F 97 -12.61 -39.35 -33.21
N LEU F 98 -12.26 -38.63 -34.27
CA LEU F 98 -13.17 -37.69 -34.94
C LEU F 98 -14.15 -38.39 -35.89
N LYS F 99 -15.42 -38.00 -35.81
CA LYS F 99 -16.50 -38.58 -36.61
C LYS F 99 -16.22 -38.37 -38.12
N ASP F 100 -16.06 -37.11 -38.51
CA ASP F 100 -15.50 -36.74 -39.81
C ASP F 100 -14.34 -35.80 -39.49
N PRO F 101 -13.44 -35.57 -40.47
CA PRO F 101 -12.48 -34.47 -40.30
C PRO F 101 -13.22 -33.14 -40.10
N GLN F 102 -13.62 -32.88 -38.85
CA GLN F 102 -14.51 -31.77 -38.49
C GLN F 102 -13.82 -30.66 -37.69
N ASP F 103 -12.48 -30.71 -37.64
CA ASP F 103 -11.69 -29.63 -37.05
C ASP F 103 -11.71 -28.38 -37.94
N GLU F 104 -11.91 -28.59 -39.24
CA GLU F 104 -11.82 -27.51 -40.23
C GLU F 104 -13.06 -26.61 -40.23
N ASP F 105 -14.22 -27.20 -39.97
CA ASP F 105 -15.50 -26.47 -40.04
C ASP F 105 -15.78 -25.61 -38.80
N ARG F 106 -15.00 -25.80 -37.73
CA ARG F 106 -15.13 -25.02 -36.51
C ARG F 106 -13.83 -24.26 -36.22
N ARG F 125 -19.20 -42.12 -47.30
CA ARG F 125 -18.55 -41.32 -46.26
C ARG F 125 -18.42 -42.12 -44.96
N PRO F 126 -17.37 -42.95 -44.84
CA PRO F 126 -17.11 -43.69 -43.60
C PRO F 126 -16.74 -42.77 -42.44
N LYS F 127 -17.13 -43.15 -41.23
CA LYS F 127 -16.95 -42.31 -40.04
C LYS F 127 -15.84 -42.82 -39.15
N TYR F 128 -15.38 -41.95 -38.24
CA TYR F 128 -14.40 -42.29 -37.21
C TYR F 128 -13.13 -42.97 -37.74
N GLN F 129 -12.67 -42.55 -38.93
CA GLN F 129 -11.45 -43.11 -39.52
C GLN F 129 -10.15 -42.47 -39.03
N VAL F 130 -10.25 -41.34 -38.34
CA VAL F 130 -9.07 -40.53 -38.00
C VAL F 130 -8.93 -40.35 -36.49
N TYR F 131 -7.77 -40.73 -35.96
CA TYR F 131 -7.45 -40.53 -34.55
C TYR F 131 -6.41 -39.42 -34.37
N ARG F 132 -6.57 -38.64 -33.31
CA ARG F 132 -5.63 -37.58 -32.97
C ARG F 132 -5.38 -37.57 -31.47
N ARG F 133 -4.11 -37.52 -31.08
CA ARG F 133 -3.77 -37.27 -29.68
C ARG F 133 -3.37 -35.81 -29.54
N VAL F 134 -4.14 -35.06 -28.78
CA VAL F 134 -3.85 -33.65 -28.54
C VAL F 134 -3.31 -33.49 -27.12
N LEU F 135 -2.17 -32.82 -26.99
CA LEU F 135 -1.66 -32.43 -25.66
C LEU F 135 -2.19 -31.05 -25.34
N VAL F 136 -3.03 -30.93 -24.30
CA VAL F 136 -3.49 -29.62 -23.81
C VAL F 136 -2.49 -29.12 -22.80
N GLY F 137 -1.69 -28.12 -23.17
CA GLY F 137 -0.58 -27.66 -22.30
C GLY F 137 0.09 -26.34 -22.69
N ALA F 138 1.08 -25.91 -21.90
CA ALA F 138 1.67 -24.56 -22.00
C ALA F 138 2.87 -24.43 -22.93
N ARG F 139 3.56 -25.55 -23.17
CA ARG F 139 4.74 -25.55 -24.02
C ARG F 139 4.36 -25.59 -25.50
N VAL F 140 3.88 -24.46 -26.04
CA VAL F 140 3.38 -24.45 -27.44
C VAL F 140 4.46 -24.70 -28.48
N GLU F 141 5.72 -24.53 -28.08
CA GLU F 141 6.86 -24.80 -28.94
C GLU F 141 7.06 -26.29 -29.24
N ARG F 142 6.52 -27.16 -28.37
CA ARG F 142 6.60 -28.61 -28.54
C ARG F 142 5.33 -29.21 -29.14
N GLY F 143 4.42 -28.35 -29.59
CA GLY F 143 3.16 -28.79 -30.19
C GLY F 143 2.02 -28.92 -29.21
N GLU F 144 2.19 -28.46 -27.97
CA GLU F 144 1.10 -28.48 -26.98
C GLU F 144 0.17 -27.30 -27.30
N LEU F 145 -1.08 -27.40 -26.87
CA LEU F 145 -2.10 -26.37 -27.17
C LEU F 145 -2.73 -25.84 -25.88
N LEU F 146 -2.67 -24.54 -25.67
CA LEU F 146 -3.34 -23.90 -24.53
C LEU F 146 -4.84 -24.17 -24.56
N GLN F 147 -5.42 -24.21 -25.75
CA GLN F 147 -6.88 -24.32 -25.95
C GLN F 147 -7.13 -25.28 -27.10
N TYR F 148 -8.11 -26.17 -26.97
CA TYR F 148 -8.45 -27.08 -28.07
C TYR F 148 -9.91 -27.56 -27.94
N THR F 149 -10.62 -27.57 -29.07
CA THR F 149 -12.02 -27.97 -29.12
C THR F 149 -12.22 -29.38 -29.66
N VAL F 150 -12.90 -30.21 -28.88
CA VAL F 150 -13.32 -31.52 -29.31
C VAL F 150 -14.67 -31.37 -30.01
N PRO F 151 -14.74 -31.60 -31.33
CA PRO F 151 -16.01 -31.36 -32.01
C PRO F 151 -17.11 -32.35 -31.60
N GLY F 152 -18.35 -31.88 -31.51
CA GLY F 152 -19.49 -32.73 -31.16
C GLY F 152 -19.51 -33.98 -32.03
N GLY F 153 -19.62 -35.14 -31.40
CA GLY F 153 -19.71 -36.40 -32.13
C GLY F 153 -18.45 -37.23 -32.00
N ALA F 154 -17.32 -36.57 -31.88
CA ALA F 154 -16.05 -37.26 -31.73
C ALA F 154 -16.10 -38.14 -30.50
N ILE F 155 -15.59 -39.38 -30.61
CA ILE F 155 -15.39 -40.23 -29.44
C ILE F 155 -14.01 -39.87 -28.86
N PHE F 156 -13.98 -39.55 -27.58
CA PHE F 156 -12.75 -39.08 -26.94
C PHE F 156 -12.67 -39.44 -25.46
N GLY F 157 -11.47 -39.30 -24.93
CA GLY F 157 -11.19 -39.54 -23.51
C GLY F 157 -9.85 -38.88 -23.20
N SER F 158 -9.49 -38.83 -21.92
CA SER F 158 -8.30 -38.08 -21.51
C SER F 158 -7.43 -38.87 -20.56
N SER F 159 -6.13 -38.56 -20.54
CA SER F 159 -5.16 -39.20 -19.64
C SER F 159 -3.94 -38.31 -19.35
N VAL F 160 -3.11 -38.75 -18.41
CA VAL F 160 -1.89 -38.03 -18.03
C VAL F 160 -0.73 -39.00 -17.84
N ALA F 161 0.43 -38.70 -18.42
CA ALA F 161 1.62 -39.55 -18.33
C ALA F 161 2.03 -39.79 -16.88
N ALA F 162 2.55 -40.99 -16.61
CA ALA F 162 2.99 -41.38 -15.26
C ALA F 162 4.44 -40.97 -15.00
N ASP F 163 5.21 -40.87 -16.08
CA ASP F 163 6.62 -40.50 -15.98
C ASP F 163 7.04 -39.67 -17.21
N GLY F 164 8.31 -39.30 -17.26
CA GLY F 164 8.87 -38.59 -18.39
C GLY F 164 8.58 -37.10 -18.37
N ALA F 165 8.89 -36.44 -19.48
CA ALA F 165 8.76 -34.99 -19.65
C ALA F 165 7.34 -34.49 -19.55
N ASP F 166 6.38 -35.32 -19.95
CA ASP F 166 4.96 -34.99 -19.82
C ASP F 166 4.35 -35.49 -18.50
N GLY F 167 5.19 -35.94 -17.56
CA GLY F 167 4.66 -36.53 -16.31
C GLY F 167 5.56 -36.32 -15.10
N GLN F 168 5.44 -35.14 -14.48
CA GLN F 168 6.25 -34.76 -13.32
C GLN F 168 5.40 -34.17 -12.20
N ALA F 169 4.37 -33.43 -12.55
CA ALA F 169 3.49 -32.79 -11.57
C ALA F 169 2.57 -33.80 -10.88
N GLY F 170 2.18 -34.85 -11.60
CA GLY F 170 1.29 -35.88 -11.05
C GLY F 170 -0.19 -35.62 -11.33
N TYR F 171 -0.46 -34.61 -12.16
CA TYR F 171 -1.83 -34.24 -12.54
C TYR F 171 -1.82 -33.28 -13.72
N SER F 172 -3.00 -33.06 -14.29
CA SER F 172 -3.22 -31.94 -15.21
C SER F 172 -4.53 -31.28 -14.85
N LEU F 173 -4.59 -29.95 -14.92
CA LEU F 173 -5.77 -29.20 -14.49
C LEU F 173 -6.24 -28.26 -15.60
N VAL F 174 -7.52 -28.35 -15.94
CA VAL F 174 -8.06 -27.59 -17.05
C VAL F 174 -9.45 -27.07 -16.69
N SER F 175 -9.92 -26.09 -17.47
CA SER F 175 -11.31 -25.75 -17.51
C SER F 175 -11.82 -26.31 -18.81
N CYS F 176 -13.07 -26.78 -18.79
CA CYS F 176 -13.80 -27.22 -19.98
C CYS F 176 -15.11 -26.46 -20.13
N ILE F 177 -15.53 -26.27 -21.38
CA ILE F 177 -16.78 -25.60 -21.69
C ILE F 177 -17.52 -26.37 -22.77
N VAL F 178 -18.77 -26.76 -22.51
CA VAL F 178 -19.63 -27.40 -23.52
C VAL F 178 -20.67 -26.38 -24.02
N SER F 179 -20.74 -26.20 -25.34
CA SER F 179 -21.64 -25.20 -25.91
C SER F 179 -22.12 -25.66 -27.28
N PRO F 180 -23.44 -25.88 -27.45
CA PRO F 180 -24.51 -25.78 -26.44
C PRO F 180 -24.30 -26.71 -25.24
N GLY F 181 -24.89 -26.38 -24.10
CA GLY F 181 -24.54 -26.98 -22.82
C GLY F 181 -24.62 -28.49 -22.61
N PHE F 182 -23.79 -28.97 -21.69
CA PHE F 182 -23.79 -30.37 -21.24
C PHE F 182 -25.12 -30.75 -20.61
N ASP F 183 -25.54 -31.97 -20.88
CA ASP F 183 -26.68 -32.59 -20.24
C ASP F 183 -26.38 -34.09 -20.27
N TYR F 184 -26.61 -34.76 -19.14
N TYR F 184 -26.59 -34.76 -19.14
CA TYR F 184 -26.32 -36.18 -18.97
CA TYR F 184 -26.28 -36.18 -19.01
C TYR F 184 -27.00 -37.09 -20.01
C TYR F 184 -26.99 -37.11 -20.02
N ARG F 185 -28.10 -36.64 -20.59
CA ARG F 185 -28.83 -37.43 -21.60
C ARG F 185 -28.07 -37.53 -22.93
N ASP F 186 -27.18 -36.57 -23.15
CA ASP F 186 -26.36 -36.52 -24.37
C ASP F 186 -25.06 -37.35 -24.21
N PHE F 187 -24.69 -37.61 -22.96
CA PHE F 187 -23.48 -38.35 -22.59
C PHE F 187 -23.65 -39.81 -22.92
N GLU F 188 -22.78 -40.35 -23.76
CA GLU F 188 -22.76 -41.77 -24.07
C GLU F 188 -21.39 -42.35 -23.76
N ILE F 189 -21.38 -43.37 -22.91
CA ILE F 189 -20.16 -44.04 -22.48
C ILE F 189 -20.01 -45.33 -23.27
N PHE F 190 -18.80 -45.86 -23.33
CA PHE F 190 -18.54 -47.07 -24.12
C PHE F 190 -17.83 -48.18 -23.34
N THR F 191 -17.93 -49.38 -23.89
CA THR F 191 -17.14 -50.51 -23.45
C THR F 191 -16.23 -50.89 -24.62
N GLN F 192 -15.11 -51.54 -24.33
CA GLN F 192 -14.20 -52.02 -25.39
C GLN F 192 -14.94 -52.90 -26.39
N ALA F 193 -15.64 -53.91 -25.88
CA ALA F 193 -16.41 -54.84 -26.73
C ALA F 193 -17.34 -54.07 -27.68
N GLN F 194 -17.97 -53.04 -27.14
CA GLN F 194 -18.88 -52.19 -27.90
C GLN F 194 -18.15 -51.46 -29.05
N LEU F 195 -17.03 -50.81 -28.73
CA LEU F 195 -16.24 -50.09 -29.75
C LEU F 195 -15.47 -51.02 -30.68
N MET F 196 -14.98 -52.16 -30.18
CA MET F 196 -14.20 -53.07 -31.03
C MET F 196 -14.98 -53.59 -32.22
N GLU F 197 -16.27 -53.86 -32.05
CA GLU F 197 -17.12 -54.29 -33.15
C GLU F 197 -17.13 -53.21 -34.23
N LEU F 198 -17.43 -51.98 -33.82
CA LEU F 198 -17.67 -50.90 -34.78
C LEU F 198 -16.39 -50.39 -35.43
N TYR F 199 -15.36 -50.13 -34.62
CA TYR F 199 -14.15 -49.46 -35.10
C TYR F 199 -12.87 -50.19 -34.65
N PRO F 200 -12.67 -51.45 -35.11
CA PRO F 200 -11.52 -52.24 -34.66
C PRO F 200 -10.15 -51.60 -34.96
N GLN F 201 -10.02 -50.91 -36.10
CA GLN F 201 -8.75 -50.31 -36.48
C GLN F 201 -8.07 -49.46 -35.38
N HIS F 202 -8.87 -48.94 -34.44
CA HIS F 202 -8.34 -48.20 -33.27
C HIS F 202 -8.21 -49.08 -32.03
N GLU F 203 -7.90 -50.37 -32.23
CA GLU F 203 -7.86 -51.34 -31.14
C GLU F 203 -7.02 -50.83 -29.96
N ALA F 204 -5.89 -50.21 -30.28
CA ALA F 204 -4.94 -49.74 -29.28
C ALA F 204 -5.54 -48.73 -28.30
N VAL F 205 -6.14 -47.67 -28.82
CA VAL F 205 -6.75 -46.63 -27.96
C VAL F 205 -7.97 -47.15 -27.22
N ILE F 206 -8.76 -47.99 -27.88
CA ILE F 206 -9.94 -48.60 -27.26
C ILE F 206 -9.54 -49.45 -26.05
N LYS F 207 -8.54 -50.31 -26.23
CA LYS F 207 -8.04 -51.15 -25.13
C LYS F 207 -7.31 -50.38 -24.02
N GLN F 208 -6.90 -49.14 -24.31
CA GLN F 208 -6.24 -48.26 -23.33
C GLN F 208 -7.21 -47.31 -22.63
N MET F 209 -8.23 -46.81 -23.33
CA MET F 209 -9.11 -45.74 -22.81
C MET F 209 -10.58 -46.13 -22.58
N ALA F 210 -11.10 -47.12 -23.29
CA ALA F 210 -12.50 -47.53 -23.10
C ALA F 210 -12.59 -48.58 -21.99
N TYR F 211 -13.62 -48.49 -21.17
CA TYR F 211 -13.90 -49.48 -20.11
C TYR F 211 -13.93 -50.90 -20.67
N GLU F 212 -13.56 -51.89 -19.85
CA GLU F 212 -13.72 -53.30 -20.23
C GLU F 212 -15.12 -53.79 -19.86
N ASN G 19 20.15 39.72 9.58
CA ASN G 19 19.09 38.90 8.94
C ASN G 19 17.70 39.48 9.17
N THR G 20 16.82 39.21 8.22
CA THR G 20 15.46 39.78 8.14
C THR G 20 14.45 38.64 8.11
N ALA G 21 13.19 38.96 8.34
CA ALA G 21 12.15 37.91 8.36
C ALA G 21 12.15 37.10 7.07
N GLU G 22 12.30 37.79 5.93
CA GLU G 22 12.25 37.14 4.61
C GLU G 22 13.42 36.19 4.38
N PHE G 23 14.63 36.59 4.78
CA PHE G 23 15.81 35.68 4.86
C PHE G 23 15.46 34.36 5.52
N TRP G 24 14.85 34.43 6.69
CA TRP G 24 14.50 33.21 7.42
C TRP G 24 13.34 32.46 6.78
N ILE G 25 12.33 33.18 6.32
CA ILE G 25 11.16 32.52 5.73
C ILE G 25 11.60 31.70 4.51
N LYS G 26 12.45 32.31 3.67
CA LYS G 26 12.99 31.67 2.46
C LYS G 26 13.84 30.44 2.76
N ARG G 27 14.67 30.55 3.79
CA ARG G 27 15.74 29.59 4.01
C ARG G 27 15.31 28.39 4.84
N LEU G 28 14.41 28.64 5.79
CA LEU G 28 13.78 27.56 6.52
C LEU G 28 12.47 27.11 5.85
N GLN G 29 12.17 27.68 4.68
CA GLN G 29 10.95 27.39 3.91
C GLN G 29 9.69 27.47 4.73
N LEU G 30 9.56 28.55 5.49
CA LEU G 30 8.39 28.74 6.35
C LEU G 30 7.17 29.16 5.51
N VAL G 31 6.01 28.54 5.81
CA VAL G 31 4.72 28.90 5.20
C VAL G 31 3.79 29.49 6.28
N PRO G 32 2.63 30.03 5.89
CA PRO G 32 1.68 30.50 6.91
C PRO G 32 1.12 29.42 7.85
N HIS G 33 0.95 29.78 9.12
CA HIS G 33 0.47 28.90 10.21
C HIS G 33 -0.97 29.36 10.41
N PRO G 34 -1.92 28.40 10.51
CA PRO G 34 -3.35 28.79 10.62
C PRO G 34 -3.66 29.89 11.64
N GLU G 35 -3.06 29.80 12.82
CA GLU G 35 -3.30 30.75 13.92
C GLU G 35 -2.61 32.11 13.73
N GLY G 36 -1.85 32.26 12.65
CA GLY G 36 -1.01 33.44 12.42
C GLY G 36 0.45 33.04 12.48
N GLY G 37 1.34 33.94 12.10
CA GLY G 37 2.78 33.63 12.10
C GLY G 37 3.19 32.73 10.95
N TYR G 38 4.44 32.26 10.97
CA TYR G 38 4.98 31.38 9.93
C TYR G 38 5.74 30.22 10.55
N TYR G 39 5.77 29.09 9.86
CA TYR G 39 6.36 27.86 10.41
C TYR G 39 6.68 26.83 9.34
N SER G 40 7.45 25.82 9.73
CA SER G 40 7.51 24.57 8.98
C SER G 40 7.74 23.40 9.96
N GLU G 41 7.24 22.23 9.61
CA GLU G 41 7.47 21.01 10.41
C GLU G 41 8.88 20.51 10.19
N VAL G 42 9.61 20.23 11.27
CA VAL G 42 10.94 19.72 11.13
C VAL G 42 10.94 18.21 11.27
N VAL G 43 10.71 17.72 12.49
CA VAL G 43 10.77 16.28 12.76
C VAL G 43 9.57 15.81 13.58
N ARG G 44 9.18 14.56 13.33
CA ARG G 44 8.13 13.86 14.07
C ARG G 44 8.72 12.53 14.54
N SER G 45 8.73 12.32 15.86
CA SER G 45 9.21 11.08 16.46
C SER G 45 8.61 9.86 15.81
N ALA G 46 9.42 8.83 15.63
CA ALA G 46 9.00 7.54 15.10
C ALA G 46 8.27 6.74 16.17
N HIS G 47 8.69 6.91 17.43
CA HIS G 47 8.06 6.22 18.56
C HIS G 47 6.78 6.94 18.99
N LYS G 48 5.68 6.19 19.05
CA LYS G 48 4.39 6.71 19.46
C LYS G 48 4.13 6.44 20.95
N VAL G 49 3.43 7.35 21.61
CA VAL G 49 3.10 7.24 23.03
C VAL G 49 1.63 7.61 23.22
N ASP G 50 1.08 7.35 24.40
CA ASP G 50 -0.26 7.81 24.77
C ASP G 50 -0.18 9.22 25.34
N ASN G 51 -0.99 10.14 24.82
CA ASN G 51 -0.95 11.51 25.34
C ASN G 51 -1.82 11.68 26.59
N GLU G 52 -2.02 12.93 27.04
CA GLU G 52 -2.71 13.14 28.32
C GLU G 52 -4.15 12.67 28.32
N GLU G 53 -4.76 12.57 27.14
CA GLU G 53 -6.15 12.16 26.98
C GLU G 53 -6.29 10.73 26.41
N GLY G 54 -5.27 9.90 26.58
CA GLY G 54 -5.35 8.49 26.18
C GLY G 54 -5.15 8.20 24.70
N ASN G 55 -5.02 9.24 23.89
CA ASN G 55 -4.90 9.09 22.44
C ASN G 55 -3.45 8.89 21.98
N ARG G 56 -3.25 8.05 20.96
CA ARG G 56 -1.90 7.78 20.42
C ARG G 56 -1.33 9.00 19.68
N ARG G 57 -0.13 9.40 20.08
CA ARG G 57 0.52 10.55 19.51
C ARG G 57 1.99 10.28 19.36
N HIS G 58 2.65 11.02 18.48
CA HIS G 58 4.10 10.96 18.36
C HIS G 58 4.71 11.38 19.69
N ALA G 59 5.75 10.66 20.13
CA ALA G 59 6.49 11.00 21.36
C ALA G 59 6.75 12.50 21.45
N TYR G 60 7.19 13.08 20.33
CA TYR G 60 7.38 14.52 20.18
C TYR G 60 7.21 14.97 18.71
N THR G 61 6.84 16.22 18.53
CA THR G 61 6.84 16.88 17.23
C THR G 61 7.61 18.18 17.41
N THR G 62 8.52 18.52 16.51
CA THR G 62 9.16 19.86 16.50
C THR G 62 8.77 20.68 15.26
N ILE G 63 8.75 22.01 15.39
CA ILE G 63 8.66 22.92 14.24
C ILE G 63 9.67 24.07 14.34
N TYR G 64 9.89 24.80 13.24
CA TYR G 64 10.41 26.16 13.33
C TYR G 64 9.19 27.05 13.42
N PHE G 65 9.32 28.17 14.13
CA PHE G 65 8.22 29.14 14.21
C PHE G 65 8.79 30.55 14.16
N LEU G 66 8.20 31.36 13.29
CA LEU G 66 8.59 32.72 13.10
C LEU G 66 7.39 33.65 13.25
N CYS G 67 7.53 34.65 14.12
CA CYS G 67 6.47 35.61 14.40
C CYS G 67 6.89 37.04 14.04
N THR G 68 5.97 37.82 13.48
CA THR G 68 6.21 39.21 13.08
C THR G 68 5.12 40.14 13.65
N PRO G 69 5.40 41.45 13.74
CA PRO G 69 4.41 42.36 14.32
C PRO G 69 3.07 42.35 13.59
N GLU G 70 3.09 42.07 12.29
CA GLU G 70 1.88 41.99 11.46
C GLU G 70 1.25 40.60 11.44
N SER G 71 1.90 39.62 12.07
CA SER G 71 1.38 38.26 12.08
C SER G 71 1.57 37.55 13.42
N PRO G 72 0.93 38.06 14.49
CA PRO G 72 0.99 37.38 15.79
C PRO G 72 0.16 36.10 15.78
N SER G 73 0.51 35.16 16.66
CA SER G 73 -0.19 33.89 16.76
C SER G 73 -1.33 33.98 17.76
N HIS G 74 -2.56 33.77 17.30
CA HIS G 74 -3.76 34.03 18.11
C HIS G 74 -4.05 32.95 19.13
N LEU G 75 -4.68 33.34 20.24
CA LEU G 75 -4.89 32.47 21.41
C LEU G 75 -5.47 31.10 21.05
N HIS G 76 -4.87 30.05 21.61
CA HIS G 76 -5.25 28.66 21.33
C HIS G 76 -4.85 27.80 22.52
N ARG G 77 -5.37 26.58 22.58
CA ARG G 77 -5.04 25.66 23.67
C ARG G 77 -4.57 24.33 23.09
N LEU G 78 -3.80 23.57 23.86
CA LEU G 78 -3.40 22.19 23.48
C LEU G 78 -3.60 21.28 24.68
N CYS G 79 -3.33 19.99 24.55
CA CYS G 79 -3.39 19.08 25.69
C CYS G 79 -2.01 18.60 26.11
N SER G 80 -0.97 18.97 25.36
CA SER G 80 0.40 18.59 25.68
C SER G 80 1.27 19.83 25.82
N ASP G 81 2.39 19.70 26.52
CA ASP G 81 3.33 20.81 26.74
C ASP G 81 4.03 21.22 25.47
N GLU G 82 4.21 22.53 25.29
CA GLU G 82 5.02 23.04 24.20
C GLU G 82 6.22 23.80 24.75
N THR G 83 7.41 23.40 24.33
CA THR G 83 8.62 24.04 24.79
C THR G 83 9.16 24.90 23.67
N TRP G 84 9.48 26.14 24.02
CA TRP G 84 9.95 27.17 23.09
C TRP G 84 11.44 27.47 23.31
N MET G 85 12.21 27.44 22.23
CA MET G 85 13.65 27.75 22.24
C MET G 85 14.02 28.94 21.36
N TYR G 86 14.67 29.96 21.95
CA TYR G 86 15.14 31.13 21.21
C TYR G 86 16.29 30.83 20.22
N HIS G 87 16.17 31.36 18.99
CA HIS G 87 17.23 31.23 17.96
C HIS G 87 17.75 32.58 17.50
N ALA G 88 16.85 33.44 17.04
CA ALA G 88 17.23 34.72 16.41
C ALA G 88 16.16 35.82 16.45
N GLY G 89 16.63 37.05 16.27
CA GLY G 89 15.75 38.22 16.14
C GLY G 89 15.35 38.83 17.48
N ASP G 90 14.20 39.50 17.50
CA ASP G 90 13.66 40.06 18.73
C ASP G 90 13.21 38.95 19.67
N PRO G 91 12.93 39.29 20.95
CA PRO G 91 12.31 38.30 21.79
C PRO G 91 10.88 37.99 21.34
N LEU G 92 10.41 36.79 21.64
CA LEU G 92 9.03 36.41 21.35
C LEU G 92 8.22 36.57 22.63
N GLN G 93 7.20 37.43 22.56
CA GLN G 93 6.29 37.63 23.68
C GLN G 93 5.33 36.46 23.73
N LEU G 94 5.44 35.65 24.78
CA LEU G 94 4.47 34.62 25.07
C LEU G 94 3.40 35.16 26.00
N HIS G 95 2.15 35.11 25.56
CA HIS G 95 1.01 35.44 26.42
C HIS G 95 0.40 34.14 26.92
N VAL G 96 0.58 33.85 28.20
CA VAL G 96 0.16 32.54 28.76
C VAL G 96 -0.88 32.69 29.85
N ILE G 97 -2.06 32.13 29.62
CA ILE G 97 -3.11 32.01 30.62
C ILE G 97 -3.08 30.55 31.13
N LEU G 98 -2.58 30.37 32.35
CA LEU G 98 -2.35 29.04 32.92
C LEU G 98 -3.62 28.45 33.52
N LYS G 99 -3.87 27.17 33.24
CA LYS G 99 -5.06 26.45 33.77
C LYS G 99 -5.05 26.47 35.30
N ASP G 100 -4.01 25.89 35.91
CA ASP G 100 -3.67 26.15 37.30
C ASP G 100 -2.22 26.59 37.30
N PRO G 101 -1.70 27.02 38.47
CA PRO G 101 -0.25 27.16 38.61
C PRO G 101 0.47 25.82 38.35
N GLN G 102 0.64 25.50 37.07
CA GLN G 102 1.23 24.22 36.62
C GLN G 102 2.67 24.38 36.10
N ASP G 103 3.34 25.43 36.55
CA ASP G 103 4.76 25.61 36.25
C ASP G 103 5.63 24.86 37.26
N GLU G 104 5.11 24.70 38.48
CA GLU G 104 5.87 24.08 39.56
C GLU G 104 6.05 22.57 39.38
N ASP G 105 5.07 21.94 38.72
CA ASP G 105 5.05 20.48 38.54
C ASP G 105 5.88 20.00 37.34
N ARG G 106 6.40 20.94 36.55
CA ARG G 106 7.18 20.61 35.35
C ARG G 106 8.54 21.30 35.38
N ARG G 125 -10.73 24.90 43.19
CA ARG G 125 -9.58 25.38 42.44
C ARG G 125 -10.00 26.00 41.09
N PRO G 126 -10.41 27.27 41.11
CA PRO G 126 -10.81 27.98 39.88
C PRO G 126 -9.69 28.06 38.85
N LYS G 127 -10.05 27.89 37.57
CA LYS G 127 -9.06 27.69 36.50
C LYS G 127 -8.86 28.92 35.62
N TYR G 128 -7.61 29.15 35.22
CA TYR G 128 -7.22 30.24 34.34
C TYR G 128 -7.20 31.62 35.03
N GLN G 129 -6.92 31.64 36.32
CA GLN G 129 -6.83 32.92 37.06
C GLN G 129 -5.50 33.67 36.85
N VAL G 130 -4.45 32.96 36.42
CA VAL G 130 -3.10 33.54 36.35
C VAL G 130 -2.63 33.77 34.91
N TYR G 131 -2.43 35.04 34.56
CA TYR G 131 -1.83 35.41 33.26
C TYR G 131 -0.35 35.77 33.45
N ARG G 132 0.50 35.19 32.62
CA ARG G 132 1.95 35.51 32.63
C ARG G 132 2.44 35.93 31.26
N ARG G 133 3.22 37.00 31.23
CA ARG G 133 3.83 37.46 30.01
C ARG G 133 5.28 37.05 30.10
N VAL G 134 5.72 36.23 29.14
CA VAL G 134 7.06 35.68 29.17
C VAL G 134 7.75 36.01 27.87
N LEU G 135 8.89 36.70 27.96
CA LEU G 135 9.74 36.98 26.80
C LEU G 135 10.71 35.82 26.56
N VAL G 136 10.69 35.26 25.35
CA VAL G 136 11.66 34.24 24.95
C VAL G 136 12.78 34.88 24.14
N GLY G 137 13.94 35.05 24.77
CA GLY G 137 15.13 35.60 24.11
C GLY G 137 16.42 35.37 24.88
N ALA G 138 17.53 35.91 24.39
CA ALA G 138 18.87 35.64 24.94
C ALA G 138 19.33 36.55 26.07
N ARG G 139 18.56 37.60 26.35
CA ARG G 139 18.93 38.57 27.38
C ARG G 139 18.42 38.15 28.77
N VAL G 140 19.04 37.12 29.33
CA VAL G 140 18.68 36.56 30.65
C VAL G 140 18.80 37.57 31.82
N GLU G 141 19.58 38.62 31.61
CA GLU G 141 19.72 39.70 32.60
C GLU G 141 18.47 40.61 32.66
N ARG G 142 17.80 40.79 31.52
CA ARG G 142 16.60 41.63 31.45
C ARG G 142 15.32 40.85 31.84
N GLY G 143 15.45 39.54 32.05
CA GLY G 143 14.32 38.68 32.40
C GLY G 143 13.91 37.73 31.28
N GLU G 144 14.56 37.83 30.12
CA GLU G 144 14.28 36.95 28.99
C GLU G 144 14.79 35.53 29.28
N LEU G 145 14.14 34.53 28.67
CA LEU G 145 14.46 33.12 28.91
C LEU G 145 14.78 32.44 27.60
N LEU G 146 15.93 31.80 27.53
CA LEU G 146 16.31 31.06 26.33
C LEU G 146 15.34 29.93 26.00
N GLN G 147 14.75 29.35 27.06
CA GLN G 147 13.86 28.18 26.97
C GLN G 147 12.66 28.41 27.89
N TYR G 148 11.48 28.01 27.44
CA TYR G 148 10.31 28.03 28.32
C TYR G 148 9.18 27.13 27.80
N THR G 149 8.55 26.40 28.73
CA THR G 149 7.50 25.45 28.39
C THR G 149 6.13 25.97 28.81
N VAL G 150 5.22 25.97 27.85
CA VAL G 150 3.83 26.33 28.08
C VAL G 150 3.13 25.06 28.51
N PRO G 151 2.67 24.98 29.78
CA PRO G 151 2.10 23.71 30.24
C PRO G 151 0.74 23.41 29.62
N GLY G 152 0.56 22.19 29.12
CA GLY G 152 -0.69 21.77 28.49
C GLY G 152 -1.93 22.16 29.29
N GLY G 153 -2.94 22.62 28.56
CA GLY G 153 -4.15 23.15 29.17
C GLY G 153 -4.23 24.64 29.06
N ALA G 154 -3.07 25.31 29.06
CA ALA G 154 -3.02 26.79 29.05
C ALA G 154 -3.51 27.37 27.73
N ILE G 155 -4.18 28.51 27.82
CA ILE G 155 -4.57 29.28 26.64
C ILE G 155 -3.45 30.28 26.40
N PHE G 156 -2.91 30.29 25.19
CA PHE G 156 -1.77 31.14 24.89
C PHE G 156 -1.65 31.51 23.42
N GLY G 157 -0.95 32.61 23.18
CA GLY G 157 -0.60 33.07 21.83
C GLY G 157 0.72 33.79 21.90
N SER G 158 1.23 34.27 20.77
CA SER G 158 2.54 34.90 20.76
C SER G 158 2.55 36.16 19.91
N SER G 159 3.42 37.10 20.28
CA SER G 159 3.60 38.36 19.53
C SER G 159 5.01 38.97 19.63
N VAL G 160 5.30 39.86 18.69
CA VAL G 160 6.56 40.60 18.64
C VAL G 160 6.25 42.10 18.67
N ALA G 161 7.04 42.84 19.46
CA ALA G 161 6.91 44.28 19.55
C ALA G 161 7.21 44.93 18.20
N ALA G 162 6.51 46.01 17.89
CA ALA G 162 6.73 46.76 16.64
C ALA G 162 7.80 47.83 16.83
N ASP G 163 7.87 48.35 18.05
CA ASP G 163 8.75 49.47 18.39
C ASP G 163 9.65 49.16 19.59
N GLY G 164 10.50 50.12 19.93
CA GLY G 164 11.28 50.08 21.15
C GLY G 164 12.37 49.02 21.17
N ALA G 165 12.88 48.75 22.37
CA ALA G 165 14.09 47.95 22.55
C ALA G 165 13.89 46.46 22.30
N ASP G 166 12.68 45.97 22.50
CA ASP G 166 12.33 44.59 22.18
C ASP G 166 11.80 44.41 20.75
N GLY G 167 11.93 45.42 19.89
CA GLY G 167 11.38 45.33 18.54
C GLY G 167 12.23 45.98 17.46
N GLN G 168 13.46 45.51 17.29
CA GLN G 168 14.35 46.05 16.25
C GLN G 168 14.43 45.14 15.02
N ALA G 169 14.53 43.84 15.23
CA ALA G 169 14.78 42.88 14.12
C ALA G 169 13.63 42.82 13.11
N GLY G 170 12.40 42.81 13.62
CA GLY G 170 11.20 42.77 12.76
C GLY G 170 10.56 41.40 12.74
N TYR G 171 11.05 40.53 13.62
CA TYR G 171 10.56 39.17 13.76
C TYR G 171 11.21 38.50 14.96
N SER G 172 10.78 37.29 15.26
CA SER G 172 11.47 36.43 16.23
C SER G 172 11.48 35.04 15.65
N LEU G 173 12.53 34.29 15.91
CA LEU G 173 12.70 32.96 15.35
C LEU G 173 13.05 31.99 16.47
N VAL G 174 12.20 30.98 16.64
CA VAL G 174 12.33 30.02 17.72
C VAL G 174 12.15 28.60 17.18
N SER G 175 12.50 27.61 18.00
CA SER G 175 12.05 26.26 17.80
C SER G 175 11.05 25.91 18.89
N CYS G 176 9.99 25.21 18.49
CA CYS G 176 8.98 24.71 19.38
C CYS G 176 8.90 23.19 19.31
N ILE G 177 8.77 22.55 20.46
CA ILE G 177 8.60 21.11 20.56
C ILE G 177 7.37 20.76 21.43
N VAL G 178 6.38 20.10 20.84
CA VAL G 178 5.19 19.62 21.55
C VAL G 178 5.39 18.15 21.92
N SER G 179 5.22 17.82 23.20
CA SER G 179 5.45 16.47 23.70
C SER G 179 4.55 16.14 24.89
N PRO G 180 3.66 15.13 24.74
CA PRO G 180 3.48 14.30 23.55
C PRO G 180 3.09 15.11 22.29
N GLY G 181 3.30 14.51 21.13
CA GLY G 181 3.29 15.22 19.87
C GLY G 181 2.01 15.95 19.48
N PHE G 182 2.19 17.07 18.79
CA PHE G 182 1.10 17.85 18.23
C PHE G 182 0.21 17.00 17.31
N ASP G 183 -1.07 17.34 17.29
CA ASP G 183 -2.08 16.72 16.40
C ASP G 183 -3.21 17.74 16.28
N TYR G 184 -3.67 17.99 15.06
N TYR G 184 -3.67 17.99 15.06
CA TYR G 184 -4.65 19.06 14.80
CA TYR G 184 -4.65 19.03 14.76
C TYR G 184 -6.01 18.88 15.50
C TYR G 184 -5.99 18.88 15.51
N ARG G 185 -6.31 17.65 15.91
CA ARG G 185 -7.53 17.38 16.67
C ARG G 185 -7.40 17.85 18.13
N ASP G 186 -6.18 18.07 18.60
CA ASP G 186 -5.92 18.59 19.95
C ASP G 186 -5.87 20.13 19.99
N PHE G 187 -5.84 20.74 18.82
CA PHE G 187 -5.71 22.18 18.66
C PHE G 187 -7.07 22.86 18.77
N GLU G 188 -7.27 23.70 19.77
CA GLU G 188 -8.54 24.42 19.93
C GLU G 188 -8.30 25.92 19.86
N ILE G 189 -8.86 26.55 18.83
CA ILE G 189 -8.79 28.01 18.64
C ILE G 189 -9.98 28.70 19.33
N PHE G 190 -9.84 29.98 19.66
CA PHE G 190 -10.92 30.72 20.31
C PHE G 190 -11.25 32.05 19.61
N THR G 191 -12.39 32.61 19.98
CA THR G 191 -12.79 33.95 19.58
C THR G 191 -12.91 34.78 20.85
N GLN G 192 -12.90 36.10 20.70
CA GLN G 192 -13.01 37.03 21.83
C GLN G 192 -14.26 36.77 22.69
N ALA G 193 -15.43 36.87 22.06
CA ALA G 193 -16.70 36.64 22.77
C ALA G 193 -16.58 35.41 23.67
N GLN G 194 -16.18 34.31 23.03
CA GLN G 194 -16.05 33.00 23.67
C GLN G 194 -15.31 33.06 25.01
N LEU G 195 -14.13 33.68 24.99
CA LEU G 195 -13.30 33.79 26.19
C LEU G 195 -13.83 34.83 27.19
N MET G 196 -14.61 35.79 26.71
CA MET G 196 -15.27 36.75 27.61
C MET G 196 -16.40 36.10 28.44
N GLU G 197 -17.09 35.12 27.86
CA GLU G 197 -18.16 34.42 28.60
C GLU G 197 -17.64 33.51 29.72
N LEU G 198 -16.35 33.15 29.64
CA LEU G 198 -15.73 32.23 30.60
C LEU G 198 -14.70 32.92 31.50
N TYR G 199 -13.75 33.65 30.90
CA TYR G 199 -12.60 34.18 31.64
C TYR G 199 -12.35 35.68 31.45
N PRO G 200 -13.42 36.49 31.56
CA PRO G 200 -13.33 37.91 31.15
C PRO G 200 -12.39 38.80 31.97
N GLN G 201 -11.98 38.35 33.15
CA GLN G 201 -10.95 39.06 33.91
C GLN G 201 -9.65 39.31 33.11
N HIS G 202 -9.50 38.61 31.99
CA HIS G 202 -8.37 38.79 31.08
C HIS G 202 -8.78 39.53 29.79
N GLU G 203 -9.76 40.42 29.89
CA GLU G 203 -10.29 41.15 28.73
C GLU G 203 -9.20 41.84 27.88
N ALA G 204 -8.16 42.35 28.52
CA ALA G 204 -7.10 43.08 27.82
C ALA G 204 -6.31 42.19 26.85
N VAL G 205 -5.80 41.05 27.33
CA VAL G 205 -5.07 40.12 26.45
C VAL G 205 -5.99 39.46 25.41
N ILE G 206 -7.24 39.18 25.80
CA ILE G 206 -8.23 38.58 24.91
C ILE G 206 -8.51 39.47 23.70
N LYS G 207 -8.85 40.73 23.96
CA LYS G 207 -9.08 41.69 22.88
C LYS G 207 -7.85 41.93 22.00
N GLN G 208 -6.66 41.80 22.58
CA GLN G 208 -5.39 41.90 21.85
C GLN G 208 -5.07 40.68 21.00
N MET G 209 -5.25 39.48 21.57
CA MET G 209 -4.71 38.24 20.98
C MET G 209 -5.75 37.22 20.43
N ALA G 210 -6.99 37.28 20.89
CA ALA G 210 -8.03 36.35 20.42
C ALA G 210 -8.63 36.85 19.11
N TYR G 211 -9.08 35.91 18.26
CA TYR G 211 -9.77 36.25 17.01
C TYR G 211 -11.14 36.86 17.29
N GLU G 212 -11.61 37.69 16.36
CA GLU G 212 -12.96 38.24 16.40
C GLU G 212 -13.89 37.43 15.51
N GLN H 18 43.49 -8.01 3.00
CA GLN H 18 43.08 -8.30 4.40
C GLN H 18 41.61 -8.67 4.46
N ASN H 19 40.82 -8.02 3.60
CA ASN H 19 39.40 -8.38 3.46
C ASN H 19 39.29 -9.71 2.74
N THR H 20 38.27 -10.46 3.13
CA THR H 20 38.14 -11.87 2.78
C THR H 20 36.77 -12.04 2.12
N ALA H 21 36.54 -13.15 1.43
CA ALA H 21 35.24 -13.40 0.81
C ALA H 21 34.09 -13.26 1.82
N GLU H 22 34.27 -13.76 3.04
CA GLU H 22 33.23 -13.73 4.08
C GLU H 22 32.97 -12.29 4.60
N PHE H 23 33.97 -11.41 4.55
CA PHE H 23 33.80 -10.00 4.96
C PHE H 23 32.70 -9.39 4.11
N TRP H 24 32.86 -9.52 2.79
CA TRP H 24 31.95 -8.93 1.82
C TRP H 24 30.58 -9.58 1.87
N ILE H 25 30.55 -10.91 1.80
CA ILE H 25 29.27 -11.64 1.76
C ILE H 25 28.41 -11.17 2.92
N LYS H 26 29.05 -10.94 4.05
CA LYS H 26 28.35 -10.51 5.25
C LYS H 26 27.91 -9.04 5.11
N ARG H 27 28.82 -8.20 4.64
CA ARG H 27 28.55 -6.76 4.69
C ARG H 27 27.63 -6.26 3.60
N LEU H 28 27.72 -6.86 2.43
CA LEU H 28 26.77 -6.56 1.34
C LEU H 28 25.48 -7.41 1.36
N GLN H 29 25.35 -8.30 2.35
CA GLN H 29 24.19 -9.24 2.45
C GLN H 29 23.97 -10.08 1.20
N LEU H 30 25.03 -10.70 0.70
CA LEU H 30 24.99 -11.43 -0.57
C LEU H 30 24.51 -12.85 -0.33
N VAL H 31 23.83 -13.43 -1.32
CA VAL H 31 23.32 -14.80 -1.26
C VAL H 31 23.82 -15.59 -2.47
N PRO H 32 23.72 -16.92 -2.45
CA PRO H 32 24.16 -17.66 -3.65
C PRO H 32 23.28 -17.40 -4.89
N HIS H 33 23.94 -17.11 -6.02
CA HIS H 33 23.27 -16.90 -7.30
C HIS H 33 23.06 -18.27 -7.95
N PRO H 34 21.90 -18.49 -8.61
CA PRO H 34 21.59 -19.78 -9.26
C PRO H 34 22.67 -20.34 -10.21
N GLU H 35 23.29 -19.45 -10.99
CA GLU H 35 24.28 -19.84 -12.02
C GLU H 35 25.65 -20.13 -11.40
N GLY H 36 25.85 -19.69 -10.15
CA GLY H 36 27.16 -19.74 -9.49
C GLY H 36 27.57 -18.37 -8.99
N GLY H 37 28.47 -18.35 -8.01
CA GLY H 37 28.91 -17.10 -7.38
C GLY H 37 27.98 -16.63 -6.27
N TYR H 38 28.11 -15.39 -5.86
CA TYR H 38 27.22 -14.80 -4.86
C TYR H 38 26.83 -13.43 -5.37
N TYR H 39 25.61 -13.01 -5.06
CA TYR H 39 25.11 -11.73 -5.54
C TYR H 39 24.15 -11.02 -4.60
N SER H 40 23.66 -9.86 -5.04
CA SER H 40 22.53 -9.18 -4.41
C SER H 40 22.03 -8.08 -5.35
N GLU H 41 20.73 -8.05 -5.61
CA GLU H 41 20.15 -6.98 -6.40
C GLU H 41 20.36 -5.68 -5.66
N VAL H 42 20.58 -4.59 -6.41
CA VAL H 42 20.81 -3.29 -5.82
C VAL H 42 19.68 -2.37 -6.28
N VAL H 43 19.66 -1.97 -7.54
CA VAL H 43 18.62 -1.06 -8.05
C VAL H 43 18.06 -1.50 -9.39
N ARG H 44 16.83 -1.08 -9.65
CA ARG H 44 16.12 -1.33 -10.90
C ARG H 44 15.48 -0.03 -11.34
N SER H 45 15.59 0.27 -12.63
CA SER H 45 15.12 1.54 -13.18
C SER H 45 13.63 1.73 -13.03
N ALA H 46 13.23 2.91 -12.61
CA ALA H 46 11.81 3.29 -12.63
C ALA H 46 11.25 3.25 -14.06
N HIS H 47 12.02 3.80 -15.00
CA HIS H 47 11.61 3.92 -16.39
C HIS H 47 11.71 2.58 -17.11
N LYS H 48 10.77 2.33 -18.02
CA LYS H 48 10.77 1.08 -18.81
C LYS H 48 10.99 1.33 -20.29
N VAL H 49 11.58 0.34 -20.96
CA VAL H 49 11.99 0.45 -22.34
C VAL H 49 11.71 -0.87 -23.05
N ASP H 50 11.61 -0.85 -24.37
CA ASP H 50 11.58 -2.05 -25.19
C ASP H 50 13.00 -2.54 -25.34
N ASN H 51 13.20 -3.86 -25.25
CA ASN H 51 14.53 -4.43 -25.41
C ASN H 51 14.78 -4.92 -26.83
N GLU H 52 15.86 -5.65 -27.06
CA GLU H 52 16.26 -6.06 -28.41
C GLU H 52 15.29 -7.07 -29.07
N GLU H 53 14.41 -7.68 -28.27
CA GLU H 53 13.39 -8.62 -28.76
C GLU H 53 11.96 -8.05 -28.75
N GLY H 54 11.79 -6.78 -28.36
CA GLY H 54 10.49 -6.14 -28.33
C GLY H 54 9.70 -6.31 -27.02
N ASN H 55 10.33 -6.90 -26.00
CA ASN H 55 9.72 -7.10 -24.69
C ASN H 55 9.95 -5.89 -23.78
N ARG H 56 9.02 -5.64 -22.86
CA ARG H 56 9.17 -4.52 -21.93
C ARG H 56 10.11 -4.88 -20.80
N ARG H 57 11.13 -4.05 -20.59
CA ARG H 57 12.11 -4.26 -19.55
C ARG H 57 12.36 -2.95 -18.84
N HIS H 58 12.91 -3.01 -17.63
CA HIS H 58 13.49 -1.83 -16.99
C HIS H 58 14.64 -1.31 -17.84
N ALA H 59 14.85 0.01 -17.78
CA ALA H 59 15.98 0.66 -18.47
C ALA H 59 17.31 -0.04 -18.18
N TYR H 60 17.52 -0.39 -16.91
CA TYR H 60 18.72 -1.10 -16.46
C TYR H 60 18.39 -1.80 -15.15
N THR H 61 19.11 -2.88 -14.84
CA THR H 61 19.14 -3.46 -13.48
C THR H 61 20.59 -3.58 -13.04
N THR H 62 20.85 -3.49 -11.73
CA THR H 62 22.23 -3.62 -11.21
C THR H 62 22.32 -4.61 -10.05
N ILE H 63 23.48 -5.28 -9.95
CA ILE H 63 23.80 -6.16 -8.84
C ILE H 63 25.23 -5.99 -8.35
N TYR H 64 25.46 -6.43 -7.12
CA TYR H 64 26.78 -6.80 -6.68
C TYR H 64 26.98 -8.28 -7.04
N PHE H 65 28.17 -8.61 -7.50
CA PHE H 65 28.52 -9.98 -7.80
C PHE H 65 29.88 -10.29 -7.16
N LEU H 66 29.94 -11.38 -6.39
CA LEU H 66 31.19 -11.88 -5.82
C LEU H 66 31.44 -13.31 -6.30
N CYS H 67 32.62 -13.51 -6.86
CA CYS H 67 33.06 -14.81 -7.34
C CYS H 67 34.22 -15.32 -6.46
N THR H 68 34.30 -16.64 -6.32
CA THR H 68 35.38 -17.29 -5.59
C THR H 68 35.80 -18.52 -6.41
N PRO H 69 37.00 -19.08 -6.14
CA PRO H 69 37.47 -20.19 -6.99
C PRO H 69 36.65 -21.47 -6.87
N GLU H 70 35.96 -21.67 -5.75
CA GLU H 70 35.09 -22.83 -5.55
C GLU H 70 33.69 -22.62 -6.14
N SER H 71 33.36 -21.38 -6.46
CA SER H 71 32.03 -21.02 -6.95
C SER H 71 32.13 -20.07 -8.13
N PRO H 72 32.51 -20.60 -9.30
CA PRO H 72 32.49 -19.81 -10.53
C PRO H 72 31.09 -19.75 -11.17
N SER H 73 30.89 -18.82 -12.10
CA SER H 73 29.66 -18.75 -12.86
C SER H 73 29.75 -19.60 -14.12
N HIS H 74 28.68 -20.31 -14.45
CA HIS H 74 28.67 -21.16 -15.63
C HIS H 74 28.30 -20.39 -16.89
N LEU H 75 28.38 -21.05 -18.05
CA LEU H 75 28.15 -20.36 -19.33
C LEU H 75 26.68 -20.04 -19.56
N HIS H 76 26.38 -18.82 -19.98
CA HIS H 76 25.01 -18.41 -20.24
C HIS H 76 24.97 -17.30 -21.29
N ARG H 77 23.79 -16.78 -21.59
CA ARG H 77 23.63 -15.81 -22.65
C ARG H 77 22.42 -14.94 -22.41
N LEU H 78 22.63 -13.63 -22.38
CA LEU H 78 21.56 -12.65 -22.26
C LEU H 78 21.13 -12.27 -23.68
N CYS H 79 20.17 -11.35 -23.80
CA CYS H 79 19.93 -10.67 -25.08
C CYS H 79 20.20 -9.17 -25.01
N SER H 80 20.70 -8.69 -23.87
CA SER H 80 21.12 -7.31 -23.68
C SER H 80 22.57 -7.27 -23.26
N ASP H 81 23.22 -6.12 -23.42
CA ASP H 81 24.58 -5.96 -22.97
C ASP H 81 24.61 -6.01 -21.43
N GLU H 82 25.66 -6.64 -20.88
CA GLU H 82 25.95 -6.57 -19.44
C GLU H 82 27.32 -5.94 -19.19
N THR H 83 27.38 -4.95 -18.32
CA THR H 83 28.64 -4.28 -18.03
C THR H 83 29.18 -4.64 -16.63
N TRP H 84 30.47 -4.97 -16.56
CA TRP H 84 31.15 -5.34 -15.30
C TRP H 84 32.12 -4.27 -14.82
N MET H 85 32.06 -3.92 -13.53
CA MET H 85 32.90 -2.89 -12.93
C MET H 85 33.66 -3.45 -11.76
N TYR H 86 34.99 -3.30 -11.73
CA TYR H 86 35.80 -3.85 -10.62
C TYR H 86 35.74 -3.01 -9.33
N HIS H 87 35.62 -3.69 -8.19
CA HIS H 87 35.56 -3.04 -6.86
C HIS H 87 36.69 -3.48 -5.93
N ALA H 88 36.84 -4.78 -5.74
CA ALA H 88 37.81 -5.30 -4.78
C ALA H 88 38.16 -6.77 -5.00
N GLY H 89 39.30 -7.18 -4.45
CA GLY H 89 39.77 -8.56 -4.52
C GLY H 89 40.62 -8.86 -5.75
N ASP H 90 40.71 -10.14 -6.09
CA ASP H 90 41.42 -10.59 -7.28
C ASP H 90 40.72 -10.08 -8.54
N PRO H 91 41.43 -10.10 -9.69
CA PRO H 91 40.73 -9.77 -10.92
C PRO H 91 39.75 -10.88 -11.27
N LEU H 92 38.62 -10.49 -11.81
CA LEU H 92 37.59 -11.40 -12.27
C LEU H 92 37.90 -11.81 -13.70
N GLN H 93 37.88 -13.11 -13.96
N GLN H 93 37.87 -13.10 -13.96
CA GLN H 93 38.18 -13.62 -15.28
CA GLN H 93 38.16 -13.65 -15.27
C GLN H 93 36.85 -13.88 -16.00
C GLN H 93 36.84 -13.88 -15.99
N LEU H 94 36.65 -13.18 -17.11
CA LEU H 94 35.45 -13.33 -17.93
C LEU H 94 35.77 -14.17 -19.16
N HIS H 95 35.02 -15.24 -19.36
CA HIS H 95 35.24 -16.07 -20.54
C HIS H 95 34.10 -15.79 -21.52
N VAL H 96 34.43 -15.15 -22.65
CA VAL H 96 33.42 -14.62 -23.57
C VAL H 96 33.48 -15.28 -24.94
N ILE H 97 32.37 -15.89 -25.38
CA ILE H 97 32.25 -16.33 -26.76
C ILE H 97 31.29 -15.39 -27.49
N LEU H 98 31.86 -14.46 -28.26
CA LEU H 98 31.09 -13.45 -29.02
C LEU H 98 30.29 -14.06 -30.18
N LYS H 99 29.09 -13.55 -30.41
CA LYS H 99 28.24 -14.00 -31.53
C LYS H 99 28.85 -13.57 -32.87
N ASP H 100 29.00 -12.26 -33.05
CA ASP H 100 29.87 -11.70 -34.09
C ASP H 100 30.85 -10.82 -33.33
N PRO H 101 32.04 -10.55 -33.90
CA PRO H 101 32.92 -9.52 -33.32
C PRO H 101 32.21 -8.17 -33.10
N GLN H 102 31.33 -8.16 -32.09
CA GLN H 102 30.35 -7.08 -31.83
C GLN H 102 30.80 -6.13 -30.73
N ASP H 103 32.07 -6.18 -30.38
CA ASP H 103 32.63 -5.22 -29.43
C ASP H 103 32.63 -3.83 -30.07
N GLU H 104 32.70 -3.78 -31.40
CA GLU H 104 32.90 -2.52 -32.13
C GLU H 104 31.62 -1.69 -32.29
N ASP H 105 30.47 -2.37 -32.30
CA ASP H 105 29.16 -1.70 -32.37
C ASP H 105 28.80 -0.96 -31.07
N ARG H 106 29.43 -1.36 -29.97
CA ARG H 106 29.17 -0.80 -28.64
C ARG H 106 30.40 -0.08 -28.11
N ARG H 125 28.38 -15.30 -42.60
CA ARG H 125 29.04 -14.83 -41.38
C ARG H 125 28.80 -15.82 -40.22
N PRO H 126 29.65 -16.86 -40.10
CA PRO H 126 29.57 -17.85 -39.02
C PRO H 126 29.64 -17.22 -37.65
N LYS H 127 28.93 -17.80 -36.68
CA LYS H 127 28.75 -17.19 -35.38
C LYS H 127 29.46 -17.97 -34.26
N TYR H 128 29.76 -17.27 -33.16
CA TYR H 128 30.43 -17.84 -32.00
C TYR H 128 31.79 -18.46 -32.29
N GLN H 129 32.56 -17.78 -33.14
CA GLN H 129 33.91 -18.22 -33.52
C GLN H 129 35.04 -17.62 -32.65
N VAL H 130 34.82 -16.42 -32.13
CA VAL H 130 35.87 -15.70 -31.44
C VAL H 130 35.68 -15.76 -29.95
N TYR H 131 36.66 -16.30 -29.26
CA TYR H 131 36.67 -16.34 -27.81
C TYR H 131 37.52 -15.19 -27.26
N ARG H 132 37.07 -14.59 -26.15
CA ARG H 132 37.83 -13.54 -25.48
C ARG H 132 37.94 -13.86 -23.99
N ARG H 133 39.14 -13.69 -23.41
CA ARG H 133 39.27 -13.71 -21.96
C ARG H 133 39.57 -12.32 -21.46
N VAL H 134 38.69 -11.77 -20.64
CA VAL H 134 38.87 -10.44 -20.08
C VAL H 134 39.13 -10.54 -18.58
N LEU H 135 40.17 -9.86 -18.11
CA LEU H 135 40.41 -9.75 -16.69
C LEU H 135 39.85 -8.41 -16.24
N VAL H 136 38.82 -8.44 -15.39
CA VAL H 136 38.26 -7.22 -14.83
C VAL H 136 38.97 -6.95 -13.51
N GLY H 137 39.86 -5.97 -13.52
CA GLY H 137 40.68 -5.63 -12.37
C GLY H 137 41.26 -4.24 -12.45
N ALA H 138 42.06 -3.88 -11.46
CA ALA H 138 42.59 -2.52 -11.33
C ALA H 138 44.00 -2.35 -11.90
N ARG H 139 44.69 -3.46 -12.15
CA ARG H 139 46.05 -3.37 -12.69
C ARG H 139 46.03 -3.20 -14.20
N VAL H 140 45.73 -1.99 -14.65
CA VAL H 140 45.62 -1.68 -16.10
C VAL H 140 46.93 -1.85 -16.91
N GLU H 141 48.07 -1.76 -16.22
CA GLU H 141 49.37 -2.09 -16.79
C GLU H 141 49.47 -3.55 -17.27
N ARG H 142 48.79 -4.47 -16.59
CA ARG H 142 48.82 -5.91 -16.90
C ARG H 142 47.75 -6.38 -17.88
N GLY H 143 46.99 -5.44 -18.45
CA GLY H 143 45.93 -5.77 -19.41
C GLY H 143 44.55 -5.90 -18.78
N GLU H 144 44.48 -5.68 -17.47
CA GLU H 144 43.23 -5.73 -16.73
C GLU H 144 42.36 -4.50 -16.99
N LEU H 145 41.04 -4.71 -17.02
CA LEU H 145 40.11 -3.64 -17.37
C LEU H 145 39.16 -3.34 -16.21
N LEU H 146 39.10 -2.09 -15.80
CA LEU H 146 38.28 -1.67 -14.68
C LEU H 146 36.83 -1.87 -15.01
N GLN H 147 36.52 -1.72 -16.29
CA GLN H 147 35.17 -1.88 -16.79
C GLN H 147 35.25 -2.62 -18.11
N TYR H 148 34.20 -3.39 -18.43
CA TYR H 148 34.11 -4.16 -19.66
C TYR H 148 32.66 -4.67 -19.82
N THR H 149 32.21 -4.73 -21.08
CA THR H 149 30.83 -4.97 -21.43
C THR H 149 30.74 -6.18 -22.32
N VAL H 150 29.99 -7.17 -21.84
CA VAL H 150 29.74 -8.37 -22.59
C VAL H 150 28.56 -8.07 -23.50
N PRO H 151 28.77 -8.06 -24.82
CA PRO H 151 27.67 -7.69 -25.68
C PRO H 151 26.55 -8.71 -25.59
N GLY H 152 25.32 -8.24 -25.75
CA GLY H 152 24.17 -9.13 -25.77
C GLY H 152 24.32 -10.19 -26.84
N GLY H 153 24.12 -11.44 -26.46
CA GLY H 153 24.12 -12.55 -27.41
C GLY H 153 25.43 -13.33 -27.37
N ALA H 154 26.34 -12.88 -26.52
CA ALA H 154 27.54 -13.63 -26.23
C ALA H 154 27.16 -14.76 -25.28
N ILE H 155 27.81 -15.90 -25.46
CA ILE H 155 27.81 -16.94 -24.46
C ILE H 155 28.98 -16.59 -23.56
N PHE H 156 28.74 -16.47 -22.25
CA PHE H 156 29.83 -16.07 -21.34
C PHE H 156 29.74 -16.63 -19.93
N GLY H 157 30.86 -16.55 -19.23
CA GLY H 157 30.91 -16.90 -17.82
C GLY H 157 32.12 -16.30 -17.15
N SER H 158 32.21 -16.45 -15.83
CA SER H 158 33.26 -15.80 -15.06
C SER H 158 33.84 -16.74 -14.01
N SER H 159 35.06 -16.42 -13.57
CA SER H 159 35.75 -17.21 -12.54
C SER H 159 36.92 -16.43 -11.92
N VAL H 160 37.53 -17.04 -10.91
CA VAL H 160 38.67 -16.48 -10.21
C VAL H 160 39.70 -17.58 -10.01
N ALA H 161 40.97 -17.25 -10.21
CA ALA H 161 42.06 -18.20 -10.01
C ALA H 161 42.16 -18.58 -8.55
N ALA H 162 42.73 -19.76 -8.30
CA ALA H 162 42.90 -20.30 -6.95
C ALA H 162 44.30 -20.06 -6.39
N ASP H 163 45.22 -19.62 -7.23
CA ASP H 163 46.62 -19.44 -6.83
C ASP H 163 47.33 -18.42 -7.72
N GLY H 164 48.63 -18.22 -7.46
CA GLY H 164 49.46 -17.34 -8.27
C GLY H 164 49.11 -15.87 -8.11
N ALA H 165 49.48 -15.08 -9.13
CA ALA H 165 49.37 -13.62 -9.10
C ALA H 165 47.94 -13.12 -9.09
N ASP H 166 47.07 -13.79 -9.85
CA ASP H 166 45.67 -13.38 -9.93
C ASP H 166 44.74 -14.03 -8.89
N GLY H 167 45.31 -14.80 -7.96
CA GLY H 167 44.53 -15.48 -6.93
C GLY H 167 45.18 -15.46 -5.57
N GLN H 168 45.04 -14.35 -4.84
CA GLN H 168 45.67 -14.19 -3.54
C GLN H 168 44.68 -13.94 -2.40
N ALA H 169 43.57 -13.26 -2.71
CA ALA H 169 42.59 -12.84 -1.71
C ALA H 169 41.41 -13.80 -1.61
N GLY H 170 41.33 -14.75 -2.53
CA GLY H 170 40.30 -15.78 -2.48
C GLY H 170 38.93 -15.37 -2.97
N TYR H 171 38.82 -14.26 -3.71
CA TYR H 171 37.53 -13.78 -4.24
C TYR H 171 37.69 -12.65 -5.26
N SER H 172 36.61 -12.31 -5.94
CA SER H 172 36.56 -11.11 -6.79
C SER H 172 35.23 -10.40 -6.63
N LEU H 173 35.27 -9.10 -6.35
CA LEU H 173 34.05 -8.32 -6.12
C LEU H 173 33.89 -7.25 -7.19
N VAL H 174 32.69 -7.22 -7.77
CA VAL H 174 32.32 -6.32 -8.86
C VAL H 174 30.84 -5.90 -8.74
N SER H 175 30.44 -4.92 -9.54
CA SER H 175 29.04 -4.62 -9.83
C SER H 175 28.72 -5.01 -11.27
N CYS H 176 27.52 -5.55 -11.51
CA CYS H 176 27.08 -5.77 -12.87
C CYS H 176 25.83 -4.95 -13.18
N ILE H 177 25.76 -4.45 -14.41
CA ILE H 177 24.62 -3.69 -14.88
C ILE H 177 24.19 -4.27 -16.21
N VAL H 178 22.94 -4.72 -16.29
CA VAL H 178 22.32 -5.19 -17.54
C VAL H 178 21.37 -4.11 -18.06
N SER H 179 21.56 -3.70 -19.32
CA SER H 179 20.77 -2.63 -19.91
C SER H 179 20.57 -2.82 -21.43
N PRO H 180 19.31 -2.94 -21.91
CA PRO H 180 18.05 -3.00 -21.18
C PRO H 180 18.01 -4.10 -20.13
N GLY H 181 17.06 -3.97 -19.21
CA GLY H 181 17.08 -4.67 -17.93
C GLY H 181 17.10 -6.17 -17.97
N PHE H 182 17.67 -6.75 -16.92
CA PHE H 182 17.69 -8.21 -16.73
C PHE H 182 16.32 -8.75 -16.41
N ASP H 183 16.02 -9.87 -17.04
CA ASP H 183 14.83 -10.65 -16.75
C ASP H 183 15.24 -12.12 -16.91
N TYR H 184 14.95 -12.94 -15.90
CA TYR H 184 15.39 -14.33 -15.91
C TYR H 184 14.93 -15.04 -17.17
N ARG H 185 13.78 -14.64 -17.70
CA ARG H 185 13.25 -15.24 -18.92
C ARG H 185 14.17 -15.06 -20.12
N ASP H 186 15.07 -14.07 -20.06
CA ASP H 186 16.08 -13.84 -21.13
C ASP H 186 17.43 -14.51 -20.83
N PHE H 187 17.59 -14.95 -19.59
CA PHE H 187 18.78 -15.66 -19.14
C PHE H 187 18.71 -17.12 -19.58
N GLU H 188 19.49 -17.46 -20.59
CA GLU H 188 19.58 -18.83 -21.10
C GLU H 188 20.83 -19.51 -20.57
N ILE H 189 20.67 -20.73 -20.06
CA ILE H 189 21.75 -21.50 -19.47
C ILE H 189 21.96 -22.77 -20.33
N PHE H 190 23.17 -23.34 -20.29
CA PHE H 190 23.56 -24.42 -21.19
C PHE H 190 24.19 -25.61 -20.45
N THR H 191 24.06 -26.80 -21.04
CA THR H 191 24.86 -27.96 -20.65
C THR H 191 26.07 -28.14 -21.58
N GLN H 192 27.03 -28.95 -21.17
CA GLN H 192 28.19 -29.20 -22.01
C GLN H 192 27.78 -29.80 -23.35
N ALA H 193 27.00 -30.88 -23.29
CA ALA H 193 26.57 -31.57 -24.51
C ALA H 193 25.89 -30.59 -25.46
N GLN H 194 25.03 -29.77 -24.90
CA GLN H 194 24.24 -28.83 -25.70
C GLN H 194 25.14 -27.95 -26.55
N LEU H 195 26.15 -27.34 -25.92
CA LEU H 195 27.12 -26.48 -26.62
C LEU H 195 28.17 -27.24 -27.44
N MET H 196 28.47 -28.49 -27.10
CA MET H 196 29.42 -29.27 -27.90
C MET H 196 28.89 -29.55 -29.31
N GLU H 197 27.59 -29.81 -29.41
CA GLU H 197 26.98 -30.12 -30.70
C GLU H 197 26.95 -28.89 -31.62
N LEU H 198 26.75 -27.70 -31.06
CA LEU H 198 26.74 -26.47 -31.86
C LEU H 198 28.14 -25.90 -32.10
N TYR H 199 28.94 -25.79 -31.04
CA TYR H 199 30.19 -25.04 -31.07
C TYR H 199 31.37 -25.84 -30.50
N PRO H 200 31.72 -26.96 -31.17
CA PRO H 200 32.78 -27.83 -30.63
C PRO H 200 34.19 -27.23 -30.68
N GLN H 201 34.42 -26.26 -31.57
CA GLN H 201 35.72 -25.57 -31.62
C GLN H 201 36.13 -24.96 -30.26
N HIS H 202 35.15 -24.57 -29.45
CA HIS H 202 35.40 -24.05 -28.10
C HIS H 202 35.30 -25.13 -27.02
N GLU H 203 35.67 -26.36 -27.37
CA GLU H 203 35.52 -27.50 -26.47
C GLU H 203 36.07 -27.27 -25.07
N ALA H 204 37.22 -26.61 -24.97
CA ALA H 204 37.93 -26.47 -23.70
C ALA H 204 37.19 -25.60 -22.67
N VAL H 205 36.70 -24.42 -23.07
CA VAL H 205 35.95 -23.58 -22.12
C VAL H 205 34.57 -24.19 -21.84
N ILE H 206 33.99 -24.85 -22.85
CA ILE H 206 32.73 -25.60 -22.68
C ILE H 206 32.81 -26.65 -21.57
N LYS H 207 33.83 -27.51 -21.60
CA LYS H 207 34.03 -28.54 -20.58
C LYS H 207 34.45 -27.98 -19.21
N GLN H 208 35.02 -26.79 -19.22
CA GLN H 208 35.47 -26.12 -17.99
C GLN H 208 34.33 -25.36 -17.31
N MET H 209 33.59 -24.56 -18.09
CA MET H 209 32.67 -23.54 -17.56
C MET H 209 31.18 -23.85 -17.73
N ALA H 210 30.84 -24.94 -18.42
CA ALA H 210 29.43 -25.30 -18.60
C ALA H 210 29.01 -26.48 -17.70
N TYR H 211 27.72 -26.51 -17.35
CA TYR H 211 27.16 -27.53 -16.48
C TYR H 211 27.23 -28.93 -17.11
N GLU H 212 27.51 -29.94 -16.30
CA GLU H 212 27.33 -31.33 -16.71
C GLU H 212 25.88 -31.75 -16.50
#